data_7MDY
#
_entry.id   7MDY
#
_cell.length_a   1.00
_cell.length_b   1.00
_cell.length_c   1.00
_cell.angle_alpha   90.00
_cell.angle_beta   90.00
_cell.angle_gamma   90.00
#
_symmetry.space_group_name_H-M   'P 1'
#
loop_
_entity.id
_entity.type
_entity.pdbx_description
1 polymer 'Lipoprotein transporter subunit LolE'
2 polymer 'Lipo-releasing system transmembrane protein lolC'
3 polymer 'Lipoprotein-releasing system ATP-binding protein LolD'
4 non-polymer 'ADP ORTHOVANADATE'
5 non-polymer 'MAGNESIUM ION'
#
loop_
_entity_poly.entity_id
_entity_poly.type
_entity_poly.pdbx_seq_one_letter_code
_entity_poly.pdbx_strand_id
1 'polypeptide(L)'
;MAMPLSLLIGLRFSRGRRRGGMVSLISVISTIGIALGVAVLIVGLSAMNGFERELNNRILAVVPHGEIEAVDQPWTNWQE
ALDHVQKVPGIAAAAPYINFTGLVESGANLRAIQVKGVNPQQEQRLSALPSFVQGDAWRNFKAGEQQIIIGKGVADALKV
KQGDWVSIMIPNSNPEHKLMQPKRVRLHVAGILQLSGQLDHSFAMIPLADAQQYLDMGSSVSGIALKMTDVFNANKLVRD
AGEVTNSYVYIKSWIGTYGYMYRDIQMIRAIMYLAMVLVIGVACFNIVSTLVMAVKDKSGDIAVLRTLGAKDGLIRAIFV
WYGLLAGLFGSLCGVIIGVVVSLQLTPIIEWIEKLIGHQFLSSDIYFIDFLPSELHWLDVFYVLVTALLLSLLASWYPAR
RASNIDPARVLSGQ
;
B
2 'polypeptide(L)'
;MYQPVALFIGLRYMRGRAADRFGRFVSWLSTIGITLGVMALVTVLSVMNGFERELQNNILGLMPQAILSSEHGSLNPQQL
PETAVKLDGVNRVAPITTGDVVLQSARSVAVGVMLGIDPAQKDPLTPYLVNVKQTDLEPGKYNVILGEQLASQLGVNRGD
QIRVMVPSASQFTPMGRIPSQRLFNVIGTFAANSEVDGYEMLVNIEDASRLMRYPAGNITGWRLWLDEPLKVDSLSQQKL
PEGSKWQDWRDRKGELFQAVRMEKNMMGLLLSLIVAVAAFNIITSLGLMVMEKQGEVAILQTQGLTPRQIMMVFMVQGAS
AGIIGAILGAALGALLASQLNNLMPIIGVLLDGAALPVAIEPLQVIVIALVAMAIALLSTLYPSWRAAATQPAEALRYE
;
A
3 'polypeptide(L)'
;KILLQCDNLCKRYQEGSVQTDVLHNVSFSVGEGEMMAIVGSSGSGKSTLLHLLGGLDTPTSGDVIFNGQPMSKLSSAAKA
ELRNQKLGFIYQFHHLLPDFTALENVAMPLLIGKKKPAEINSRALEMLKAVGLDHRANHRPSELSGGERQRVAIARALVN
NPRLVLADEPTGNLDARNADSIFQLLGELNRLQGTAFLVVTHDLQLAKRMSRQLEMRDGRLTAELSMGRLTAELSM
;
D,C
#
loop_
_chem_comp.id
_chem_comp.type
_chem_comp.name
_chem_comp.formula
AOV non-polymer 'ADP ORTHOVANADATE' 'C10 H17 N5 O14 P2 V'
MG non-polymer 'MAGNESIUM ION' 'Mg 2'
#
# COMPACT_ATOMS: atom_id res chain seq x y z
N PRO A 4 -32.87 -14.00 -0.36
CA PRO A 4 -31.98 -14.31 0.77
C PRO A 4 -31.70 -13.09 1.64
N LEU A 5 -31.91 -13.24 2.94
CA LEU A 5 -31.77 -12.11 3.86
C LEU A 5 -30.35 -11.57 3.87
N SER A 6 -29.35 -12.47 3.94
CA SER A 6 -27.97 -12.03 4.07
C SER A 6 -27.55 -11.17 2.89
N LEU A 7 -27.90 -11.59 1.67
CA LEU A 7 -27.51 -10.83 0.49
C LEU A 7 -28.13 -9.45 0.49
N LEU A 8 -29.40 -9.36 0.87
CA LEU A 8 -30.08 -8.06 0.90
C LEU A 8 -29.40 -7.12 1.88
N ILE A 9 -29.10 -7.61 3.09
CA ILE A 9 -28.46 -6.78 4.09
C ILE A 9 -27.08 -6.35 3.63
N GLY A 10 -26.32 -7.27 3.03
CA GLY A 10 -25.00 -6.92 2.55
C GLY A 10 -25.05 -5.85 1.46
N LEU A 11 -25.97 -6.01 0.51
CA LEU A 11 -26.11 -5.03 -0.55
C LEU A 11 -26.50 -3.67 0.00
N ARG A 12 -27.44 -3.65 0.96
CA ARG A 12 -27.86 -2.38 1.54
C ARG A 12 -26.72 -1.72 2.32
N PHE A 13 -25.92 -2.51 3.03
CA PHE A 13 -24.76 -1.96 3.73
C PHE A 13 -23.77 -1.39 2.73
N SER A 14 -23.58 -2.05 1.60
CA SER A 14 -22.67 -1.57 0.57
C SER A 14 -23.28 -0.43 -0.27
N ARG A 15 -24.42 0.10 0.15
CA ARG A 15 -25.08 1.18 -0.57
C ARG A 15 -24.63 2.53 0.00
N GLY A 16 -24.91 3.58 -0.76
CA GLY A 16 -24.45 4.91 -0.39
C GLY A 16 -25.25 5.51 0.75
N ARG A 17 -24.73 6.64 1.25
CA ARG A 17 -25.37 7.36 2.33
C ARG A 17 -26.52 8.23 1.88
N ARG A 18 -26.63 8.48 0.57
CA ARG A 18 -27.66 9.35 0.02
C ARG A 18 -28.28 8.69 -1.20
N ARG A 19 -29.51 9.08 -1.49
CA ARG A 19 -30.21 8.55 -2.66
C ARG A 19 -29.52 9.02 -3.94
N GLY A 20 -29.76 8.29 -5.02
CA GLY A 20 -29.11 8.54 -6.28
C GLY A 20 -28.04 7.51 -6.58
N GLY A 21 -26.78 7.87 -6.41
CA GLY A 21 -25.69 6.92 -6.57
C GLY A 21 -25.86 5.72 -5.66
N MET A 22 -25.78 4.53 -6.24
CA MET A 22 -26.00 3.28 -5.50
C MET A 22 -24.71 2.68 -4.98
N VAL A 23 -23.62 3.44 -4.94
CA VAL A 23 -22.33 2.96 -4.48
C VAL A 23 -21.81 3.90 -3.39
N SER A 24 -21.37 3.34 -2.28
CA SER A 24 -20.76 4.12 -1.22
C SER A 24 -19.31 4.44 -1.58
N LEU A 25 -18.80 5.49 -0.95
CA LEU A 25 -17.41 5.90 -1.20
C LEU A 25 -16.43 4.81 -0.77
N ILE A 26 -16.67 4.20 0.39
CA ILE A 26 -15.72 3.24 0.93
C ILE A 26 -15.67 1.99 0.06
N SER A 27 -16.83 1.52 -0.40
CA SER A 27 -16.87 0.29 -1.21
C SER A 27 -16.14 0.48 -2.53
N VAL A 28 -16.40 1.59 -3.22
CA VAL A 28 -15.71 1.87 -4.47
C VAL A 28 -14.22 1.99 -4.23
N ILE A 29 -13.84 2.60 -3.13
CA ILE A 29 -12.42 2.78 -2.82
C ILE A 29 -11.74 1.43 -2.61
N SER A 30 -12.39 0.55 -1.84
CA SER A 30 -11.82 -0.78 -1.62
C SER A 30 -11.72 -1.55 -2.93
N THR A 31 -12.74 -1.43 -3.78
CA THR A 31 -12.70 -2.07 -5.09
C THR A 31 -11.51 -1.59 -5.90
N ILE A 32 -11.30 -0.27 -5.95
CA ILE A 32 -10.20 0.29 -6.73
C ILE A 32 -8.87 -0.19 -6.17
N GLY A 33 -8.74 -0.21 -4.85
CA GLY A 33 -7.50 -0.68 -4.24
C GLY A 33 -7.21 -2.13 -4.59
N ILE A 34 -8.23 -2.99 -4.49
CA ILE A 34 -8.03 -4.40 -4.82
C ILE A 34 -7.63 -4.56 -6.28
N ALA A 35 -8.31 -3.83 -7.17
CA ALA A 35 -7.99 -3.93 -8.59
C ALA A 35 -6.55 -3.49 -8.86
N LEU A 36 -6.13 -2.38 -8.25
CA LEU A 36 -4.77 -1.90 -8.44
C LEU A 36 -3.76 -2.91 -7.93
N GLY A 37 -4.00 -3.47 -6.75
CA GLY A 37 -3.09 -4.46 -6.21
C GLY A 37 -2.97 -5.68 -7.12
N VAL A 38 -4.11 -6.18 -7.61
CA VAL A 38 -4.08 -7.33 -8.49
C VAL A 38 -3.32 -7.01 -9.77
N ALA A 39 -3.57 -5.82 -10.34
CA ALA A 39 -2.90 -5.45 -11.59
C ALA A 39 -1.39 -5.36 -11.40
N VAL A 40 -0.94 -4.71 -10.32
CA VAL A 40 0.50 -4.56 -10.12
C VAL A 40 1.13 -5.91 -9.85
N LEU A 41 0.45 -6.78 -9.09
CA LEU A 41 0.99 -8.11 -8.85
C LEU A 41 1.12 -8.88 -10.16
N ILE A 42 0.11 -8.80 -11.03
CA ILE A 42 0.16 -9.50 -12.30
C ILE A 42 1.33 -9.00 -13.14
N VAL A 43 1.48 -7.68 -13.22
CA VAL A 43 2.56 -7.12 -14.03
C VAL A 43 3.91 -7.55 -13.50
N GLY A 44 4.09 -7.46 -12.18
CA GLY A 44 5.37 -7.84 -11.61
C GLY A 44 5.70 -9.30 -11.82
N LEU A 45 4.72 -10.18 -11.60
CA LEU A 45 4.95 -11.61 -11.79
C LEU A 45 5.23 -11.91 -13.25
N SER A 46 4.54 -11.25 -14.17
CA SER A 46 4.79 -11.49 -15.60
C SER A 46 6.21 -11.08 -15.98
N ALA A 47 6.65 -9.90 -15.51
CA ALA A 47 8.01 -9.46 -15.80
C ALA A 47 9.03 -10.41 -15.20
N MET A 48 8.79 -10.84 -13.95
CA MET A 48 9.71 -11.76 -13.29
C MET A 48 9.82 -13.07 -14.07
N ASN A 49 8.69 -13.65 -14.48
CA ASN A 49 8.73 -14.88 -15.24
C ASN A 49 9.43 -14.68 -16.57
N GLY A 50 9.16 -13.57 -17.24
CA GLY A 50 9.86 -13.27 -18.47
C GLY A 50 11.35 -13.17 -18.28
N PHE A 51 11.80 -12.77 -17.08
CA PHE A 51 13.23 -12.73 -16.81
C PHE A 51 13.86 -14.10 -17.03
N GLU A 52 13.32 -15.14 -16.39
CA GLU A 52 13.85 -16.48 -16.59
C GLU A 52 13.57 -16.98 -18.01
N ARG A 53 12.46 -16.55 -18.61
CA ARG A 53 12.17 -16.95 -19.98
C ARG A 53 13.26 -16.49 -20.93
N GLU A 54 13.76 -15.26 -20.74
CA GLU A 54 14.75 -14.69 -21.63
C GLU A 54 16.18 -15.04 -21.23
N LEU A 55 16.43 -15.30 -19.95
CA LEU A 55 17.79 -15.53 -19.50
C LEU A 55 18.42 -16.72 -20.21
N ASN A 56 17.74 -17.87 -20.18
CA ASN A 56 18.21 -19.03 -20.94
C ASN A 56 17.57 -19.09 -22.32
N ASN A 57 17.56 -17.95 -23.02
CA ASN A 57 17.12 -17.92 -24.41
C ASN A 57 18.00 -17.10 -25.33
N ARG A 58 18.67 -16.06 -24.85
CA ARG A 58 19.47 -15.20 -25.70
C ARG A 58 20.80 -14.76 -25.09
N ILE A 59 21.08 -15.13 -23.84
CA ILE A 59 22.34 -14.76 -23.20
C ILE A 59 23.05 -15.94 -22.57
N LEU A 60 22.37 -17.06 -22.33
CA LEU A 60 22.99 -18.24 -21.72
C LEU A 60 23.06 -19.43 -22.65
N ALA A 61 22.09 -19.59 -23.55
CA ALA A 61 22.11 -20.72 -24.47
C ALA A 61 23.33 -20.67 -25.39
N VAL A 62 23.73 -19.46 -25.80
CA VAL A 62 24.88 -19.34 -26.70
C VAL A 62 26.13 -19.89 -26.04
N VAL A 63 26.36 -19.57 -24.78
CA VAL A 63 27.55 -20.06 -24.08
C VAL A 63 27.36 -21.55 -23.78
N PRO A 64 28.39 -22.38 -23.95
CA PRO A 64 28.22 -23.80 -23.60
C PRO A 64 27.90 -23.98 -22.12
N HIS A 65 27.03 -24.95 -21.84
CA HIS A 65 26.64 -25.22 -20.46
C HIS A 65 27.61 -26.12 -19.72
N GLY A 66 28.60 -26.68 -20.40
CA GLY A 66 29.53 -27.58 -19.75
C GLY A 66 30.57 -28.06 -20.72
N GLU A 67 31.43 -28.95 -20.22
CA GLU A 67 32.54 -29.47 -21.00
C GLU A 67 33.06 -30.74 -20.33
N ILE A 68 33.55 -31.67 -21.16
CA ILE A 68 34.07 -32.94 -20.69
C ILE A 68 35.48 -33.16 -21.24
N GLU A 69 36.19 -32.06 -21.50
CA GLU A 69 37.54 -32.18 -22.04
C GLU A 69 38.45 -32.90 -21.04
N ALA A 70 39.31 -33.76 -21.57
CA ALA A 70 40.25 -34.52 -20.76
C ALA A 70 41.60 -34.57 -21.48
N VAL A 71 42.57 -35.22 -20.83
CA VAL A 71 43.91 -35.35 -21.39
C VAL A 71 44.12 -36.69 -22.11
N ASP A 72 43.08 -37.51 -22.21
CA ASP A 72 43.16 -38.79 -22.90
C ASP A 72 41.83 -39.03 -23.60
N GLN A 73 41.77 -38.68 -24.89
CA GLN A 73 40.55 -38.78 -25.67
C GLN A 73 40.30 -40.20 -26.16
N PRO A 74 41.30 -40.89 -26.73
CA PRO A 74 41.02 -42.18 -27.37
C PRO A 74 40.51 -43.25 -26.41
N TRP A 75 39.25 -43.63 -26.59
CA TRP A 75 38.64 -44.74 -25.87
C TRP A 75 38.36 -44.43 -24.40
N THR A 76 38.78 -43.25 -23.93
CA THR A 76 38.43 -42.79 -22.60
C THR A 76 37.35 -41.72 -22.65
N ASN A 77 37.56 -40.66 -23.44
CA ASN A 77 36.53 -39.70 -23.77
C ASN A 77 35.96 -39.93 -25.17
N TRP A 78 36.45 -40.93 -25.89
CA TRP A 78 36.05 -41.20 -27.26
C TRP A 78 35.84 -42.69 -27.49
N GLN A 79 35.17 -43.36 -26.55
CA GLN A 79 34.86 -44.76 -26.76
C GLN A 79 33.81 -44.89 -27.86
N GLU A 80 34.11 -45.72 -28.86
CA GLU A 80 33.27 -45.86 -30.05
C GLU A 80 33.14 -44.45 -30.65
N ALA A 81 31.95 -43.99 -31.01
CA ALA A 81 31.81 -42.65 -31.56
C ALA A 81 32.06 -41.59 -30.49
N LEU A 82 31.41 -41.74 -29.33
CA LEU A 82 31.49 -40.75 -28.26
C LEU A 82 31.12 -41.43 -26.96
N ASP A 83 31.37 -40.72 -25.86
CA ASP A 83 30.84 -41.16 -24.57
C ASP A 83 29.33 -41.12 -24.61
N HIS A 84 28.70 -42.23 -24.23
CA HIS A 84 27.24 -42.35 -24.27
C HIS A 84 26.63 -41.65 -23.06
N VAL A 85 26.85 -40.34 -22.99
CA VAL A 85 26.31 -39.52 -21.91
C VAL A 85 24.81 -39.31 -22.04
N GLN A 86 24.21 -39.75 -23.15
CA GLN A 86 22.77 -39.61 -23.32
C GLN A 86 21.99 -40.50 -22.36
N LYS A 87 22.64 -41.43 -21.67
CA LYS A 87 21.94 -42.33 -20.76
C LYS A 87 21.24 -41.55 -19.65
N VAL A 88 21.93 -40.60 -19.05
CA VAL A 88 21.30 -39.78 -18.01
C VAL A 88 20.23 -38.91 -18.64
N PRO A 89 19.07 -38.73 -18.00
CA PRO A 89 17.99 -37.93 -18.61
C PRO A 89 18.16 -36.44 -18.47
N GLY A 90 19.21 -35.97 -17.80
CA GLY A 90 19.38 -34.53 -17.62
C GLY A 90 19.49 -33.79 -18.94
N ILE A 91 20.16 -34.39 -19.92
CA ILE A 91 20.41 -33.77 -21.21
C ILE A 91 20.14 -34.78 -22.31
N ALA A 92 19.97 -34.26 -23.54
CA ALA A 92 19.65 -35.12 -24.67
C ALA A 92 20.40 -34.74 -25.95
N ALA A 93 21.48 -33.95 -25.84
CA ALA A 93 22.26 -33.59 -27.02
C ALA A 93 23.68 -33.25 -26.54
N ALA A 94 24.61 -34.17 -26.75
CA ALA A 94 25.99 -33.97 -26.32
C ALA A 94 26.86 -33.39 -27.44
N ALA A 95 26.97 -34.12 -28.55
CA ALA A 95 27.76 -33.69 -29.70
C ALA A 95 29.23 -33.52 -29.33
N PRO A 96 30.14 -33.61 -30.30
CA PRO A 96 31.56 -33.39 -30.01
C PRO A 96 31.90 -31.89 -30.07
N TYR A 97 33.17 -31.59 -29.84
CA TYR A 97 33.60 -30.19 -29.76
C TYR A 97 35.12 -30.15 -29.91
N ILE A 98 35.60 -29.40 -30.90
CA ILE A 98 37.02 -29.21 -31.14
C ILE A 98 37.28 -27.71 -31.22
N ASN A 99 38.32 -27.25 -30.53
CA ASN A 99 38.67 -25.84 -30.46
C ASN A 99 40.15 -25.65 -30.71
N PHE A 100 40.48 -24.64 -31.52
CA PHE A 100 41.86 -24.23 -31.72
C PHE A 100 41.86 -22.80 -32.24
N THR A 101 43.03 -22.16 -32.19
CA THR A 101 43.17 -20.76 -32.53
C THR A 101 43.74 -20.59 -33.93
N GLY A 102 43.62 -19.38 -34.45
CA GLY A 102 44.11 -19.07 -35.79
C GLY A 102 44.00 -17.59 -36.06
N LEU A 103 44.46 -17.21 -37.25
CA LEU A 103 44.44 -15.82 -37.69
C LEU A 103 43.79 -15.73 -39.06
N VAL A 104 43.28 -14.54 -39.37
CA VAL A 104 42.63 -14.25 -40.65
C VAL A 104 43.56 -13.37 -41.46
N GLU A 105 43.82 -13.78 -42.70
CA GLU A 105 44.73 -13.06 -43.60
C GLU A 105 43.91 -12.56 -44.79
N SER A 106 43.60 -11.26 -44.78
CA SER A 106 42.84 -10.66 -45.88
C SER A 106 43.34 -9.26 -46.24
N GLY A 107 44.56 -8.90 -45.85
CA GLY A 107 45.07 -7.57 -46.14
C GLY A 107 44.21 -6.49 -45.51
N ALA A 108 43.85 -6.67 -44.25
CA ALA A 108 42.96 -5.76 -43.55
C ALA A 108 43.36 -5.77 -42.07
N ASN A 109 42.46 -5.30 -41.21
CA ASN A 109 42.71 -5.29 -39.78
C ASN A 109 42.72 -6.73 -39.27
N LEU A 110 43.91 -7.30 -39.11
CA LEU A 110 44.03 -8.68 -38.68
C LEU A 110 43.48 -8.86 -37.28
N ARG A 111 42.75 -9.96 -37.08
CA ARG A 111 42.16 -10.28 -35.80
C ARG A 111 42.49 -11.74 -35.44
N ALA A 112 42.46 -12.03 -34.15
CA ALA A 112 42.71 -13.36 -33.64
C ALA A 112 41.38 -14.04 -33.32
N ILE A 113 41.18 -15.23 -33.88
CA ILE A 113 39.92 -15.96 -33.77
C ILE A 113 40.21 -17.32 -33.15
N GLN A 114 39.42 -17.69 -32.14
CA GLN A 114 39.43 -19.04 -31.59
C GLN A 114 38.29 -19.78 -32.28
N VAL A 115 38.63 -20.62 -33.26
CA VAL A 115 37.63 -21.21 -34.14
C VAL A 115 36.97 -22.40 -33.46
N LYS A 116 35.84 -22.84 -34.01
CA LYS A 116 35.04 -23.90 -33.42
C LYS A 116 34.63 -24.89 -34.49
N GLY A 117 34.53 -26.16 -34.09
CA GLY A 117 34.09 -27.21 -34.99
C GLY A 117 32.66 -27.61 -34.70
N VAL A 118 31.84 -27.62 -35.74
CA VAL A 118 30.42 -27.91 -35.64
C VAL A 118 30.03 -28.88 -36.73
N ASN A 119 29.15 -29.83 -36.39
CA ASN A 119 28.71 -30.86 -37.32
C ASN A 119 27.49 -30.37 -38.10
N PRO A 120 27.51 -30.42 -39.43
CA PRO A 120 26.31 -30.05 -40.20
C PRO A 120 25.14 -30.96 -39.88
N GLN A 121 23.93 -30.42 -40.05
CA GLN A 121 22.71 -31.12 -39.65
C GLN A 121 22.78 -31.48 -38.17
N GLN A 122 23.33 -30.56 -37.38
CA GLN A 122 23.61 -30.76 -35.97
C GLN A 122 24.07 -29.40 -35.45
N GLU A 123 24.29 -29.33 -34.14
CA GLU A 123 24.67 -28.11 -33.42
C GLU A 123 23.45 -27.23 -33.17
N GLN A 124 22.27 -27.62 -33.65
CA GLN A 124 21.03 -26.93 -33.31
C GLN A 124 20.36 -27.55 -32.09
N ARG A 125 20.55 -28.84 -31.87
CA ARG A 125 20.10 -29.49 -30.65
C ARG A 125 21.02 -29.19 -29.48
N LEU A 126 22.19 -28.59 -29.73
CA LEU A 126 23.21 -28.38 -28.71
C LEU A 126 23.09 -27.01 -28.06
N SER A 127 23.21 -25.95 -28.87
CA SER A 127 23.20 -24.57 -28.38
C SER A 127 22.28 -23.74 -29.26
N ALA A 128 22.12 -22.47 -28.88
CA ALA A 128 21.24 -21.55 -29.57
C ALA A 128 21.99 -20.64 -30.54
N LEU A 129 23.28 -20.86 -30.75
CA LEU A 129 24.02 -20.04 -31.70
C LEU A 129 23.35 -20.00 -33.07
N PRO A 130 22.90 -21.13 -33.64
CA PRO A 130 22.10 -21.04 -34.87
C PRO A 130 20.93 -20.11 -34.68
N SER A 131 20.94 -18.98 -35.40
CA SER A 131 19.97 -17.92 -35.21
C SER A 131 19.45 -17.44 -36.56
N PHE A 132 18.31 -16.75 -36.51
CA PHE A 132 17.71 -16.20 -37.72
C PHE A 132 18.71 -15.28 -38.42
N VAL A 133 18.85 -15.48 -39.73
CA VAL A 133 19.77 -14.67 -40.54
C VAL A 133 19.40 -14.87 -42.00
N GLN A 134 19.80 -13.91 -42.83
CA GLN A 134 19.48 -13.98 -44.26
C GLN A 134 20.00 -15.26 -44.89
N GLY A 135 21.13 -15.77 -44.40
CA GLY A 135 21.70 -16.99 -44.95
C GLY A 135 20.95 -18.23 -44.53
N ASP A 136 19.68 -18.33 -44.93
CA ASP A 136 18.88 -19.49 -44.58
C ASP A 136 19.41 -20.73 -45.27
N ALA A 137 19.14 -21.89 -44.66
CA ALA A 137 19.62 -23.18 -45.17
C ALA A 137 21.14 -23.23 -45.22
N TRP A 138 21.78 -22.45 -44.35
CA TRP A 138 23.25 -22.40 -44.35
C TRP A 138 23.85 -23.76 -44.01
N ARG A 139 23.25 -24.46 -43.05
CA ARG A 139 23.78 -25.77 -42.65
C ARG A 139 23.86 -26.71 -43.83
N ASN A 140 22.85 -26.68 -44.71
CA ASN A 140 22.86 -27.54 -45.89
C ASN A 140 24.08 -27.29 -46.76
N PHE A 141 24.61 -26.07 -46.75
CA PHE A 141 25.81 -25.73 -47.50
C PHE A 141 27.10 -25.99 -46.73
N LYS A 142 27.00 -26.39 -45.46
CA LYS A 142 28.18 -26.67 -44.64
C LYS A 142 28.56 -28.14 -44.84
N ALA A 143 29.66 -28.36 -45.56
CA ALA A 143 30.17 -29.70 -45.80
C ALA A 143 31.47 -29.59 -46.58
N GLY A 144 32.27 -30.65 -46.53
CA GLY A 144 33.51 -30.72 -47.28
C GLY A 144 34.70 -30.08 -46.61
N GLU A 145 34.52 -29.46 -45.44
CA GLU A 145 35.59 -28.81 -44.69
C GLU A 145 36.16 -27.59 -45.42
N GLN A 146 35.50 -27.10 -46.46
CA GLN A 146 36.00 -25.98 -47.25
C GLN A 146 35.43 -24.65 -46.77
N GLN A 147 34.10 -24.51 -46.81
CA GLN A 147 33.47 -23.25 -46.45
C GLN A 147 33.44 -23.09 -44.93
N ILE A 148 33.65 -21.86 -44.48
CA ILE A 148 33.63 -21.52 -43.06
C ILE A 148 32.73 -20.31 -42.86
N ILE A 149 31.94 -20.33 -41.80
CA ILE A 149 31.01 -19.26 -41.46
C ILE A 149 31.57 -18.48 -40.29
N ILE A 150 31.56 -17.16 -40.41
CA ILE A 150 32.04 -16.26 -39.36
C ILE A 150 30.92 -15.32 -38.97
N GLY A 151 31.09 -14.67 -37.83
CA GLY A 151 30.14 -13.70 -37.34
C GLY A 151 30.43 -12.31 -37.86
N LYS A 152 29.88 -11.31 -37.15
CA LYS A 152 30.16 -9.92 -37.49
C LYS A 152 31.49 -9.49 -36.88
N GLY A 153 32.53 -10.28 -37.14
CA GLY A 153 33.84 -10.02 -36.57
C GLY A 153 34.86 -9.64 -37.61
N VAL A 154 35.66 -10.63 -38.04
CA VAL A 154 36.59 -10.40 -39.12
C VAL A 154 35.87 -10.02 -40.40
N ALA A 155 34.59 -10.41 -40.52
CA ALA A 155 33.80 -9.96 -41.66
C ALA A 155 33.65 -8.44 -41.65
N ASP A 156 33.29 -7.88 -40.49
CA ASP A 156 33.18 -6.42 -40.37
C ASP A 156 34.55 -5.76 -40.51
N ALA A 157 35.57 -6.36 -39.90
CA ALA A 157 36.92 -5.79 -39.97
C ALA A 157 37.37 -5.69 -41.42
N LEU A 158 37.23 -6.77 -42.17
CA LEU A 158 37.49 -6.75 -43.60
C LEU A 158 36.38 -6.00 -44.33
N LYS A 159 36.71 -5.51 -45.53
CA LYS A 159 35.79 -4.67 -46.30
C LYS A 159 34.90 -5.48 -47.23
N VAL A 160 34.63 -6.74 -46.90
CA VAL A 160 33.81 -7.62 -47.73
C VAL A 160 32.81 -8.36 -46.85
N LYS A 161 31.86 -9.01 -47.50
CA LYS A 161 30.83 -9.80 -46.83
C LYS A 161 30.64 -11.08 -47.66
N GLN A 162 29.56 -11.82 -47.37
CA GLN A 162 29.21 -12.99 -48.16
C GLN A 162 29.27 -12.71 -49.67
N GLY A 163 29.13 -11.47 -50.08
CA GLY A 163 29.21 -11.13 -51.49
C GLY A 163 30.56 -11.43 -52.13
N ASP A 164 31.59 -11.66 -51.31
CA ASP A 164 32.91 -12.03 -51.80
C ASP A 164 33.28 -13.40 -51.24
N TRP A 165 34.52 -13.82 -51.50
CA TRP A 165 35.00 -15.15 -51.14
C TRP A 165 36.39 -15.08 -50.55
N VAL A 166 36.68 -14.04 -49.78
CA VAL A 166 37.99 -13.91 -49.15
C VAL A 166 38.15 -15.00 -48.09
N SER A 167 39.32 -15.65 -48.10
CA SER A 167 39.60 -16.76 -47.21
C SER A 167 40.39 -16.30 -45.99
N ILE A 168 40.16 -16.99 -44.87
CA ILE A 168 40.85 -16.64 -43.63
C ILE A 168 42.33 -17.01 -43.72
N MET A 169 42.64 -18.17 -44.28
CA MET A 169 44.02 -18.64 -44.43
C MET A 169 44.71 -18.70 -43.06
N ILE A 170 44.21 -19.60 -42.21
CA ILE A 170 44.76 -19.80 -40.88
C ILE A 170 46.25 -20.09 -41.02
N PRO A 171 47.13 -19.16 -40.62
CA PRO A 171 48.58 -19.38 -40.83
C PRO A 171 49.30 -19.96 -39.62
N ASN A 172 48.62 -20.05 -38.48
CA ASN A 172 49.25 -20.45 -37.23
C ASN A 172 48.45 -21.55 -36.55
N SER A 173 48.08 -22.58 -37.32
CA SER A 173 47.37 -23.74 -36.79
C SER A 173 48.41 -24.77 -36.35
N ASN A 174 49.02 -24.52 -35.20
CA ASN A 174 50.09 -25.36 -34.67
C ASN A 174 49.59 -26.11 -33.43
N PRO A 175 48.98 -27.29 -33.59
CA PRO A 175 48.60 -28.06 -32.40
C PRO A 175 49.77 -28.36 -31.48
N GLU A 176 50.94 -28.63 -32.06
CA GLU A 176 52.18 -28.78 -31.31
C GLU A 176 53.04 -27.53 -31.49
N HIS A 177 53.90 -27.28 -30.51
CA HIS A 177 54.67 -26.03 -30.51
C HIS A 177 55.48 -25.88 -31.78
N LYS A 178 56.02 -26.97 -32.32
CA LYS A 178 56.77 -26.89 -33.56
C LYS A 178 55.86 -26.41 -34.69
N LEU A 179 56.37 -25.47 -35.49
CA LEU A 179 55.56 -24.76 -36.48
C LEU A 179 55.29 -25.66 -37.68
N MET A 180 54.30 -26.54 -37.53
CA MET A 180 53.80 -27.28 -38.68
C MET A 180 53.03 -26.35 -39.62
N GLN A 181 52.20 -25.48 -39.05
CA GLN A 181 51.49 -24.41 -39.76
C GLN A 181 50.98 -24.84 -41.13
N PRO A 182 50.01 -25.76 -41.18
CA PRO A 182 49.36 -26.08 -42.46
C PRO A 182 48.40 -24.97 -42.86
N LYS A 183 48.80 -24.18 -43.86
CA LYS A 183 48.03 -23.01 -44.27
C LYS A 183 46.93 -23.45 -45.22
N ARG A 184 45.73 -23.67 -44.68
CA ARG A 184 44.56 -23.99 -45.48
C ARG A 184 43.96 -22.69 -46.01
N VAL A 185 44.09 -22.47 -47.31
CA VAL A 185 43.73 -21.20 -47.93
C VAL A 185 42.56 -21.44 -48.90
N ARG A 186 41.92 -20.34 -49.27
CA ARG A 186 40.78 -20.35 -50.20
C ARG A 186 39.56 -21.03 -49.57
N LEU A 187 39.34 -20.76 -48.29
CA LEU A 187 38.14 -21.21 -47.58
C LEU A 187 37.15 -20.03 -47.58
N HIS A 188 36.31 -19.99 -48.60
CA HIS A 188 35.37 -18.89 -48.74
C HIS A 188 34.25 -18.99 -47.72
N VAL A 189 33.53 -17.88 -47.56
CA VAL A 189 32.39 -17.79 -46.64
C VAL A 189 31.21 -17.23 -47.42
N ALA A 190 30.06 -17.90 -47.30
CA ALA A 190 28.83 -17.45 -47.95
C ALA A 190 27.76 -16.99 -46.98
N GLY A 191 27.96 -17.20 -45.68
CA GLY A 191 27.00 -16.76 -44.69
C GLY A 191 27.69 -16.07 -43.53
N ILE A 192 26.99 -15.07 -42.98
CA ILE A 192 27.48 -14.27 -41.87
C ILE A 192 26.40 -14.22 -40.80
N LEU A 193 26.82 -14.32 -39.54
CA LEU A 193 25.91 -14.25 -38.41
C LEU A 193 26.24 -13.04 -37.56
N GLN A 194 25.25 -12.58 -36.80
CA GLN A 194 25.41 -11.46 -35.90
C GLN A 194 24.96 -11.87 -34.50
N LEU A 195 25.70 -11.39 -33.49
CA LEU A 195 25.39 -11.65 -32.10
C LEU A 195 25.44 -10.34 -31.32
N SER A 196 24.97 -10.40 -30.08
CA SER A 196 24.91 -9.21 -29.25
C SER A 196 26.31 -8.80 -28.81
N GLY A 197 26.64 -7.53 -29.02
CA GLY A 197 27.89 -7.00 -28.51
C GLY A 197 29.11 -7.65 -29.14
N GLN A 198 29.97 -8.20 -28.30
CA GLN A 198 31.29 -8.70 -28.68
C GLN A 198 31.27 -10.22 -28.74
N LEU A 199 32.40 -10.79 -29.16
CA LEU A 199 32.68 -12.21 -29.40
C LEU A 199 32.27 -12.62 -30.81
N ASP A 200 31.75 -11.70 -31.63
CA ASP A 200 31.71 -11.96 -33.06
C ASP A 200 33.11 -11.98 -33.65
N HIS A 201 34.08 -11.37 -32.96
CA HIS A 201 35.46 -11.29 -33.43
C HIS A 201 36.21 -12.61 -33.33
N SER A 202 35.66 -13.62 -32.64
CA SER A 202 36.40 -14.85 -32.37
C SER A 202 35.49 -16.06 -32.57
N PHE A 203 34.70 -16.07 -33.64
CA PHE A 203 33.85 -17.20 -33.97
C PHE A 203 34.04 -17.58 -35.43
N ALA A 204 34.22 -18.88 -35.68
CA ALA A 204 34.33 -19.40 -37.03
C ALA A 204 33.81 -20.84 -37.01
N MET A 205 32.98 -21.18 -37.99
CA MET A 205 32.34 -22.48 -38.06
C MET A 205 33.11 -23.36 -39.03
N ILE A 206 33.60 -24.49 -38.53
CA ILE A 206 34.32 -25.47 -39.33
C ILE A 206 33.55 -26.79 -39.25
N PRO A 207 33.30 -27.47 -40.35
CA PRO A 207 32.62 -28.77 -40.28
C PRO A 207 33.39 -29.75 -39.40
N LEU A 208 32.64 -30.57 -38.67
CA LEU A 208 33.25 -31.56 -37.79
C LEU A 208 34.17 -32.47 -38.58
N ALA A 209 35.07 -33.14 -37.85
CA ALA A 209 36.05 -34.05 -38.46
C ALA A 209 36.95 -33.30 -39.43
N ASP A 210 37.43 -32.14 -39.00
CA ASP A 210 38.33 -31.33 -39.80
C ASP A 210 39.78 -31.75 -39.65
N ALA A 211 40.07 -32.76 -38.82
CA ALA A 211 41.43 -33.20 -38.57
C ALA A 211 42.09 -33.82 -39.80
N GLN A 212 41.31 -34.12 -40.85
CA GLN A 212 41.88 -34.80 -42.01
C GLN A 212 42.98 -33.98 -42.67
N GLN A 213 42.77 -32.67 -42.80
CA GLN A 213 43.72 -31.80 -43.48
C GLN A 213 44.37 -30.77 -42.58
N TYR A 214 43.79 -30.48 -41.42
CA TYR A 214 44.39 -29.55 -40.46
C TYR A 214 45.50 -30.19 -39.63
N LEU A 215 45.87 -31.44 -39.93
CA LEU A 215 46.95 -32.17 -39.30
C LEU A 215 46.65 -32.53 -37.85
N ASP A 216 45.40 -32.39 -37.40
CA ASP A 216 45.03 -32.87 -36.08
C ASP A 216 45.00 -34.40 -36.09
N MET A 217 45.18 -34.99 -34.91
CA MET A 217 45.38 -36.42 -34.79
C MET A 217 44.04 -37.14 -34.85
N GLY A 218 43.76 -37.79 -35.98
CA GLY A 218 42.63 -38.68 -36.09
C GLY A 218 41.28 -37.98 -35.97
N SER A 219 40.26 -38.80 -35.77
CA SER A 219 38.89 -38.33 -35.63
C SER A 219 38.50 -38.07 -34.18
N SER A 220 39.42 -38.24 -33.24
CA SER A 220 39.13 -38.04 -31.83
C SER A 220 39.39 -36.58 -31.47
N VAL A 221 38.37 -35.90 -30.92
CA VAL A 221 38.47 -34.50 -30.54
C VAL A 221 38.14 -34.35 -29.07
N SER A 222 38.16 -33.12 -28.58
CA SER A 222 37.97 -32.88 -27.15
C SER A 222 36.60 -33.34 -26.68
N GLY A 223 35.56 -33.02 -27.44
CA GLY A 223 34.20 -33.36 -27.06
C GLY A 223 33.61 -32.37 -26.08
N ILE A 224 32.33 -32.56 -25.78
CA ILE A 224 31.59 -31.68 -24.89
C ILE A 224 30.31 -32.38 -24.47
N ALA A 225 29.76 -31.97 -23.32
CA ALA A 225 28.53 -32.56 -22.80
C ALA A 225 27.89 -31.58 -21.83
N LEU A 226 26.91 -32.05 -21.06
CA LEU A 226 26.30 -31.30 -19.96
C LEU A 226 25.62 -30.02 -20.46
N LYS A 227 24.55 -30.22 -21.24
CA LYS A 227 23.66 -29.12 -21.62
C LYS A 227 22.53 -29.02 -20.59
N MET A 228 22.89 -28.54 -19.41
CA MET A 228 21.92 -28.40 -18.33
C MET A 228 20.72 -27.59 -18.80
N THR A 229 19.56 -28.25 -18.85
CA THR A 229 18.33 -27.54 -19.19
C THR A 229 17.88 -26.64 -18.03
N ASP A 230 17.88 -27.19 -16.82
CA ASP A 230 17.60 -26.41 -15.62
C ASP A 230 18.94 -26.02 -14.97
N VAL A 231 19.59 -25.05 -15.61
CA VAL A 231 20.97 -24.71 -15.24
C VAL A 231 21.06 -24.33 -13.77
N PHE A 232 20.14 -23.49 -13.31
CA PHE A 232 20.17 -23.05 -11.91
C PHE A 232 19.92 -24.22 -10.98
N ASN A 233 18.88 -25.01 -11.25
CA ASN A 233 18.64 -26.22 -10.47
C ASN A 233 19.71 -27.26 -10.72
N ALA A 234 20.33 -27.24 -11.90
CA ALA A 234 21.41 -28.16 -12.22
C ALA A 234 22.76 -27.68 -11.73
N ASN A 235 22.83 -26.50 -11.13
CA ASN A 235 24.08 -25.99 -10.57
C ASN A 235 24.71 -27.03 -9.66
N LYS A 236 25.94 -27.43 -9.99
CA LYS A 236 26.68 -28.45 -9.24
C LYS A 236 25.91 -29.76 -9.15
N LEU A 237 24.95 -29.97 -10.06
CA LEU A 237 24.20 -31.23 -10.07
C LEU A 237 25.03 -32.38 -10.61
N VAL A 238 26.13 -32.08 -11.29
CA VAL A 238 27.04 -33.13 -11.74
C VAL A 238 27.68 -33.86 -10.57
N ARG A 239 27.64 -33.29 -9.38
CA ARG A 239 28.12 -33.99 -8.19
C ARG A 239 27.30 -35.26 -7.99
N ASP A 240 27.98 -36.38 -7.79
CA ASP A 240 27.42 -37.72 -7.78
C ASP A 240 27.00 -38.16 -9.18
N ALA A 241 27.16 -37.30 -10.19
CA ALA A 241 26.87 -37.66 -11.58
C ALA A 241 28.08 -37.34 -12.44
N GLY A 242 27.93 -37.43 -13.76
CA GLY A 242 29.02 -37.16 -14.67
C GLY A 242 29.98 -38.29 -14.86
N GLU A 243 29.89 -39.35 -14.05
CA GLU A 243 30.72 -40.52 -14.24
C GLU A 243 30.34 -41.31 -15.49
N VAL A 244 29.19 -40.99 -16.09
CA VAL A 244 28.83 -41.61 -17.36
C VAL A 244 29.88 -41.32 -18.42
N THR A 245 30.50 -40.15 -18.35
CA THR A 245 31.54 -39.80 -19.31
C THR A 245 32.73 -40.76 -19.22
N ASN A 246 33.12 -41.12 -18.00
CA ASN A 246 34.29 -41.99 -17.79
C ASN A 246 35.54 -41.35 -18.36
N SER A 247 35.66 -40.04 -18.21
CA SER A 247 36.80 -39.31 -18.75
C SER A 247 38.05 -39.59 -17.92
N TYR A 248 39.19 -39.10 -18.41
CA TYR A 248 40.47 -39.33 -17.75
C TYR A 248 40.63 -38.43 -16.54
N VAL A 249 40.60 -37.12 -16.75
CA VAL A 249 40.82 -36.14 -15.70
C VAL A 249 39.51 -35.42 -15.41
N TYR A 250 39.46 -34.75 -14.25
CA TYR A 250 38.28 -33.99 -13.87
C TYR A 250 37.86 -33.06 -15.00
N ILE A 251 36.60 -33.17 -15.40
CA ILE A 251 36.12 -32.36 -16.51
C ILE A 251 36.11 -30.88 -16.12
N LYS A 252 36.08 -30.03 -17.14
CA LYS A 252 35.93 -28.61 -16.90
C LYS A 252 34.53 -28.31 -16.37
N SER A 253 34.38 -27.14 -15.76
CA SER A 253 33.17 -26.83 -15.02
C SER A 253 32.05 -26.38 -15.95
N TRP A 254 30.89 -26.14 -15.36
CA TRP A 254 29.71 -25.64 -16.06
C TRP A 254 29.89 -24.13 -16.27
N ILE A 255 28.82 -23.43 -16.66
CA ILE A 255 28.94 -22.02 -17.03
C ILE A 255 29.59 -21.18 -15.94
N GLY A 256 29.72 -21.71 -14.73
CA GLY A 256 30.46 -21.02 -13.68
C GLY A 256 31.93 -20.81 -14.02
N THR A 257 32.44 -21.50 -15.04
CA THR A 257 33.81 -21.25 -15.48
C THR A 257 33.99 -19.80 -15.90
N TYR A 258 33.00 -19.24 -16.61
CA TYR A 258 32.98 -17.81 -16.91
C TYR A 258 32.29 -17.06 -15.78
N GLY A 259 32.89 -17.14 -14.61
CA GLY A 259 32.32 -16.58 -13.40
C GLY A 259 32.30 -15.06 -13.43
N TYR A 260 31.71 -14.50 -12.38
CA TYR A 260 31.52 -13.06 -12.17
C TYR A 260 30.45 -12.49 -13.09
N MET A 261 29.87 -13.29 -13.97
CA MET A 261 28.62 -13.00 -14.65
C MET A 261 27.47 -13.81 -14.08
N TYR A 262 27.71 -15.09 -13.80
CA TYR A 262 26.74 -15.89 -13.05
C TYR A 262 26.53 -15.31 -11.65
N ARG A 263 27.58 -14.74 -11.06
CA ARG A 263 27.43 -14.05 -9.79
C ARG A 263 26.43 -12.90 -9.91
N ASP A 264 26.58 -12.11 -10.97
CA ASP A 264 25.63 -11.03 -11.23
C ASP A 264 24.23 -11.59 -11.42
N ILE A 265 24.11 -12.71 -12.12
CA ILE A 265 22.80 -13.31 -12.36
C ILE A 265 22.13 -13.67 -11.04
N GLN A 266 22.86 -14.36 -10.17
CA GLN A 266 22.28 -14.79 -8.90
C GLN A 266 21.93 -13.59 -8.03
N MET A 267 22.81 -12.60 -7.98
CA MET A 267 22.55 -11.41 -7.17
C MET A 267 21.31 -10.68 -7.67
N ILE A 268 21.19 -10.54 -8.99
CA ILE A 268 20.01 -9.90 -9.57
C ILE A 268 18.75 -10.68 -9.23
N ARG A 269 18.81 -12.01 -9.33
CA ARG A 269 17.63 -12.81 -8.99
C ARG A 269 17.23 -12.58 -7.53
N ALA A 270 18.21 -12.49 -6.64
CA ALA A 270 17.90 -12.24 -5.23
C ALA A 270 17.21 -10.90 -5.05
N ILE A 271 17.74 -9.85 -5.70
CA ILE A 271 17.12 -8.54 -5.57
C ILE A 271 15.71 -8.57 -6.14
N MET A 272 15.52 -9.30 -7.24
CA MET A 272 14.19 -9.45 -7.82
C MET A 272 13.21 -10.07 -6.83
N TYR A 273 13.63 -11.16 -6.18
CA TYR A 273 12.76 -11.80 -5.21
C TYR A 273 12.41 -10.84 -4.09
N LEU A 274 13.40 -10.08 -3.61
CA LEU A 274 13.16 -9.12 -2.54
C LEU A 274 12.12 -8.09 -2.96
N ALA A 275 12.28 -7.52 -4.15
CA ALA A 275 11.36 -6.49 -4.62
C ALA A 275 9.95 -7.05 -4.77
N MET A 276 9.82 -8.25 -5.32
CA MET A 276 8.49 -8.83 -5.51
C MET A 276 7.83 -9.11 -4.16
N VAL A 277 8.60 -9.58 -3.19
CA VAL A 277 8.06 -9.80 -1.85
C VAL A 277 7.55 -8.50 -1.27
N LEU A 278 8.31 -7.42 -1.43
CA LEU A 278 7.87 -6.13 -0.92
C LEU A 278 6.57 -5.69 -1.60
N VAL A 279 6.47 -5.88 -2.91
CA VAL A 279 5.24 -5.53 -3.63
C VAL A 279 4.06 -6.28 -3.04
N ILE A 280 4.22 -7.59 -2.87
CA ILE A 280 3.12 -8.42 -2.36
C ILE A 280 2.70 -7.95 -0.98
N GLY A 281 3.67 -7.71 -0.10
CA GLY A 281 3.35 -7.28 1.24
C GLY A 281 2.59 -5.97 1.26
N VAL A 282 3.06 -4.99 0.47
CA VAL A 282 2.42 -3.69 0.45
C VAL A 282 0.98 -3.80 -0.05
N ALA A 283 0.78 -4.52 -1.15
CA ALA A 283 -0.57 -4.64 -1.69
C ALA A 283 -1.51 -5.34 -0.71
N CYS A 284 -1.05 -6.43 -0.11
CA CYS A 284 -1.90 -7.14 0.84
C CYS A 284 -2.24 -6.26 2.03
N PHE A 285 -1.26 -5.51 2.55
CA PHE A 285 -1.55 -4.62 3.66
C PHE A 285 -2.59 -3.57 3.28
N ASN A 286 -2.46 -2.98 2.09
CA ASN A 286 -3.43 -1.98 1.68
C ASN A 286 -4.84 -2.56 1.65
N ILE A 287 -5.00 -3.71 0.99
CA ILE A 287 -6.33 -4.32 0.88
C ILE A 287 -6.90 -4.62 2.26
N VAL A 288 -6.10 -5.26 3.10
CA VAL A 288 -6.58 -5.67 4.42
C VAL A 288 -6.96 -4.46 5.25
N SER A 289 -6.13 -3.41 5.22
CA SER A 289 -6.42 -2.23 6.01
C SER A 289 -7.72 -1.58 5.58
N THR A 290 -7.92 -1.43 4.27
CA THR A 290 -9.16 -0.81 3.79
C THR A 290 -10.36 -1.63 4.24
N LEU A 291 -10.32 -2.94 4.03
CA LEU A 291 -11.48 -3.76 4.36
C LEU A 291 -11.77 -3.74 5.86
N VAL A 292 -10.73 -3.86 6.69
CA VAL A 292 -10.95 -3.89 8.13
C VAL A 292 -11.49 -2.55 8.62
N MET A 293 -10.96 -1.45 8.08
CA MET A 293 -11.47 -0.14 8.48
C MET A 293 -12.94 0.01 8.12
N ALA A 294 -13.32 -0.42 6.91
CA ALA A 294 -14.73 -0.32 6.52
C ALA A 294 -15.60 -1.14 7.45
N VAL A 295 -15.21 -2.39 7.73
CA VAL A 295 -16.05 -3.25 8.56
C VAL A 295 -16.17 -2.67 9.96
N LYS A 296 -15.07 -2.15 10.51
CA LYS A 296 -15.15 -1.52 11.82
C LYS A 296 -16.10 -0.32 11.78
N ASP A 297 -16.04 0.47 10.71
CA ASP A 297 -16.97 1.57 10.57
C ASP A 297 -18.42 1.08 10.56
N LYS A 298 -18.65 -0.14 10.06
CA LYS A 298 -19.99 -0.71 10.04
C LYS A 298 -20.29 -1.57 11.27
N SER A 299 -19.67 -1.28 12.40
CA SER A 299 -19.84 -2.11 13.59
C SER A 299 -21.14 -1.82 14.32
N GLY A 300 -21.71 -0.62 14.15
CA GLY A 300 -22.86 -0.23 14.96
C GLY A 300 -24.07 -1.11 14.71
N ASP A 301 -24.38 -1.36 13.43
CA ASP A 301 -25.59 -2.11 13.08
C ASP A 301 -25.52 -3.55 13.56
N ILE A 302 -24.33 -4.10 13.72
CA ILE A 302 -24.20 -5.49 14.19
C ILE A 302 -24.83 -5.64 15.56
N ALA A 303 -24.64 -4.66 16.43
CA ALA A 303 -25.23 -4.72 17.77
C ALA A 303 -26.75 -4.73 17.68
N VAL A 304 -27.31 -3.89 16.81
CA VAL A 304 -28.76 -3.87 16.63
C VAL A 304 -29.26 -5.22 16.15
N LEU A 305 -28.58 -5.80 15.16
CA LEU A 305 -29.00 -7.10 14.65
C LEU A 305 -28.92 -8.16 15.74
N ARG A 306 -27.86 -8.16 16.53
CA ARG A 306 -27.71 -9.17 17.58
C ARG A 306 -28.80 -9.03 18.64
N THR A 307 -29.10 -7.79 19.06
CA THR A 307 -30.14 -7.61 20.06
C THR A 307 -31.52 -7.90 19.50
N LEU A 308 -31.70 -7.77 18.18
CA LEU A 308 -32.97 -8.15 17.57
C LEU A 308 -33.12 -9.66 17.44
N GLY A 309 -32.08 -10.43 17.74
CA GLY A 309 -32.14 -11.87 17.65
C GLY A 309 -31.31 -12.49 16.55
N ALA A 310 -30.50 -11.71 15.84
CA ALA A 310 -29.69 -12.26 14.76
C ALA A 310 -28.68 -13.25 15.32
N LYS A 311 -28.44 -14.31 14.56
CA LYS A 311 -27.50 -15.35 14.96
C LYS A 311 -26.16 -15.14 14.27
N ASP A 312 -25.18 -15.93 14.70
CA ASP A 312 -23.83 -15.80 14.15
C ASP A 312 -23.81 -16.10 12.66
N GLY A 313 -24.66 -17.02 12.20
CA GLY A 313 -24.64 -17.38 10.78
C GLY A 313 -24.97 -16.21 9.88
N LEU A 314 -26.02 -15.46 10.22
CA LEU A 314 -26.42 -14.34 9.39
C LEU A 314 -25.35 -13.25 9.38
N ILE A 315 -24.77 -12.97 10.54
CA ILE A 315 -23.73 -11.94 10.61
C ILE A 315 -22.53 -12.36 9.77
N ARG A 316 -22.14 -13.63 9.85
CA ARG A 316 -21.03 -14.11 9.05
C ARG A 316 -21.35 -13.99 7.57
N ALA A 317 -22.56 -14.40 7.17
CA ALA A 317 -22.92 -14.43 5.76
C ALA A 317 -22.99 -13.04 5.17
N ILE A 318 -23.46 -12.06 5.94
CA ILE A 318 -23.59 -10.70 5.42
C ILE A 318 -22.23 -10.20 4.95
N PHE A 319 -21.23 -10.30 5.82
CA PHE A 319 -19.91 -9.78 5.49
C PHE A 319 -19.18 -10.70 4.51
N VAL A 320 -19.50 -12.00 4.52
CA VAL A 320 -18.97 -12.88 3.49
C VAL A 320 -19.42 -12.41 2.11
N TRP A 321 -20.71 -12.09 1.97
CA TRP A 321 -21.22 -11.60 0.70
C TRP A 321 -20.60 -10.25 0.34
N TYR A 322 -20.49 -9.36 1.33
CA TYR A 322 -19.87 -8.06 1.08
C TYR A 322 -18.46 -8.22 0.52
N GLY A 323 -17.63 -8.98 1.22
CA GLY A 323 -16.26 -9.17 0.77
C GLY A 323 -16.18 -9.91 -0.55
N LEU A 324 -17.04 -10.90 -0.75
CA LEU A 324 -17.03 -11.65 -1.99
C LEU A 324 -17.35 -10.74 -3.17
N LEU A 325 -18.37 -9.89 -3.04
CA LEU A 325 -18.72 -8.97 -4.12
C LEU A 325 -17.55 -8.02 -4.40
N ALA A 326 -17.03 -7.38 -3.35
CA ALA A 326 -15.96 -6.42 -3.56
C ALA A 326 -14.75 -7.09 -4.22
N GLY A 327 -14.33 -8.23 -3.69
CA GLY A 327 -13.18 -8.92 -4.23
C GLY A 327 -13.40 -9.39 -5.66
N LEU A 328 -14.59 -9.92 -5.95
CA LEU A 328 -14.85 -10.40 -7.30
C LEU A 328 -14.76 -9.27 -8.31
N PHE A 329 -15.45 -8.16 -8.05
CA PHE A 329 -15.44 -7.07 -9.03
C PHE A 329 -14.04 -6.46 -9.16
N GLY A 330 -13.37 -6.23 -8.02
CA GLY A 330 -12.02 -5.68 -8.08
C GLY A 330 -11.04 -6.59 -8.80
N SER A 331 -11.12 -7.90 -8.52
CA SER A 331 -10.24 -8.86 -9.18
C SER A 331 -10.51 -8.91 -10.67
N LEU A 332 -11.78 -8.87 -11.07
CA LEU A 332 -12.07 -8.85 -12.50
C LEU A 332 -11.45 -7.64 -13.18
N CYS A 333 -11.68 -6.45 -12.61
CA CYS A 333 -11.11 -5.25 -13.21
C CYS A 333 -9.59 -5.30 -13.24
N GLY A 334 -8.97 -5.73 -12.13
CA GLY A 334 -7.52 -5.79 -12.07
C GLY A 334 -6.94 -6.79 -13.03
N VAL A 335 -7.58 -7.96 -13.16
CA VAL A 335 -7.12 -8.96 -14.11
C VAL A 335 -7.17 -8.40 -15.52
N ILE A 336 -8.29 -7.77 -15.87
CA ILE A 336 -8.42 -7.23 -17.23
C ILE A 336 -7.32 -6.21 -17.50
N ILE A 337 -7.16 -5.24 -16.61
CA ILE A 337 -6.21 -4.16 -16.85
C ILE A 337 -4.78 -4.70 -16.88
N GLY A 338 -4.44 -5.58 -15.93
CA GLY A 338 -3.09 -6.12 -15.89
C GLY A 338 -2.76 -6.97 -17.10
N VAL A 339 -3.71 -7.81 -17.53
CA VAL A 339 -3.47 -8.62 -18.72
C VAL A 339 -3.28 -7.74 -19.92
N VAL A 340 -4.13 -6.71 -20.08
CA VAL A 340 -3.98 -5.80 -21.21
C VAL A 340 -2.61 -5.16 -21.19
N VAL A 341 -2.20 -4.64 -20.04
CA VAL A 341 -0.91 -3.95 -19.95
C VAL A 341 0.22 -4.90 -20.28
N SER A 342 0.24 -6.08 -19.64
CA SER A 342 1.36 -7.00 -19.82
C SER A 342 1.45 -7.47 -21.27
N LEU A 343 0.31 -7.79 -21.89
CA LEU A 343 0.34 -8.27 -23.26
C LEU A 343 0.68 -7.17 -24.24
N GLN A 344 0.35 -5.92 -23.91
CA GLN A 344 0.56 -4.78 -24.81
C GLN A 344 1.28 -3.65 -24.08
N LEU A 345 2.36 -4.00 -23.36
CA LEU A 345 3.20 -2.98 -22.76
C LEU A 345 4.38 -2.63 -23.68
N THR A 346 5.17 -3.63 -24.05
CA THR A 346 6.29 -3.39 -24.95
C THR A 346 5.86 -2.72 -26.25
N PRO A 347 4.76 -3.11 -26.89
CA PRO A 347 4.33 -2.40 -28.12
C PRO A 347 4.01 -0.94 -27.89
N ILE A 348 3.97 -0.48 -26.64
CA ILE A 348 3.73 0.94 -26.35
C ILE A 348 5.07 1.63 -26.42
N ILE A 349 5.46 2.02 -27.63
CA ILE A 349 6.70 2.75 -27.87
C ILE A 349 6.33 4.22 -28.04
N GLU A 350 6.73 5.04 -27.07
CA GLU A 350 6.37 6.45 -27.09
C GLU A 350 6.95 7.12 -28.33
N TRP A 351 6.07 7.74 -29.12
CA TRP A 351 6.46 8.44 -30.33
C TRP A 351 6.77 9.91 -30.10
N ILE A 352 7.13 10.28 -28.86
CA ILE A 352 7.50 11.67 -28.59
C ILE A 352 8.69 12.07 -29.45
N GLU A 353 9.70 11.20 -29.52
CA GLU A 353 10.82 11.37 -30.43
C GLU A 353 10.79 10.21 -31.43
N LYS A 354 10.85 10.54 -32.72
CA LYS A 354 10.68 9.55 -33.77
C LYS A 354 11.86 8.58 -33.75
N LEU A 355 11.61 7.38 -33.22
CA LEU A 355 12.63 6.33 -33.16
C LEU A 355 13.91 6.84 -32.50
N ILE A 356 13.76 7.67 -31.48
CA ILE A 356 14.88 8.29 -30.78
C ILE A 356 14.61 8.24 -29.28
N GLY A 357 15.66 7.95 -28.52
CA GLY A 357 15.59 8.06 -27.08
C GLY A 357 14.53 7.19 -26.43
N HIS A 358 13.45 7.82 -25.97
CA HIS A 358 12.38 7.25 -25.17
C HIS A 358 12.78 7.18 -23.70
N GLN A 359 14.01 7.53 -23.35
CA GLN A 359 14.52 7.56 -21.99
C GLN A 359 14.61 6.19 -21.35
N PHE A 360 14.20 5.13 -22.06
CA PHE A 360 14.21 3.77 -21.52
C PHE A 360 14.81 2.76 -22.48
N LEU A 361 15.19 3.17 -23.70
CA LEU A 361 15.75 2.27 -24.70
C LEU A 361 17.00 2.93 -25.28
N SER A 362 18.14 2.27 -25.12
CA SER A 362 19.40 2.79 -25.66
C SER A 362 20.42 1.67 -25.67
N SER A 363 21.03 1.44 -26.83
CA SER A 363 22.05 0.41 -26.99
C SER A 363 21.54 -0.96 -26.57
N ASP A 364 20.25 -1.20 -26.77
CA ASP A 364 19.62 -2.47 -26.46
C ASP A 364 19.11 -3.08 -27.77
N ILE A 365 20.01 -3.80 -28.44
CA ILE A 365 19.70 -4.48 -29.70
C ILE A 365 19.98 -5.96 -29.51
N TYR A 366 19.07 -6.81 -30.01
CA TYR A 366 19.07 -8.25 -29.87
C TYR A 366 18.61 -8.66 -28.48
N PHE A 367 18.39 -7.72 -27.57
CA PHE A 367 17.66 -7.92 -26.33
C PHE A 367 16.34 -7.16 -26.44
N ILE A 368 15.58 -7.13 -25.35
CA ILE A 368 14.27 -6.50 -25.33
C ILE A 368 14.30 -5.37 -24.31
N ASP A 369 13.81 -4.19 -24.70
CA ASP A 369 13.73 -3.06 -23.80
C ASP A 369 13.13 -3.47 -22.45
N PHE A 370 11.89 -3.93 -22.48
CA PHE A 370 11.24 -4.55 -21.34
C PHE A 370 11.16 -6.05 -21.59
N LEU A 371 10.66 -6.78 -20.60
CA LEU A 371 10.62 -8.24 -20.65
C LEU A 371 9.33 -8.76 -20.02
N PRO A 372 8.21 -8.64 -20.73
CA PRO A 372 6.95 -9.19 -20.23
C PRO A 372 6.68 -10.60 -20.76
N SER A 373 6.16 -11.44 -19.88
CA SER A 373 5.75 -12.79 -20.26
C SER A 373 4.56 -13.17 -19.40
N GLU A 374 3.42 -13.39 -20.04
CA GLU A 374 2.17 -13.68 -19.34
C GLU A 374 1.96 -15.20 -19.35
N LEU A 375 2.43 -15.86 -18.28
CA LEU A 375 2.17 -17.28 -18.09
C LEU A 375 0.90 -17.45 -17.28
N HIS A 376 -0.22 -17.10 -17.92
CA HIS A 376 -1.51 -17.08 -17.25
C HIS A 376 -2.00 -18.50 -17.04
N TRP A 377 -3.24 -18.63 -16.56
CA TRP A 377 -3.91 -19.89 -16.26
C TRP A 377 -3.15 -20.71 -15.22
N LEU A 378 -2.03 -20.18 -14.71
CA LEU A 378 -1.35 -20.74 -13.55
C LEU A 378 -0.88 -19.71 -12.54
N ASP A 379 -0.80 -18.44 -12.91
CA ASP A 379 -0.35 -17.37 -12.03
C ASP A 379 -1.46 -16.39 -11.67
N VAL A 380 -2.31 -16.04 -12.64
CA VAL A 380 -3.45 -15.16 -12.35
C VAL A 380 -4.38 -15.84 -11.35
N PHE A 381 -4.52 -17.16 -11.45
CA PHE A 381 -5.37 -17.89 -10.51
C PHE A 381 -4.90 -17.69 -9.08
N TYR A 382 -3.58 -17.77 -8.85
CA TYR A 382 -3.06 -17.58 -7.51
C TYR A 382 -3.35 -16.18 -6.99
N VAL A 383 -3.15 -15.16 -7.82
CA VAL A 383 -3.39 -13.78 -7.40
C VAL A 383 -4.87 -13.59 -7.05
N LEU A 384 -5.76 -14.10 -7.91
CA LEU A 384 -7.19 -13.95 -7.65
C LEU A 384 -7.60 -14.66 -6.36
N VAL A 385 -7.10 -15.89 -6.16
CA VAL A 385 -7.45 -16.63 -4.96
C VAL A 385 -6.95 -15.91 -3.72
N THR A 386 -5.72 -15.41 -3.77
CA THR A 386 -5.16 -14.70 -2.62
C THR A 386 -5.96 -13.45 -2.30
N ALA A 387 -6.34 -12.69 -3.34
CA ALA A 387 -7.13 -11.48 -3.12
C ALA A 387 -8.47 -11.81 -2.50
N LEU A 388 -9.18 -12.80 -3.06
CA LEU A 388 -10.49 -13.15 -2.53
C LEU A 388 -10.38 -13.64 -1.08
N LEU A 389 -9.38 -14.47 -0.81
CA LEU A 389 -9.14 -14.90 0.57
C LEU A 389 -8.96 -13.70 1.48
N LEU A 390 -7.90 -12.93 1.26
CA LEU A 390 -7.64 -11.75 2.08
C LEU A 390 -8.91 -10.95 2.33
N SER A 391 -9.69 -10.71 1.27
CA SER A 391 -10.91 -9.93 1.43
C SER A 391 -11.88 -10.61 2.39
N LEU A 392 -12.10 -11.91 2.21
CA LEU A 392 -13.06 -12.63 3.06
C LEU A 392 -12.60 -12.65 4.51
N LEU A 393 -11.31 -12.90 4.73
CA LEU A 393 -10.79 -12.94 6.09
C LEU A 393 -10.89 -11.58 6.77
N ALA A 394 -10.55 -10.51 6.03
CA ALA A 394 -10.65 -9.17 6.59
C ALA A 394 -12.10 -8.83 6.92
N SER A 395 -13.04 -9.22 6.06
CA SER A 395 -14.45 -8.99 6.36
C SER A 395 -14.89 -9.78 7.59
N TRP A 396 -14.42 -11.03 7.71
CA TRP A 396 -14.93 -11.91 8.77
C TRP A 396 -14.40 -11.50 10.13
N TYR A 397 -13.11 -11.22 10.25
CA TYR A 397 -12.51 -11.11 11.57
C TYR A 397 -13.16 -10.04 12.44
N PRO A 398 -13.33 -8.79 11.98
CA PRO A 398 -13.92 -7.78 12.86
C PRO A 398 -15.39 -8.02 13.14
N ALA A 399 -16.12 -8.62 12.19
CA ALA A 399 -17.53 -8.89 12.40
C ALA A 399 -17.73 -9.83 13.59
N ARG A 400 -16.88 -10.84 13.72
CA ARG A 400 -16.98 -11.74 14.86
C ARG A 400 -16.76 -11.00 16.17
N ARG A 401 -15.75 -10.13 16.22
CA ARG A 401 -15.45 -9.40 17.45
C ARG A 401 -16.61 -8.49 17.84
N ALA A 402 -17.16 -7.75 16.88
CA ALA A 402 -18.26 -6.85 17.18
C ALA A 402 -19.48 -7.61 17.67
N SER A 403 -19.77 -8.75 17.05
CA SER A 403 -20.91 -9.55 17.48
C SER A 403 -20.70 -10.10 18.89
N ASN A 404 -19.47 -10.51 19.20
CA ASN A 404 -19.19 -11.05 20.52
C ASN A 404 -19.42 -10.01 21.61
N ILE A 405 -19.04 -8.75 21.36
CA ILE A 405 -19.15 -7.65 22.37
C ILE A 405 -20.63 -7.52 22.76
N ASP A 406 -20.92 -7.31 24.05
CA ASP A 406 -22.31 -7.09 24.53
C ASP A 406 -22.94 -6.04 23.61
N PRO A 407 -24.08 -6.27 22.91
CA PRO A 407 -24.57 -5.28 21.95
C PRO A 407 -24.76 -3.87 22.55
N ALA A 408 -25.36 -3.74 23.74
CA ALA A 408 -25.65 -2.43 24.36
C ALA A 408 -24.33 -1.72 24.65
N ARG A 409 -23.29 -2.44 25.08
CA ARG A 409 -21.97 -1.87 25.41
C ARG A 409 -21.40 -1.14 24.18
N VAL A 410 -21.34 -1.79 23.02
CA VAL A 410 -20.73 -1.18 21.79
C VAL A 410 -21.62 -0.06 21.24
N LEU A 411 -22.95 -0.16 21.41
CA LEU A 411 -23.90 0.89 20.94
C LEU A 411 -23.58 2.19 21.66
N SER A 412 -23.17 2.13 22.94
CA SER A 412 -22.85 3.33 23.77
C SER A 412 -21.40 3.75 23.58
N GLY A 413 -20.43 2.83 23.68
CA GLY A 413 -19.00 3.15 23.61
C GLY A 413 -18.59 3.67 22.26
N GLN A 414 -18.79 2.90 21.19
CA GLN A 414 -18.39 3.28 19.80
C GLN A 414 -19.58 3.94 19.10
N MET B 1 -6.58 23.64 27.24
CA MET B 1 -5.14 23.49 27.60
C MET B 1 -4.27 24.37 26.69
N TYR B 2 -3.83 23.79 25.57
CA TYR B 2 -2.97 24.52 24.65
C TYR B 2 -3.74 25.67 24.00
N GLN B 3 -3.07 26.82 23.88
CA GLN B 3 -3.71 27.99 23.29
C GLN B 3 -4.14 27.74 21.85
N PRO B 4 -3.32 27.16 20.97
CA PRO B 4 -3.79 26.90 19.60
C PRO B 4 -4.81 25.78 19.57
N VAL B 5 -6.01 26.09 19.10
CA VAL B 5 -7.09 25.11 19.09
C VAL B 5 -6.79 24.00 18.09
N ALA B 6 -6.25 24.35 16.93
CA ALA B 6 -6.02 23.35 15.88
C ALA B 6 -5.06 22.27 16.36
N LEU B 7 -3.96 22.69 17.00
CA LEU B 7 -2.98 21.72 17.47
C LEU B 7 -3.59 20.78 18.50
N PHE B 8 -4.34 21.33 19.45
CA PHE B 8 -4.93 20.51 20.50
C PHE B 8 -5.91 19.50 19.90
N ILE B 9 -6.78 19.97 19.01
CA ILE B 9 -7.79 19.07 18.42
C ILE B 9 -7.11 17.99 17.61
N GLY B 10 -6.10 18.36 16.81
CA GLY B 10 -5.40 17.38 16.01
C GLY B 10 -4.72 16.33 16.86
N LEU B 11 -4.03 16.76 17.91
CA LEU B 11 -3.35 15.81 18.79
C LEU B 11 -4.35 14.88 19.47
N ARG B 12 -5.46 15.44 19.96
CA ARG B 12 -6.45 14.60 20.63
C ARG B 12 -7.05 13.57 19.67
N TYR B 13 -7.34 13.99 18.43
CA TYR B 13 -7.85 13.05 17.44
C TYR B 13 -6.81 11.98 17.13
N MET B 14 -5.53 12.37 17.04
CA MET B 14 -4.48 11.40 16.75
C MET B 14 -4.38 10.37 17.87
N ARG B 15 -4.49 10.81 19.12
CA ARG B 15 -4.43 9.86 20.23
C ARG B 15 -5.54 8.82 20.12
N GLY B 16 -6.75 9.25 19.81
CA GLY B 16 -7.87 8.35 19.65
C GLY B 16 -8.50 7.95 20.97
N ARG B 17 -9.66 7.30 20.87
CA ARG B 17 -10.35 6.83 22.06
C ARG B 17 -9.63 5.64 22.68
N ALA B 18 -9.04 4.78 21.85
CA ALA B 18 -8.35 3.58 22.30
C ALA B 18 -9.29 2.68 23.11
N ALA B 19 -10.30 2.18 22.40
CA ALA B 19 -11.34 1.37 23.03
C ALA B 19 -10.74 0.19 23.80
N ASP B 20 -10.11 -0.73 23.08
CA ASP B 20 -9.50 -1.91 23.69
C ASP B 20 -8.01 -2.02 23.43
N ARG B 21 -7.60 -1.89 22.16
CA ARG B 21 -6.21 -2.04 21.76
C ARG B 21 -5.80 -0.90 20.83
N PHE B 22 -6.08 0.33 21.26
CA PHE B 22 -5.85 1.51 20.42
C PHE B 22 -6.74 1.45 19.18
N GLY B 23 -8.03 1.20 19.41
CA GLY B 23 -8.94 0.99 18.30
C GLY B 23 -8.62 -0.24 17.49
N ARG B 24 -8.12 -1.29 18.12
CA ARG B 24 -7.72 -2.50 17.43
C ARG B 24 -6.74 -2.17 16.30
N PHE B 25 -5.74 -1.35 16.63
CA PHE B 25 -4.71 -0.90 15.69
C PHE B 25 -5.31 -0.45 14.36
N VAL B 26 -6.52 0.09 14.41
CA VAL B 26 -7.18 0.60 13.20
C VAL B 26 -7.00 2.11 13.13
N SER B 27 -6.81 2.75 14.29
CA SER B 27 -6.70 4.20 14.32
C SER B 27 -5.41 4.68 13.68
N TRP B 28 -4.34 3.90 13.79
CA TRP B 28 -3.01 4.29 13.31
C TRP B 28 -2.63 3.59 12.01
N LEU B 29 -3.62 3.12 11.25
CA LEU B 29 -3.33 2.44 9.98
C LEU B 29 -2.59 3.37 9.03
N SER B 30 -2.88 4.67 9.08
CA SER B 30 -2.20 5.62 8.22
C SER B 30 -0.69 5.62 8.49
N THR B 31 -0.30 5.75 9.76
CA THR B 31 1.11 5.72 10.09
C THR B 31 1.73 4.38 9.72
N ILE B 32 1.00 3.29 9.93
CA ILE B 32 1.53 1.98 9.59
C ILE B 32 1.84 1.90 8.10
N GLY B 33 0.91 2.36 7.26
CA GLY B 33 1.14 2.35 5.82
C GLY B 33 2.30 3.22 5.39
N ILE B 34 2.41 4.43 5.97
CA ILE B 34 3.55 5.27 5.65
C ILE B 34 4.85 4.55 5.99
N THR B 35 4.90 3.93 7.17
CA THR B 35 6.11 3.22 7.59
C THR B 35 6.46 2.13 6.60
N LEU B 36 5.48 1.30 6.23
CA LEU B 36 5.77 0.19 5.32
C LEU B 36 6.29 0.69 3.98
N GLY B 37 5.62 1.70 3.41
CA GLY B 37 6.05 2.21 2.12
C GLY B 37 7.47 2.77 2.17
N VAL B 38 7.76 3.58 3.18
CA VAL B 38 9.09 4.17 3.28
C VAL B 38 10.14 3.09 3.45
N MET B 39 9.87 2.10 4.30
CA MET B 39 10.84 1.02 4.51
C MET B 39 11.14 0.31 3.21
N ALA B 40 10.10 -0.09 2.47
CA ALA B 40 10.31 -0.82 1.23
C ALA B 40 11.12 0.00 0.24
N LEU B 41 10.75 1.27 0.06
CA LEU B 41 11.45 2.10 -0.92
C LEU B 41 12.92 2.28 -0.52
N VAL B 42 13.18 2.54 0.75
CA VAL B 42 14.55 2.76 1.19
C VAL B 42 15.39 1.51 0.97
N THR B 43 14.86 0.34 1.34
CA THR B 43 15.61 -0.89 1.16
C THR B 43 15.93 -1.12 -0.31
N VAL B 44 14.93 -0.95 -1.18
CA VAL B 44 15.15 -1.21 -2.60
C VAL B 44 16.20 -0.27 -3.16
N LEU B 45 16.09 1.02 -2.84
CA LEU B 45 17.05 1.99 -3.36
C LEU B 45 18.46 1.70 -2.87
N SER B 46 18.60 1.37 -1.59
CA SER B 46 19.93 1.10 -1.05
C SER B 46 20.55 -0.12 -1.72
N VAL B 47 19.76 -1.18 -1.91
CA VAL B 47 20.30 -2.39 -2.51
C VAL B 47 20.68 -2.15 -3.97
N MET B 48 19.86 -1.37 -4.69
CA MET B 48 20.21 -1.07 -6.07
C MET B 48 21.49 -0.25 -6.16
N ASN B 49 21.66 0.73 -5.26
CA ASN B 49 22.89 1.50 -5.25
C ASN B 49 24.09 0.61 -4.95
N GLY B 50 23.94 -0.31 -4.01
CA GLY B 50 25.01 -1.24 -3.72
C GLY B 50 25.36 -2.11 -4.92
N PHE B 51 24.33 -2.57 -5.65
CA PHE B 51 24.59 -3.36 -6.85
C PHE B 51 25.38 -2.55 -7.87
N GLU B 52 24.98 -1.30 -8.08
CA GLU B 52 25.69 -0.46 -9.04
C GLU B 52 27.14 -0.26 -8.62
N ARG B 53 27.38 -0.02 -7.33
CA ARG B 53 28.74 0.16 -6.85
C ARG B 53 29.57 -1.11 -7.05
N GLU B 54 28.97 -2.28 -6.75
CA GLU B 54 29.68 -3.54 -6.94
C GLU B 54 30.08 -3.72 -8.39
N LEU B 55 29.14 -3.51 -9.31
CA LEU B 55 29.47 -3.65 -10.73
C LEU B 55 30.56 -2.65 -11.12
N GLN B 56 30.47 -1.42 -10.61
CA GLN B 56 31.44 -0.40 -10.98
C GLN B 56 32.84 -0.78 -10.54
N ASN B 57 32.99 -1.32 -9.34
CA ASN B 57 34.29 -1.53 -8.73
C ASN B 57 34.85 -2.93 -8.95
N ASN B 58 34.12 -3.96 -8.50
CA ASN B 58 34.70 -5.30 -8.43
C ASN B 58 34.91 -5.94 -9.79
N ILE B 59 34.37 -5.38 -10.86
CA ILE B 59 34.51 -5.98 -12.19
C ILE B 59 35.16 -4.98 -13.13
N LEU B 60 34.52 -3.83 -13.32
CA LEU B 60 34.99 -2.84 -14.29
C LEU B 60 36.12 -1.97 -13.73
N GLY B 61 36.39 -2.03 -12.44
CA GLY B 61 37.43 -1.18 -11.87
C GLY B 61 38.81 -1.54 -12.37
N LEU B 62 39.11 -2.84 -12.44
CA LEU B 62 40.46 -3.26 -12.79
C LEU B 62 40.74 -3.06 -14.28
N MET B 63 39.80 -3.42 -15.14
CA MET B 63 40.03 -3.38 -16.57
C MET B 63 39.99 -1.93 -17.09
N PRO B 64 40.62 -1.67 -18.23
CA PRO B 64 40.54 -0.34 -18.82
C PRO B 64 39.10 0.02 -19.17
N GLN B 65 38.80 1.31 -19.05
CA GLN B 65 37.43 1.79 -19.22
C GLN B 65 37.25 2.77 -20.37
N ALA B 66 38.29 3.43 -20.84
CA ALA B 66 38.15 4.39 -21.92
C ALA B 66 39.54 4.80 -22.40
N ILE B 67 39.64 5.08 -23.70
CA ILE B 67 40.90 5.48 -24.32
C ILE B 67 40.60 6.48 -25.42
N LEU B 68 41.50 7.43 -25.60
CA LEU B 68 41.43 8.40 -26.68
C LEU B 68 42.76 8.44 -27.42
N SER B 69 42.69 8.69 -28.72
CA SER B 69 43.89 8.76 -29.55
C SER B 69 43.50 9.35 -30.91
N SER B 70 44.42 9.32 -31.85
CA SER B 70 44.22 9.82 -33.20
C SER B 70 44.34 8.66 -34.18
N GLU B 71 44.36 8.98 -35.47
CA GLU B 71 44.34 7.96 -36.51
C GLU B 71 45.66 7.20 -36.50
N HIS B 72 45.66 6.02 -35.90
CA HIS B 72 46.75 5.05 -35.89
C HIS B 72 47.86 5.40 -34.91
N GLY B 73 47.79 6.53 -34.22
CA GLY B 73 48.82 6.86 -33.26
C GLY B 73 48.77 8.33 -32.89
N SER B 74 49.63 8.69 -31.94
CA SER B 74 49.76 10.04 -31.43
C SER B 74 51.00 10.70 -32.01
N LEU B 75 51.25 11.94 -31.57
CA LEU B 75 52.41 12.71 -31.99
C LEU B 75 53.44 12.76 -30.87
N ASN B 76 54.56 13.44 -31.14
CA ASN B 76 55.67 13.41 -30.20
C ASN B 76 55.29 13.94 -28.83
N PRO B 77 54.59 15.11 -28.68
CA PRO B 77 54.08 15.52 -27.36
C PRO B 77 52.80 14.79 -26.95
N GLN B 78 52.79 13.48 -27.14
CA GLN B 78 51.64 12.64 -26.78
C GLN B 78 50.37 13.08 -27.51
N GLN B 79 50.52 13.85 -28.59
CA GLN B 79 49.41 14.39 -29.38
C GLN B 79 48.69 15.51 -28.64
N LEU B 80 49.01 15.71 -27.35
CA LEU B 80 48.38 16.77 -26.57
C LEU B 80 48.99 16.79 -25.17
N PRO B 81 48.94 17.93 -24.48
CA PRO B 81 49.31 17.92 -23.06
C PRO B 81 48.13 17.57 -22.18
N GLU B 82 48.33 17.58 -20.86
CA GLU B 82 47.24 17.24 -19.94
C GLU B 82 46.05 18.17 -20.10
N THR B 83 46.25 19.37 -20.65
CA THR B 83 45.16 20.31 -20.81
C THR B 83 44.11 19.76 -21.77
N ALA B 84 42.84 20.11 -21.51
CA ALA B 84 41.73 19.69 -22.34
C ALA B 84 41.64 18.16 -22.41
N VAL B 85 42.03 17.49 -21.33
CA VAL B 85 41.89 16.05 -21.21
C VAL B 85 40.84 15.66 -20.17
N LYS B 86 40.48 16.54 -19.24
CA LYS B 86 39.52 16.25 -18.21
C LYS B 86 38.15 16.78 -18.63
N LEU B 87 37.19 15.89 -18.78
CA LEU B 87 35.84 16.25 -19.20
C LEU B 87 34.81 15.98 -18.10
N ASP B 88 34.72 14.74 -17.62
CA ASP B 88 33.72 14.38 -16.63
C ASP B 88 34.23 13.21 -15.81
N GLY B 89 33.80 13.16 -14.54
CA GLY B 89 34.19 12.08 -13.66
C GLY B 89 35.50 12.34 -12.95
N VAL B 90 35.99 11.29 -12.31
CA VAL B 90 37.29 11.31 -11.65
C VAL B 90 38.27 10.62 -12.60
N ASN B 91 38.94 11.41 -13.42
CA ASN B 91 39.82 10.90 -14.46
C ASN B 91 41.27 10.96 -14.00
N ARG B 92 41.97 9.84 -14.13
CA ARG B 92 43.39 9.75 -13.84
C ARG B 92 44.13 9.51 -15.14
N VAL B 93 45.20 10.27 -15.37
CA VAL B 93 45.93 10.24 -16.62
C VAL B 93 47.09 9.26 -16.50
N ALA B 94 47.18 8.32 -17.43
CA ALA B 94 48.24 7.32 -17.43
C ALA B 94 48.43 6.78 -18.85
N PRO B 95 49.63 6.86 -19.41
CA PRO B 95 49.84 6.32 -20.75
C PRO B 95 49.59 4.82 -20.79
N ILE B 96 49.07 4.35 -21.92
CA ILE B 96 48.74 2.95 -22.09
C ILE B 96 48.83 2.59 -23.57
N THR B 97 49.13 1.32 -23.85
CA THR B 97 49.30 0.80 -25.20
C THR B 97 48.51 -0.49 -25.38
N THR B 98 47.24 -0.46 -24.97
CA THR B 98 46.42 -1.66 -25.02
C THR B 98 46.34 -2.20 -26.45
N GLY B 99 46.45 -3.52 -26.57
CA GLY B 99 46.37 -4.17 -27.86
C GLY B 99 46.29 -5.68 -27.76
N ASP B 100 45.38 -6.29 -28.51
CA ASP B 100 45.22 -7.74 -28.47
C ASP B 100 46.48 -8.42 -29.00
N VAL B 101 46.87 -9.52 -28.34
CA VAL B 101 48.07 -10.25 -28.70
C VAL B 101 47.81 -11.74 -28.52
N VAL B 102 48.66 -12.55 -29.16
CA VAL B 102 48.59 -14.00 -29.11
C VAL B 102 49.77 -14.49 -28.29
N LEU B 103 49.47 -15.17 -27.17
CA LEU B 103 50.50 -15.68 -26.27
C LEU B 103 50.67 -17.17 -26.52
N GLN B 104 51.40 -17.49 -27.59
CA GLN B 104 51.67 -18.89 -27.91
C GLN B 104 52.52 -19.53 -26.83
N SER B 105 52.14 -20.75 -26.44
CA SER B 105 52.84 -21.47 -25.38
C SER B 105 53.02 -22.92 -25.81
N ALA B 106 54.05 -23.55 -25.25
CA ALA B 106 54.33 -24.95 -25.58
C ALA B 106 53.19 -25.85 -25.14
N ARG B 107 52.68 -25.65 -23.92
CA ARG B 107 51.60 -26.49 -23.42
C ARG B 107 50.33 -26.30 -24.26
N SER B 108 49.99 -25.06 -24.59
CA SER B 108 48.79 -24.77 -25.36
C SER B 108 48.83 -23.32 -25.82
N VAL B 109 48.40 -23.09 -27.05
CA VAL B 109 48.34 -21.74 -27.60
C VAL B 109 47.13 -21.02 -27.03
N ALA B 110 47.33 -19.76 -26.63
CA ALA B 110 46.26 -18.96 -26.05
C ALA B 110 46.39 -17.52 -26.55
N VAL B 111 45.32 -16.76 -26.36
CA VAL B 111 45.23 -15.38 -26.81
C VAL B 111 44.78 -14.51 -25.66
N GLY B 112 45.13 -13.23 -25.74
CA GLY B 112 44.77 -12.31 -24.68
C GLY B 112 45.20 -10.90 -25.02
N VAL B 113 44.90 -9.98 -24.12
CA VAL B 113 45.22 -8.57 -24.28
C VAL B 113 46.27 -8.19 -23.25
N MET B 114 46.84 -6.99 -23.39
CA MET B 114 47.89 -6.51 -22.50
C MET B 114 47.71 -5.02 -22.25
N LEU B 115 48.44 -4.53 -21.25
CA LEU B 115 48.45 -3.13 -20.87
C LEU B 115 49.89 -2.62 -20.84
N GLY B 116 50.15 -1.54 -21.57
CA GLY B 116 51.46 -0.94 -21.59
C GLY B 116 51.65 0.12 -20.51
N ILE B 117 51.81 -0.32 -19.26
CA ILE B 117 51.93 0.60 -18.14
C ILE B 117 53.41 0.85 -17.85
N ASP B 118 53.68 1.94 -17.11
CA ASP B 118 55.03 2.27 -16.70
C ASP B 118 55.27 1.91 -15.25
N PRO B 119 56.49 1.46 -14.89
CA PRO B 119 56.73 1.11 -13.48
C PRO B 119 56.60 2.28 -12.53
N ALA B 120 56.80 3.51 -13.01
CA ALA B 120 56.81 4.66 -12.12
C ALA B 120 55.46 4.85 -11.43
N GLN B 121 54.38 4.73 -12.17
CA GLN B 121 53.05 5.00 -11.66
C GLN B 121 52.35 3.71 -11.22
N LYS B 122 51.44 3.85 -10.27
CA LYS B 122 50.66 2.72 -9.79
C LYS B 122 49.52 2.41 -10.76
N ASP B 123 48.81 1.33 -10.48
CA ASP B 123 47.64 0.94 -11.26
C ASP B 123 46.77 0.06 -10.39
N PRO B 124 45.56 -0.26 -10.85
CA PRO B 124 44.73 -1.19 -10.06
C PRO B 124 45.41 -2.53 -9.79
N LEU B 125 46.32 -2.95 -10.67
CA LEU B 125 46.92 -4.28 -10.59
C LEU B 125 48.25 -4.31 -9.86
N THR B 126 48.82 -3.15 -9.49
CA THR B 126 50.12 -3.17 -8.82
C THR B 126 50.09 -3.89 -7.47
N PRO B 127 49.09 -3.70 -6.60
CA PRO B 127 49.15 -4.36 -5.29
C PRO B 127 48.99 -5.86 -5.37
N TYR B 128 48.40 -6.38 -6.45
CA TYR B 128 48.16 -7.81 -6.57
C TYR B 128 49.42 -8.59 -6.94
N LEU B 129 50.45 -7.92 -7.43
CA LEU B 129 51.65 -8.63 -7.86
C LEU B 129 52.37 -9.23 -6.66
N VAL B 130 52.94 -10.42 -6.87
CA VAL B 130 53.62 -11.16 -5.82
C VAL B 130 54.91 -11.73 -6.37
N ASN B 131 55.96 -11.70 -5.54
CA ASN B 131 57.26 -12.28 -5.90
C ASN B 131 57.79 -11.68 -7.20
N VAL B 132 57.81 -10.35 -7.27
CA VAL B 132 58.29 -9.64 -8.44
C VAL B 132 58.53 -8.19 -8.06
N LYS B 133 59.44 -7.54 -8.78
CA LYS B 133 59.79 -6.14 -8.54
C LYS B 133 59.06 -5.27 -9.57
N GLN B 134 57.81 -4.94 -9.25
CA GLN B 134 57.03 -4.08 -10.14
C GLN B 134 57.66 -2.70 -10.25
N THR B 135 58.06 -2.12 -9.13
CA THR B 135 58.61 -0.77 -9.14
C THR B 135 59.89 -0.70 -9.95
N ASP B 136 60.78 -1.68 -9.78
CA ASP B 136 62.05 -1.73 -10.51
C ASP B 136 61.88 -2.72 -11.67
N LEU B 137 61.27 -2.24 -12.75
CA LEU B 137 60.97 -3.05 -13.92
C LEU B 137 61.47 -2.31 -15.16
N GLU B 138 62.74 -2.52 -15.48
CA GLU B 138 63.31 -2.02 -16.72
C GLU B 138 62.87 -2.91 -17.87
N PRO B 139 63.03 -2.46 -19.12
CA PRO B 139 62.63 -3.30 -20.25
C PRO B 139 63.23 -4.69 -20.21
N GLY B 140 64.50 -4.80 -19.85
CA GLY B 140 65.11 -6.12 -19.68
C GLY B 140 64.92 -7.03 -20.86
N LYS B 141 65.06 -6.49 -22.08
CA LYS B 141 64.79 -7.23 -23.31
C LYS B 141 63.32 -7.66 -23.33
N TYR B 142 62.43 -6.68 -23.24
CA TYR B 142 60.98 -6.89 -23.34
C TYR B 142 60.51 -7.86 -22.25
N ASN B 143 60.66 -7.42 -21.00
CA ASN B 143 60.20 -8.20 -19.86
C ASN B 143 58.72 -7.98 -19.62
N VAL B 144 58.04 -9.04 -19.18
CA VAL B 144 56.59 -9.01 -18.93
C VAL B 144 56.29 -9.71 -17.62
N ILE B 145 55.07 -9.50 -17.14
CA ILE B 145 54.53 -10.19 -15.98
C ILE B 145 53.13 -10.67 -16.31
N LEU B 146 52.87 -11.95 -16.04
CA LEU B 146 51.55 -12.53 -16.31
C LEU B 146 51.51 -13.93 -15.73
N GLY B 147 50.33 -14.34 -15.29
CA GLY B 147 50.14 -15.69 -14.81
C GLY B 147 49.02 -15.76 -13.79
N GLU B 148 48.99 -16.89 -13.09
CA GLU B 148 48.02 -17.31 -12.08
C GLU B 148 46.71 -17.76 -12.73
N GLN B 149 46.50 -17.50 -14.02
CA GLN B 149 45.40 -18.12 -14.75
C GLN B 149 45.76 -18.51 -16.17
N LEU B 150 46.85 -18.00 -16.74
CA LEU B 150 47.24 -18.29 -18.11
C LEU B 150 48.58 -19.01 -18.18
N ALA B 151 49.64 -18.44 -17.60
CA ALA B 151 50.93 -19.12 -17.60
C ALA B 151 50.92 -20.33 -16.67
N SER B 152 50.41 -20.15 -15.45
CA SER B 152 50.37 -21.25 -14.49
C SER B 152 49.47 -22.37 -14.98
N GLN B 153 48.30 -22.02 -15.52
CA GLN B 153 47.35 -22.99 -16.04
C GLN B 153 47.22 -22.80 -17.55
N LEU B 154 47.52 -23.86 -18.31
CA LEU B 154 47.46 -23.82 -19.77
C LEU B 154 48.41 -22.74 -20.31
N GLY B 155 49.68 -22.87 -19.95
CA GLY B 155 50.68 -21.91 -20.39
C GLY B 155 52.06 -22.45 -20.14
N VAL B 156 53.05 -21.59 -20.43
CA VAL B 156 54.46 -21.95 -20.24
C VAL B 156 54.92 -21.77 -18.81
N ASN B 157 54.03 -21.39 -17.89
CA ASN B 157 54.39 -21.19 -16.49
C ASN B 157 55.44 -20.10 -16.34
N ARG B 158 55.76 -19.75 -15.09
CA ARG B 158 56.75 -18.70 -14.87
C ARG B 158 58.11 -19.13 -15.39
N GLY B 159 58.82 -18.18 -16.00
CA GLY B 159 60.10 -18.46 -16.61
C GLY B 159 59.97 -19.12 -17.97
N ASP B 160 61.12 -19.39 -18.57
CA ASP B 160 61.25 -20.04 -19.87
C ASP B 160 60.81 -19.15 -21.02
N GLN B 161 60.46 -17.89 -20.76
CA GLN B 161 60.06 -16.96 -21.82
C GLN B 161 58.80 -17.44 -22.52
N ILE B 162 58.16 -16.54 -23.29
CA ILE B 162 56.91 -16.84 -23.98
C ILE B 162 56.85 -16.01 -25.26
N ARG B 163 56.00 -16.45 -26.18
CA ARG B 163 55.82 -15.76 -27.45
C ARG B 163 54.74 -14.69 -27.34
N VAL B 164 54.94 -13.60 -28.06
CA VAL B 164 53.97 -12.51 -28.12
C VAL B 164 53.87 -12.04 -29.56
N MET B 165 52.63 -11.88 -30.04
CA MET B 165 52.38 -11.51 -31.43
C MET B 165 51.34 -10.39 -31.49
N VAL B 166 51.49 -9.52 -32.47
CA VAL B 166 50.55 -8.46 -32.77
C VAL B 166 50.09 -8.61 -34.21
N PRO B 167 48.90 -9.16 -34.45
CA PRO B 167 48.44 -9.32 -35.83
C PRO B 167 48.39 -8.01 -36.61
N SER B 168 48.06 -6.90 -35.96
CA SER B 168 47.97 -5.61 -36.62
C SER B 168 49.38 -5.08 -36.87
N ALA B 169 49.98 -5.56 -37.96
CA ALA B 169 51.31 -5.14 -38.35
C ALA B 169 51.61 -5.55 -39.78
N SER B 170 52.14 -4.62 -40.57
CA SER B 170 52.49 -4.85 -41.97
C SER B 170 54.01 -4.80 -42.10
N GLN B 171 54.65 -5.95 -41.89
CA GLN B 171 56.11 -6.03 -41.97
C GLN B 171 56.57 -6.45 -43.35
N PHE B 172 56.04 -7.55 -43.88
CA PHE B 172 56.39 -8.05 -45.20
C PHE B 172 55.10 -8.35 -45.96
N THR B 173 54.72 -7.44 -46.85
CA THR B 173 53.48 -7.52 -47.61
C THR B 173 53.40 -8.75 -48.50
N PRO B 174 54.48 -9.11 -49.20
CA PRO B 174 54.38 -10.24 -50.16
C PRO B 174 53.65 -11.46 -49.64
N MET B 175 54.06 -12.00 -48.49
CA MET B 175 53.33 -13.12 -47.89
C MET B 175 52.07 -12.60 -47.22
N GLY B 176 51.39 -13.45 -46.45
CA GLY B 176 50.12 -13.09 -45.86
C GLY B 176 50.24 -12.13 -44.69
N ARG B 177 50.82 -10.95 -44.94
CA ARG B 177 50.91 -9.89 -43.94
C ARG B 177 51.50 -10.43 -42.63
N ILE B 178 52.77 -10.83 -42.73
CA ILE B 178 53.48 -11.38 -41.58
C ILE B 178 53.45 -10.37 -40.45
N PRO B 179 52.96 -10.71 -39.27
CA PRO B 179 52.87 -9.73 -38.18
C PRO B 179 54.24 -9.50 -37.55
N SER B 180 54.25 -8.63 -36.53
CA SER B 180 55.45 -8.36 -35.75
C SER B 180 55.43 -9.24 -34.50
N GLN B 181 56.52 -9.99 -34.30
CA GLN B 181 56.57 -10.99 -33.24
C GLN B 181 57.97 -11.01 -32.63
N ARG B 182 58.03 -11.43 -31.38
CA ARG B 182 59.30 -11.53 -30.67
C ARG B 182 59.07 -12.32 -29.37
N LEU B 183 60.16 -12.86 -28.84
CA LEU B 183 60.12 -13.64 -27.61
C LEU B 183 60.23 -12.72 -26.41
N PHE B 184 59.33 -12.90 -25.45
CA PHE B 184 59.30 -12.10 -24.23
C PHE B 184 59.60 -12.98 -23.03
N ASN B 185 60.14 -12.37 -21.97
CA ASN B 185 60.59 -13.07 -20.78
C ASN B 185 59.65 -12.79 -19.61
N VAL B 186 59.37 -13.82 -18.83
CA VAL B 186 58.47 -13.73 -17.68
C VAL B 186 59.31 -13.54 -16.42
N ILE B 187 58.91 -12.60 -15.57
CA ILE B 187 59.62 -12.32 -14.33
C ILE B 187 58.66 -12.35 -13.16
N GLY B 188 57.44 -12.82 -13.38
CA GLY B 188 56.47 -12.88 -12.31
C GLY B 188 55.14 -13.41 -12.80
N THR B 189 54.18 -13.49 -11.88
CA THR B 189 52.85 -13.98 -12.19
C THR B 189 51.86 -13.28 -11.27
N PHE B 190 51.10 -12.34 -11.81
CA PHE B 190 50.13 -11.61 -11.00
C PHE B 190 48.96 -12.52 -10.64
N ALA B 191 48.49 -12.39 -9.40
CA ALA B 191 47.34 -13.13 -8.91
C ALA B 191 46.18 -12.16 -8.76
N ALA B 192 45.09 -12.43 -9.47
CA ALA B 192 43.93 -11.54 -9.50
C ALA B 192 42.67 -12.32 -9.16
N ASN B 193 41.72 -11.62 -8.53
CA ASN B 193 40.43 -12.18 -8.15
C ASN B 193 39.32 -11.80 -9.11
N SER B 194 39.66 -11.24 -10.28
CA SER B 194 38.69 -10.83 -11.28
C SER B 194 39.01 -11.55 -12.60
N GLU B 195 38.31 -11.14 -13.66
CA GLU B 195 38.54 -11.72 -14.98
C GLU B 195 39.88 -11.30 -15.57
N VAL B 196 40.59 -10.36 -14.93
CA VAL B 196 41.84 -9.88 -15.49
C VAL B 196 42.80 -11.03 -15.74
N ASP B 197 42.94 -11.93 -14.76
CA ASP B 197 43.81 -13.07 -14.94
C ASP B 197 43.23 -14.03 -15.98
N GLY B 198 44.10 -14.57 -16.83
CA GLY B 198 43.70 -15.46 -17.88
C GLY B 198 43.31 -14.79 -19.17
N TYR B 199 43.17 -13.47 -19.17
CA TYR B 199 42.85 -12.71 -20.37
C TYR B 199 43.70 -11.46 -20.53
N GLU B 200 44.49 -11.10 -19.52
CA GLU B 200 45.25 -9.86 -19.54
C GLU B 200 46.67 -10.12 -19.05
N MET B 201 47.59 -9.26 -19.46
CA MET B 201 48.98 -9.38 -19.05
C MET B 201 49.59 -7.99 -18.99
N LEU B 202 50.68 -7.88 -18.24
CA LEU B 202 51.38 -6.61 -18.03
C LEU B 202 52.69 -6.60 -18.81
N VAL B 203 52.97 -5.48 -19.46
CA VAL B 203 54.21 -5.28 -20.19
C VAL B 203 54.80 -3.94 -19.78
N ASN B 204 56.12 -3.84 -19.89
CA ASN B 204 56.80 -2.58 -19.64
C ASN B 204 56.29 -1.50 -20.57
N ILE B 205 56.49 -0.24 -20.16
CA ILE B 205 56.12 0.88 -21.02
C ILE B 205 57.14 1.00 -22.14
N GLU B 206 56.67 1.44 -23.30
CA GLU B 206 57.41 1.68 -24.53
C GLU B 206 57.77 0.38 -25.25
N ASP B 207 57.63 -0.78 -24.63
CA ASP B 207 57.92 -2.02 -25.35
C ASP B 207 56.84 -2.33 -26.38
N ALA B 208 55.57 -2.12 -26.01
CA ALA B 208 54.51 -2.26 -26.98
C ALA B 208 54.66 -1.23 -28.10
N SER B 209 55.13 -0.03 -27.79
CA SER B 209 55.34 0.98 -28.81
C SER B 209 56.42 0.54 -29.80
N ARG B 210 57.54 0.04 -29.29
CA ARG B 210 58.59 -0.46 -30.18
C ARG B 210 58.09 -1.65 -31.00
N LEU B 211 57.36 -2.56 -30.37
CA LEU B 211 56.89 -3.76 -31.06
C LEU B 211 55.90 -3.39 -32.16
N MET B 212 55.00 -2.46 -31.89
CA MET B 212 53.92 -2.11 -32.81
C MET B 212 54.41 -1.06 -33.81
N ARG B 213 53.48 -0.47 -34.55
CA ARG B 213 53.79 0.53 -35.55
C ARG B 213 54.00 1.88 -34.84
N TYR B 214 54.06 2.96 -35.63
CA TYR B 214 54.17 4.35 -35.19
C TYR B 214 55.42 4.56 -34.36
N PRO B 215 55.89 5.81 -34.25
CA PRO B 215 57.21 6.05 -33.64
C PRO B 215 57.27 5.62 -32.18
N ALA B 216 58.45 5.20 -31.76
CA ALA B 216 58.69 4.89 -30.36
C ALA B 216 58.55 6.15 -29.52
N GLY B 217 58.02 5.99 -28.31
CA GLY B 217 57.75 7.09 -27.42
C GLY B 217 56.29 7.51 -27.39
N ASN B 218 55.50 7.07 -28.36
CA ASN B 218 54.07 7.33 -28.41
C ASN B 218 53.30 6.17 -27.79
N ILE B 219 52.00 6.35 -27.67
CA ILE B 219 51.11 5.38 -27.04
C ILE B 219 49.83 5.28 -27.85
N THR B 220 49.02 4.27 -27.53
CA THR B 220 47.74 4.07 -28.19
C THR B 220 46.64 4.94 -27.59
N GLY B 221 46.90 5.64 -26.51
CA GLY B 221 45.92 6.55 -25.93
C GLY B 221 46.11 6.66 -24.43
N TRP B 222 45.10 7.22 -23.78
CA TRP B 222 45.14 7.55 -22.37
C TRP B 222 43.97 6.90 -21.64
N ARG B 223 44.26 6.22 -20.53
CA ARG B 223 43.19 5.70 -19.68
C ARG B 223 42.40 6.85 -19.08
N LEU B 224 41.09 6.64 -18.94
CA LEU B 224 40.20 7.65 -18.37
C LEU B 224 39.27 6.96 -17.38
N TRP B 225 39.55 7.16 -16.09
CA TRP B 225 38.68 6.59 -15.06
C TRP B 225 37.37 7.36 -15.00
N LEU B 226 36.27 6.62 -14.83
CA LEU B 226 34.93 7.19 -14.86
C LEU B 226 34.26 7.02 -13.50
N ASP B 227 33.56 8.06 -13.07
CA ASP B 227 32.81 7.97 -11.82
C ASP B 227 31.54 7.15 -11.99
N GLU B 228 30.96 7.14 -13.19
CA GLU B 228 29.75 6.38 -13.49
C GLU B 228 29.97 5.57 -14.76
N PRO B 229 30.82 4.54 -14.70
CA PRO B 229 30.97 3.65 -15.85
C PRO B 229 29.68 2.94 -16.20
N LEU B 230 28.74 2.79 -15.26
CA LEU B 230 27.44 2.20 -15.56
C LEU B 230 26.73 2.99 -16.64
N LYS B 231 26.88 4.32 -16.63
CA LYS B 231 26.20 5.21 -17.56
C LYS B 231 27.20 5.85 -18.52
N VAL B 232 28.17 5.06 -18.99
CA VAL B 232 29.19 5.56 -19.89
C VAL B 232 28.64 5.97 -21.24
N ASP B 233 27.36 5.68 -21.53
CA ASP B 233 26.78 6.07 -22.80
C ASP B 233 26.85 7.59 -22.99
N SER B 234 26.53 8.34 -21.94
CA SER B 234 26.56 9.80 -22.05
C SER B 234 27.94 10.29 -22.44
N LEU B 235 28.99 9.74 -21.81
CA LEU B 235 30.35 10.14 -22.16
C LEU B 235 30.67 9.80 -23.61
N SER B 236 30.28 8.60 -24.06
CA SER B 236 30.55 8.20 -25.43
C SER B 236 29.82 9.10 -26.43
N GLN B 237 28.57 9.45 -26.13
CA GLN B 237 27.83 10.33 -27.03
C GLN B 237 28.51 11.69 -27.16
N GLN B 238 28.97 12.24 -26.05
CA GLN B 238 29.70 13.50 -26.09
C GLN B 238 31.03 13.33 -26.82
N LYS B 239 31.38 14.33 -27.62
CA LYS B 239 32.62 14.33 -28.37
C LYS B 239 33.60 15.29 -27.70
N LEU B 240 34.77 14.77 -27.33
CA LEU B 240 35.75 15.58 -26.62
C LEU B 240 36.34 16.64 -27.55
N PRO B 241 36.80 17.77 -27.00
CA PRO B 241 37.21 18.88 -27.88
C PRO B 241 38.29 18.52 -28.88
N GLU B 242 39.27 17.70 -28.49
CA GLU B 242 40.36 17.38 -29.40
C GLU B 242 39.90 16.56 -30.60
N GLY B 243 38.70 15.98 -30.55
CA GLY B 243 38.20 15.15 -31.63
C GLY B 243 38.69 13.71 -31.61
N SER B 244 39.49 13.33 -30.61
CA SER B 244 39.99 11.96 -30.53
C SER B 244 38.84 10.99 -30.37
N LYS B 245 38.95 9.83 -31.02
CA LYS B 245 37.92 8.81 -30.91
C LYS B 245 37.83 8.30 -29.47
N TRP B 246 36.60 8.02 -29.04
CA TRP B 246 36.33 7.59 -27.66
C TRP B 246 36.18 6.07 -27.67
N GLN B 247 37.21 5.37 -27.21
CA GLN B 247 37.10 3.94 -26.97
C GLN B 247 36.49 3.70 -25.59
N ASP B 248 35.91 2.53 -25.42
CA ASP B 248 35.17 2.23 -24.20
C ASP B 248 35.18 0.74 -23.93
N TRP B 249 34.91 0.39 -22.67
CA TRP B 249 34.88 -1.02 -22.27
C TRP B 249 33.70 -1.77 -22.87
N ARG B 250 32.63 -1.06 -23.24
CA ARG B 250 31.46 -1.73 -23.81
C ARG B 250 31.80 -2.49 -25.09
N ASP B 251 32.90 -2.15 -25.75
CA ASP B 251 33.29 -2.88 -26.95
C ASP B 251 33.66 -4.33 -26.65
N ARG B 252 33.94 -4.66 -25.39
CA ARG B 252 34.30 -6.02 -25.00
C ARG B 252 33.20 -6.68 -24.18
N LYS B 253 32.80 -6.07 -23.06
CA LYS B 253 31.76 -6.62 -22.21
C LYS B 253 30.41 -5.95 -22.51
N GLY B 254 29.92 -6.15 -23.73
CA GLY B 254 28.64 -5.60 -24.10
C GLY B 254 27.47 -6.36 -23.50
N GLU B 255 27.62 -7.67 -23.33
CA GLU B 255 26.54 -8.47 -22.77
C GLU B 255 26.21 -8.01 -21.36
N LEU B 256 27.24 -7.79 -20.53
CA LEU B 256 27.02 -7.33 -19.17
C LEU B 256 26.35 -5.96 -19.17
N PHE B 257 26.78 -5.07 -20.06
CA PHE B 257 26.19 -3.73 -20.14
C PHE B 257 24.72 -3.81 -20.47
N GLN B 258 24.36 -4.58 -21.49
CA GLN B 258 22.96 -4.70 -21.87
C GLN B 258 22.14 -5.34 -20.74
N ALA B 259 22.68 -6.38 -20.11
CA ALA B 259 21.96 -7.05 -19.04
C ALA B 259 21.71 -6.10 -17.87
N VAL B 260 22.71 -5.33 -17.48
CA VAL B 260 22.53 -4.41 -16.36
C VAL B 260 21.55 -3.30 -16.73
N ARG B 261 21.60 -2.83 -17.98
CA ARG B 261 20.65 -1.81 -18.41
C ARG B 261 19.23 -2.33 -18.30
N MET B 262 18.97 -3.53 -18.82
CA MET B 262 17.63 -4.09 -18.76
C MET B 262 17.19 -4.31 -17.32
N GLU B 263 18.09 -4.84 -16.48
CA GLU B 263 17.76 -5.10 -15.09
C GLU B 263 17.41 -3.81 -14.36
N LYS B 264 18.20 -2.75 -14.57
CA LYS B 264 17.90 -1.47 -13.93
C LYS B 264 16.57 -0.91 -14.41
N ASN B 265 16.29 -1.03 -15.71
CA ASN B 265 15.03 -0.53 -16.24
C ASN B 265 13.84 -1.22 -15.57
N MET B 266 13.87 -2.55 -15.54
CA MET B 266 12.73 -3.27 -15.00
C MET B 266 12.64 -3.14 -13.48
N MET B 267 13.79 -2.96 -12.80
CA MET B 267 13.74 -2.66 -11.38
C MET B 267 13.12 -1.29 -11.13
N GLY B 268 13.40 -0.32 -11.99
CA GLY B 268 12.70 0.95 -11.90
C GLY B 268 11.20 0.79 -12.09
N LEU B 269 10.81 -0.11 -12.99
CA LEU B 269 9.38 -0.40 -13.16
C LEU B 269 8.78 -0.95 -11.86
N LEU B 270 9.48 -1.90 -11.23
CA LEU B 270 8.98 -2.45 -9.96
C LEU B 270 8.88 -1.36 -8.89
N LEU B 271 9.88 -0.48 -8.84
CA LEU B 271 9.84 0.63 -7.89
C LEU B 271 8.65 1.53 -8.16
N SER B 272 8.34 1.77 -9.44
CA SER B 272 7.15 2.55 -9.78
C SER B 272 5.89 1.88 -9.26
N LEU B 273 5.79 0.56 -9.41
CA LEU B 273 4.65 -0.16 -8.85
C LEU B 273 4.54 0.08 -7.36
N ILE B 274 5.66 -0.08 -6.64
CA ILE B 274 5.67 0.13 -5.20
C ILE B 274 5.15 1.52 -4.86
N VAL B 275 5.69 2.53 -5.55
CA VAL B 275 5.33 3.91 -5.25
C VAL B 275 3.85 4.15 -5.49
N ALA B 276 3.33 3.66 -6.61
CA ALA B 276 1.92 3.87 -6.92
C ALA B 276 1.04 3.27 -5.85
N VAL B 277 1.31 2.02 -5.46
CA VAL B 277 0.47 1.37 -4.47
C VAL B 277 0.52 2.12 -3.14
N ALA B 278 1.73 2.46 -2.71
CA ALA B 278 1.87 3.14 -1.42
C ALA B 278 1.14 4.48 -1.42
N ALA B 279 1.32 5.28 -2.48
CA ALA B 279 0.67 6.58 -2.54
C ALA B 279 -0.84 6.44 -2.56
N PHE B 280 -1.36 5.45 -3.29
CA PHE B 280 -2.79 5.19 -3.27
C PHE B 280 -3.26 4.95 -1.85
N ASN B 281 -2.53 4.12 -1.10
CA ASN B 281 -2.93 3.86 0.28
C ASN B 281 -2.93 5.12 1.12
N ILE B 282 -1.90 5.96 0.97
CA ILE B 282 -1.85 7.20 1.73
C ILE B 282 -3.10 8.03 1.48
N ILE B 283 -3.35 8.34 0.20
CA ILE B 283 -4.49 9.18 -0.14
C ILE B 283 -5.77 8.58 0.41
N THR B 284 -5.99 7.29 0.14
CA THR B 284 -7.21 6.63 0.54
C THR B 284 -7.44 6.75 2.05
N SER B 285 -6.45 6.35 2.84
CA SER B 285 -6.64 6.30 4.28
C SER B 285 -6.88 7.69 4.86
N LEU B 286 -6.01 8.65 4.51
CA LEU B 286 -6.16 9.97 5.11
C LEU B 286 -7.46 10.64 4.68
N GLY B 287 -7.83 10.53 3.40
CA GLY B 287 -9.07 11.13 2.94
C GLY B 287 -10.28 10.51 3.61
N LEU B 288 -10.31 9.19 3.75
CA LEU B 288 -11.44 8.56 4.41
C LEU B 288 -11.52 8.96 5.87
N MET B 289 -10.38 9.12 6.55
CA MET B 289 -10.40 9.59 7.93
C MET B 289 -11.04 10.99 8.02
N VAL B 290 -10.56 11.92 7.18
CA VAL B 290 -11.07 13.27 7.21
C VAL B 290 -12.56 13.29 6.91
N MET B 291 -13.00 12.46 5.97
CA MET B 291 -14.43 12.40 5.65
C MET B 291 -15.22 11.74 6.78
N GLU B 292 -14.60 10.81 7.51
CA GLU B 292 -15.28 10.15 8.61
C GLU B 292 -15.60 11.14 9.72
N LYS B 293 -14.72 12.09 9.96
CA LYS B 293 -14.94 13.01 11.09
C LYS B 293 -15.78 14.23 10.73
N GLN B 294 -16.68 14.09 9.74
CA GLN B 294 -17.51 15.21 9.31
C GLN B 294 -18.49 15.64 10.40
N GLY B 295 -19.02 14.71 11.18
CA GLY B 295 -19.93 15.10 12.26
C GLY B 295 -19.26 15.98 13.30
N GLU B 296 -18.04 15.59 13.71
CA GLU B 296 -17.28 16.42 14.62
C GLU B 296 -16.95 17.77 13.98
N VAL B 297 -16.66 17.77 12.68
CA VAL B 297 -16.41 19.03 11.99
C VAL B 297 -17.63 19.93 12.09
N ALA B 298 -18.82 19.36 11.86
CA ALA B 298 -20.04 20.15 11.93
C ALA B 298 -20.27 20.70 13.34
N ILE B 299 -20.05 19.86 14.36
CA ILE B 299 -20.21 20.33 15.74
C ILE B 299 -19.24 21.46 16.02
N LEU B 300 -18.02 21.36 15.48
CA LEU B 300 -17.01 22.37 15.75
C LEU B 300 -17.32 23.68 15.03
N GLN B 301 -17.87 23.60 13.82
CA GLN B 301 -18.09 24.80 13.01
C GLN B 301 -19.14 25.72 13.62
N THR B 302 -20.16 25.15 14.25
CA THR B 302 -21.26 25.96 14.75
C THR B 302 -20.90 26.80 15.97
N GLN B 303 -19.70 26.61 16.54
CA GLN B 303 -19.29 27.32 17.74
C GLN B 303 -17.99 28.09 17.52
N GLY B 304 -17.88 28.77 16.38
CA GLY B 304 -16.87 29.78 16.17
C GLY B 304 -15.70 29.40 15.30
N LEU B 305 -15.56 28.13 14.94
CA LEU B 305 -14.41 27.71 14.13
C LEU B 305 -14.69 27.90 12.64
N THR B 306 -13.79 28.63 11.99
CA THR B 306 -13.94 28.98 10.59
C THR B 306 -13.57 27.81 9.69
N PRO B 307 -14.01 27.85 8.43
CA PRO B 307 -13.59 26.80 7.49
C PRO B 307 -12.08 26.74 7.30
N ARG B 308 -11.39 27.87 7.46
CA ARG B 308 -9.95 27.91 7.28
C ARG B 308 -9.18 27.38 8.47
N GLN B 309 -9.83 27.19 9.62
CA GLN B 309 -9.16 26.69 10.81
C GLN B 309 -9.28 25.18 10.95
N ILE B 310 -10.43 24.61 10.56
CA ILE B 310 -10.59 23.17 10.58
C ILE B 310 -9.59 22.50 9.63
N MET B 311 -9.31 23.15 8.51
CA MET B 311 -8.28 22.66 7.62
C MET B 311 -6.95 22.47 8.37
N MET B 312 -6.57 23.47 9.17
CA MET B 312 -5.38 23.33 10.00
C MET B 312 -5.53 22.21 11.00
N VAL B 313 -6.74 22.04 11.53
CA VAL B 313 -6.99 20.97 12.50
C VAL B 313 -6.64 19.62 11.90
N PHE B 314 -7.06 19.39 10.65
CA PHE B 314 -6.78 18.11 10.01
C PHE B 314 -5.34 18.02 9.51
N MET B 315 -4.77 19.14 9.05
CA MET B 315 -3.39 19.11 8.58
C MET B 315 -2.42 18.81 9.71
N VAL B 316 -2.72 19.25 10.92
CA VAL B 316 -1.85 18.92 12.06
C VAL B 316 -1.79 17.41 12.25
N GLN B 317 -2.97 16.77 12.26
CA GLN B 317 -3.01 15.32 12.41
C GLN B 317 -2.30 14.62 11.27
N GLY B 318 -2.53 15.08 10.04
CA GLY B 318 -1.85 14.49 8.90
C GLY B 318 -0.35 14.59 9.00
N ALA B 319 0.16 15.77 9.38
CA ALA B 319 1.59 15.97 9.51
C ALA B 319 2.18 15.10 10.61
N SER B 320 1.48 14.99 11.74
CA SER B 320 1.99 14.16 12.83
C SER B 320 2.06 12.69 12.41
N ALA B 321 0.99 12.20 11.77
CA ALA B 321 0.99 10.81 11.31
C ALA B 321 2.10 10.58 10.30
N GLY B 322 2.27 11.50 9.35
CA GLY B 322 3.32 11.35 8.38
C GLY B 322 4.70 11.37 9.01
N ILE B 323 4.89 12.22 10.02
CA ILE B 323 6.18 12.29 10.69
C ILE B 323 6.51 10.95 11.34
N ILE B 324 5.57 10.43 12.12
CA ILE B 324 5.80 9.16 12.79
C ILE B 324 6.08 8.07 11.76
N GLY B 325 5.26 8.00 10.72
CA GLY B 325 5.43 6.96 9.72
C GLY B 325 6.77 7.05 9.00
N ALA B 326 7.16 8.27 8.60
CA ALA B 326 8.40 8.44 7.87
C ALA B 326 9.60 8.09 8.73
N ILE B 327 9.61 8.54 9.98
CA ILE B 327 10.75 8.24 10.86
C ILE B 327 10.86 6.73 11.08
N LEU B 328 9.73 6.09 11.40
CA LEU B 328 9.75 4.66 11.63
C LEU B 328 10.20 3.90 10.38
N GLY B 329 9.69 4.32 9.22
CA GLY B 329 10.06 3.65 7.98
C GLY B 329 11.52 3.81 7.65
N ALA B 330 12.06 5.02 7.84
CA ALA B 330 13.47 5.23 7.58
C ALA B 330 14.33 4.36 8.49
N ALA B 331 14.01 4.33 9.79
CA ALA B 331 14.79 3.52 10.71
C ALA B 331 14.73 2.05 10.34
N LEU B 332 13.52 1.53 10.11
CA LEU B 332 13.37 0.11 9.80
C LEU B 332 14.03 -0.24 8.48
N GLY B 333 13.92 0.64 7.49
CA GLY B 333 14.57 0.37 6.20
C GLY B 333 16.07 0.36 6.31
N ALA B 334 16.64 1.30 7.07
CA ALA B 334 18.08 1.30 7.28
C ALA B 334 18.52 0.02 7.96
N LEU B 335 17.80 -0.40 9.00
CA LEU B 335 18.14 -1.64 9.70
C LEU B 335 18.08 -2.84 8.76
N LEU B 336 16.96 -2.98 8.04
CA LEU B 336 16.80 -4.12 7.15
C LEU B 336 17.86 -4.12 6.06
N ALA B 337 18.17 -2.95 5.51
CA ALA B 337 19.21 -2.86 4.50
C ALA B 337 20.55 -3.32 5.07
N SER B 338 20.92 -2.81 6.23
CA SER B 338 22.13 -3.28 6.90
C SER B 338 21.83 -4.44 7.85
N GLN B 339 21.02 -5.38 7.36
CA GLN B 339 20.88 -6.69 7.99
C GLN B 339 20.71 -7.80 6.96
N LEU B 340 20.85 -7.52 5.67
CA LEU B 340 20.53 -8.49 4.63
C LEU B 340 21.66 -9.47 4.34
N ASN B 341 22.88 -9.20 4.81
CA ASN B 341 23.99 -10.09 4.49
C ASN B 341 23.74 -11.49 5.04
N ASN B 342 23.24 -11.58 6.26
CA ASN B 342 22.96 -12.86 6.90
C ASN B 342 21.50 -13.25 6.62
N LEU B 343 21.02 -14.28 7.32
CA LEU B 343 19.63 -14.72 7.23
C LEU B 343 19.35 -15.41 5.90
N MET B 344 20.32 -16.18 5.41
CA MET B 344 20.19 -16.96 4.18
C MET B 344 20.61 -18.39 4.47
N PRO B 345 19.81 -19.13 5.24
CA PRO B 345 20.21 -20.50 5.62
C PRO B 345 20.29 -21.45 4.43
N ILE B 346 19.19 -21.58 3.68
CA ILE B 346 19.13 -22.51 2.57
C ILE B 346 19.12 -21.80 1.22
N ILE B 347 18.49 -20.63 1.12
CA ILE B 347 18.48 -19.89 -0.14
C ILE B 347 19.90 -19.50 -0.52
N GLY B 348 20.72 -19.16 0.48
CA GLY B 348 22.09 -18.75 0.21
C GLY B 348 22.96 -19.87 -0.34
N VAL B 349 22.53 -21.12 -0.20
CA VAL B 349 23.34 -22.24 -0.70
C VAL B 349 23.51 -22.12 -2.20
N LEU B 350 22.41 -21.85 -2.92
CA LEU B 350 22.44 -21.71 -4.36
C LEU B 350 22.33 -20.25 -4.83
N LEU B 351 21.83 -19.36 -3.99
CA LEU B 351 21.71 -17.94 -4.32
C LEU B 351 22.64 -17.17 -3.38
N ASP B 352 23.91 -17.08 -3.77
CA ASP B 352 24.91 -16.39 -2.96
C ASP B 352 25.08 -14.95 -3.43
N GLY B 353 23.96 -14.22 -3.41
CA GLY B 353 23.96 -12.83 -3.82
C GLY B 353 24.26 -11.90 -2.66
N ALA B 354 23.75 -12.24 -1.47
CA ALA B 354 23.93 -11.50 -0.22
C ALA B 354 23.18 -10.18 -0.22
N ALA B 355 22.52 -9.80 -1.31
CA ALA B 355 21.78 -8.54 -1.39
C ALA B 355 22.62 -7.38 -0.85
N LEU B 356 23.74 -7.14 -1.54
CA LEU B 356 24.70 -6.12 -1.13
C LEU B 356 24.00 -4.78 -0.89
N PRO B 357 23.90 -4.34 0.36
CA PRO B 357 23.22 -3.07 0.65
C PRO B 357 24.15 -1.88 0.73
N VAL B 358 23.59 -0.70 0.45
CA VAL B 358 24.29 0.57 0.60
C VAL B 358 23.28 1.59 1.09
N ALA B 359 23.36 1.96 2.37
CA ALA B 359 22.44 2.92 2.97
C ALA B 359 22.98 4.33 2.72
N ILE B 360 22.49 4.96 1.65
CA ILE B 360 22.92 6.32 1.29
C ILE B 360 21.97 7.28 1.99
N GLU B 361 22.30 7.62 3.23
CA GLU B 361 21.47 8.53 4.00
C GLU B 361 21.34 9.91 3.38
N PRO B 362 22.42 10.56 2.89
CA PRO B 362 22.36 11.99 2.57
C PRO B 362 21.11 12.46 1.84
N LEU B 363 20.81 11.88 0.69
CA LEU B 363 19.76 12.40 -0.18
C LEU B 363 18.60 11.45 -0.36
N GLN B 364 18.87 10.19 -0.74
CA GLN B 364 17.79 9.29 -1.12
C GLN B 364 16.80 9.08 0.01
N VAL B 365 17.29 8.90 1.23
CA VAL B 365 16.40 8.61 2.36
C VAL B 365 15.50 9.81 2.65
N ILE B 366 16.07 11.01 2.66
CA ILE B 366 15.31 12.18 3.10
C ILE B 366 14.23 12.54 2.08
N VAL B 367 14.55 12.43 0.79
CA VAL B 367 13.61 12.84 -0.25
C VAL B 367 12.32 12.04 -0.16
N ILE B 368 12.43 10.75 0.12
CA ILE B 368 11.24 9.91 0.24
C ILE B 368 10.35 10.41 1.37
N ALA B 369 10.97 10.72 2.52
CA ALA B 369 10.20 11.21 3.65
C ALA B 369 9.52 12.54 3.33
N LEU B 370 10.23 13.45 2.66
CA LEU B 370 9.63 14.73 2.32
C LEU B 370 8.46 14.57 1.35
N VAL B 371 8.62 13.66 0.38
CA VAL B 371 7.53 13.41 -0.56
C VAL B 371 6.32 12.85 0.17
N ALA B 372 6.55 11.94 1.12
CA ALA B 372 5.45 11.43 1.92
C ALA B 372 4.77 12.54 2.70
N MET B 373 5.57 13.44 3.30
CA MET B 373 5.02 14.59 4.00
C MET B 373 4.07 15.37 3.11
N ALA B 374 4.55 15.74 1.92
CA ALA B 374 3.75 16.56 1.03
C ALA B 374 2.46 15.85 0.62
N ILE B 375 2.57 14.55 0.29
CA ILE B 375 1.41 13.79 -0.13
C ILE B 375 0.37 13.76 0.99
N ALA B 376 0.81 13.48 2.21
CA ALA B 376 -0.12 13.43 3.33
C ALA B 376 -0.77 14.79 3.56
N LEU B 377 0.01 15.86 3.48
CA LEU B 377 -0.55 17.20 3.70
C LEU B 377 -1.63 17.51 2.68
N LEU B 378 -1.37 17.24 1.40
CA LEU B 378 -2.38 17.54 0.38
C LEU B 378 -3.62 16.66 0.56
N SER B 379 -3.41 15.38 0.90
CA SER B 379 -4.53 14.46 1.05
C SER B 379 -5.42 14.86 2.22
N THR B 380 -4.83 15.36 3.30
CA THR B 380 -5.64 15.88 4.40
C THR B 380 -6.19 17.27 4.09
N LEU B 381 -5.59 17.98 3.15
CA LEU B 381 -6.06 19.33 2.82
C LEU B 381 -7.37 19.28 2.05
N TYR B 382 -7.41 18.52 0.95
CA TYR B 382 -8.56 18.61 0.06
C TYR B 382 -9.86 18.13 0.73
N PRO B 383 -9.96 16.88 1.20
CA PRO B 383 -11.21 16.44 1.82
C PRO B 383 -11.65 17.31 2.98
N SER B 384 -10.72 17.89 3.74
CA SER B 384 -11.10 18.77 4.83
C SER B 384 -11.89 19.97 4.30
N TRP B 385 -11.40 20.59 3.23
CA TRP B 385 -12.13 21.69 2.63
C TRP B 385 -13.46 21.23 2.08
N ARG B 386 -13.49 20.05 1.46
CA ARG B 386 -14.76 19.56 0.91
C ARG B 386 -15.80 19.38 2.01
N ALA B 387 -15.39 18.82 3.15
CA ALA B 387 -16.31 18.58 4.25
C ALA B 387 -16.63 19.83 5.04
N ALA B 388 -15.80 20.87 4.96
CA ALA B 388 -16.05 22.11 5.68
C ALA B 388 -17.12 22.98 5.03
N ALA B 389 -17.55 22.65 3.81
CA ALA B 389 -18.54 23.46 3.11
C ALA B 389 -19.96 23.02 3.40
N THR B 390 -20.18 21.75 3.73
CA THR B 390 -21.52 21.26 3.98
C THR B 390 -22.12 21.92 5.21
N GLN B 391 -23.41 22.20 5.15
CA GLN B 391 -24.08 22.82 6.28
C GLN B 391 -24.08 21.88 7.48
N PRO B 392 -23.79 22.36 8.68
CA PRO B 392 -23.72 21.45 9.83
C PRO B 392 -25.00 20.67 10.08
N ALA B 393 -26.17 21.29 9.88
CA ALA B 393 -27.42 20.58 10.14
C ALA B 393 -27.57 19.38 9.23
N GLU B 394 -27.23 19.52 7.95
CA GLU B 394 -27.29 18.39 7.04
C GLU B 394 -26.34 17.28 7.48
N ALA B 395 -25.12 17.64 7.88
CA ALA B 395 -24.17 16.65 8.35
C ALA B 395 -24.65 15.98 9.63
N LEU B 396 -25.22 16.73 10.58
CA LEU B 396 -25.60 16.17 11.90
C LEU B 396 -26.87 15.32 11.78
N ARG B 397 -27.66 15.52 10.72
CA ARG B 397 -28.89 14.73 10.46
C ARG B 397 -28.50 13.32 10.02
N TYR B 398 -27.68 13.20 8.98
CA TYR B 398 -27.28 11.88 8.41
C TYR B 398 -26.41 11.17 9.44
N GLU B 399 -25.64 11.92 10.25
CA GLU B 399 -24.81 11.35 11.34
C GLU B 399 -25.72 10.61 12.31
N LYS C 1 -45.24 -18.24 37.94
CA LYS C 1 -45.52 -16.77 37.99
C LYS C 1 -44.23 -15.98 38.21
N ILE C 2 -43.33 -16.04 37.23
CA ILE C 2 -42.07 -15.30 37.32
C ILE C 2 -41.47 -15.12 35.93
N LEU C 3 -41.05 -13.89 35.62
CA LEU C 3 -40.38 -13.58 34.38
C LEU C 3 -39.00 -12.96 34.60
N LEU C 4 -38.88 -12.07 35.58
CA LEU C 4 -37.61 -11.46 35.93
C LEU C 4 -37.23 -11.85 37.35
N GLN C 5 -35.93 -11.94 37.60
CA GLN C 5 -35.43 -12.38 38.89
C GLN C 5 -34.03 -11.84 39.08
N CYS C 6 -33.86 -10.95 40.06
CA CYS C 6 -32.58 -10.32 40.35
C CYS C 6 -32.13 -10.75 41.74
N ASP C 7 -30.87 -11.19 41.84
CA ASP C 7 -30.26 -11.58 43.12
C ASP C 7 -29.01 -10.73 43.32
N ASN C 8 -29.17 -9.61 44.02
CA ASN C 8 -28.07 -8.71 44.33
C ASN C 8 -27.29 -8.34 43.08
N LEU C 9 -28.03 -7.82 42.10
CA LEU C 9 -27.46 -7.44 40.81
C LEU C 9 -26.66 -6.15 40.98
N CYS C 10 -25.36 -6.31 41.20
CA CYS C 10 -24.45 -5.19 41.38
C CYS C 10 -23.61 -4.98 40.12
N LYS C 11 -23.10 -3.76 39.98
CA LYS C 11 -22.31 -3.38 38.82
C LYS C 11 -21.41 -2.22 39.21
N ARG C 12 -20.36 -2.02 38.41
CA ARG C 12 -19.46 -0.89 38.61
C ARG C 12 -18.56 -0.76 37.40
N TYR C 13 -18.33 0.49 36.97
CA TYR C 13 -17.46 0.80 35.85
C TYR C 13 -16.17 1.40 36.38
N GLN C 14 -15.04 0.84 35.98
CA GLN C 14 -13.74 1.35 36.41
C GLN C 14 -12.72 1.03 35.33
N GLU C 15 -12.23 2.07 34.65
CA GLU C 15 -11.20 1.92 33.63
C GLU C 15 -9.80 2.06 34.19
N GLY C 16 -9.66 2.25 35.50
CA GLY C 16 -8.37 2.45 36.13
C GLY C 16 -8.18 3.81 36.77
N SER C 17 -9.19 4.68 36.75
CA SER C 17 -9.09 6.01 37.34
C SER C 17 -9.69 6.05 38.74
N VAL C 18 -10.96 5.67 38.87
CA VAL C 18 -11.66 5.68 40.15
C VAL C 18 -12.72 4.58 40.10
N GLN C 19 -13.21 4.19 41.28
CA GLN C 19 -14.28 3.20 41.38
C GLN C 19 -15.60 3.96 41.37
N THR C 20 -16.28 3.93 40.23
CA THR C 20 -17.56 4.62 40.05
C THR C 20 -18.68 3.58 40.16
N ASP C 21 -19.09 3.32 41.40
CA ASP C 21 -20.17 2.38 41.65
C ASP C 21 -21.48 2.91 41.10
N VAL C 22 -22.32 1.99 40.62
CA VAL C 22 -23.62 2.33 40.06
C VAL C 22 -24.76 1.78 40.90
N LEU C 23 -24.68 0.50 41.25
CA LEU C 23 -25.79 -0.22 41.87
C LEU C 23 -25.28 -1.07 43.02
N HIS C 24 -26.14 -1.26 44.02
CA HIS C 24 -25.78 -1.98 45.25
C HIS C 24 -26.91 -2.95 45.59
N ASN C 25 -26.74 -4.21 45.22
CA ASN C 25 -27.65 -5.29 45.64
C ASN C 25 -29.08 -5.02 45.19
N VAL C 26 -29.26 -5.02 43.87
CA VAL C 26 -30.60 -4.88 43.29
C VAL C 26 -31.31 -6.22 43.37
N SER C 27 -32.59 -6.18 43.73
CA SER C 27 -33.39 -7.40 43.84
C SER C 27 -34.86 -7.05 43.73
N PHE C 28 -35.54 -7.65 42.77
CA PHE C 28 -36.99 -7.50 42.61
C PHE C 28 -37.47 -8.58 41.65
N SER C 29 -38.75 -8.50 41.28
CA SER C 29 -39.31 -9.44 40.31
C SER C 29 -40.43 -8.74 39.55
N VAL C 30 -40.62 -9.14 38.30
CA VAL C 30 -41.72 -8.68 37.48
C VAL C 30 -42.59 -9.88 37.13
N GLY C 31 -43.81 -9.87 37.65
CA GLY C 31 -44.69 -10.99 37.45
C GLY C 31 -45.16 -11.11 36.01
N GLU C 32 -45.45 -12.34 35.61
CA GLU C 32 -46.04 -12.59 34.30
C GLU C 32 -47.28 -11.72 34.13
N GLY C 33 -47.29 -10.93 33.07
CA GLY C 33 -48.41 -10.03 32.84
C GLY C 33 -48.56 -8.98 33.92
N GLU C 34 -47.45 -8.46 34.43
CA GLU C 34 -47.45 -7.45 35.48
C GLU C 34 -46.74 -6.21 34.96
N MET C 35 -47.34 -5.05 35.17
CA MET C 35 -46.71 -3.79 34.80
C MET C 35 -45.94 -3.21 35.97
N MET C 36 -44.88 -2.46 35.64
CA MET C 36 -44.14 -1.72 36.64
C MET C 36 -43.54 -0.48 35.99
N ALA C 37 -43.26 0.52 36.82
CA ALA C 37 -42.64 1.76 36.37
C ALA C 37 -41.50 2.11 37.30
N ILE C 38 -40.45 2.69 36.74
CA ILE C 38 -39.25 3.05 37.48
C ILE C 38 -39.07 4.56 37.43
N VAL C 39 -38.75 5.15 38.58
CA VAL C 39 -38.58 6.59 38.71
C VAL C 39 -37.26 6.87 39.42
N GLY C 40 -36.73 8.05 39.19
CA GLY C 40 -35.50 8.46 39.84
C GLY C 40 -34.93 9.68 39.18
N SER C 41 -33.76 10.08 39.68
CA SER C 41 -33.03 11.23 39.17
C SER C 41 -31.99 10.78 38.16
N SER C 42 -31.57 11.72 37.31
CA SER C 42 -30.57 11.43 36.31
C SER C 42 -29.28 10.96 36.97
N GLY C 43 -28.67 9.94 36.37
CA GLY C 43 -27.47 9.34 36.91
C GLY C 43 -27.71 8.25 37.93
N SER C 44 -28.97 7.92 38.22
CA SER C 44 -29.26 6.87 39.19
C SER C 44 -28.71 5.53 38.75
N GLY C 45 -28.88 5.20 37.47
CA GLY C 45 -28.41 3.93 36.93
C GLY C 45 -29.54 3.07 36.40
N LYS C 46 -30.62 3.70 35.95
CA LYS C 46 -31.74 2.95 35.42
C LYS C 46 -31.36 2.23 34.13
N SER C 47 -30.78 2.96 33.18
CA SER C 47 -30.46 2.37 31.89
C SER C 47 -29.47 1.22 32.05
N THR C 48 -28.47 1.38 32.92
CA THR C 48 -27.52 0.30 33.16
C THR C 48 -28.23 -0.90 33.77
N LEU C 49 -29.15 -0.66 34.71
CA LEU C 49 -29.90 -1.76 35.29
C LEU C 49 -30.65 -2.53 34.21
N LEU C 50 -31.44 -1.82 33.40
CA LEU C 50 -32.25 -2.51 32.40
C LEU C 50 -31.38 -3.19 31.35
N HIS C 51 -30.20 -2.65 31.06
CA HIS C 51 -29.26 -3.37 30.21
C HIS C 51 -28.83 -4.67 30.87
N LEU C 52 -28.58 -4.64 32.18
CA LEU C 52 -28.21 -5.85 32.89
C LEU C 52 -29.33 -6.88 32.87
N LEU C 53 -30.58 -6.42 33.01
CA LEU C 53 -31.71 -7.35 33.01
C LEU C 53 -31.68 -8.25 31.79
N GLY C 54 -31.41 -7.67 30.62
CA GLY C 54 -31.20 -8.45 29.42
C GLY C 54 -29.78 -8.98 29.35
N GLY C 55 -29.54 -9.81 28.33
CA GLY C 55 -28.23 -10.39 28.12
C GLY C 55 -27.33 -9.47 27.32
N LEU C 56 -27.30 -8.20 27.71
CA LEU C 56 -26.64 -7.15 26.95
C LEU C 56 -25.63 -6.38 27.77
N ASP C 57 -25.32 -6.86 28.98
CA ASP C 57 -24.21 -6.35 29.77
C ASP C 57 -23.91 -7.35 30.88
N THR C 58 -22.65 -7.74 31.03
CA THR C 58 -22.29 -8.79 31.97
C THR C 58 -22.35 -8.24 33.39
N PRO C 59 -23.17 -8.81 34.28
CA PRO C 59 -23.18 -8.35 35.67
C PRO C 59 -21.90 -8.71 36.38
N THR C 60 -21.57 -7.93 37.41
CA THR C 60 -20.32 -8.15 38.14
C THR C 60 -20.48 -9.26 39.17
N SER C 61 -21.43 -9.11 40.09
CA SER C 61 -21.63 -10.05 41.19
C SER C 61 -23.10 -10.39 41.35
N GLY C 62 -23.75 -10.72 40.24
CA GLY C 62 -25.16 -11.07 40.28
C GLY C 62 -25.55 -11.83 39.04
N ASP C 63 -26.82 -12.22 38.99
CA ASP C 63 -27.37 -12.93 37.85
C ASP C 63 -28.84 -12.57 37.68
N VAL C 64 -29.33 -12.80 36.47
CA VAL C 64 -30.73 -12.56 36.13
C VAL C 64 -31.30 -13.85 35.55
N ILE C 65 -32.44 -14.29 36.08
CA ILE C 65 -33.07 -15.55 35.69
C ILE C 65 -34.35 -15.23 34.94
N PHE C 66 -34.47 -15.76 33.73
CA PHE C 66 -35.65 -15.61 32.89
C PHE C 66 -36.24 -16.98 32.62
N ASN C 67 -37.50 -17.18 33.01
CA ASN C 67 -38.18 -18.47 32.84
C ASN C 67 -37.37 -19.59 33.48
N GLY C 68 -36.84 -19.33 34.67
CA GLY C 68 -36.06 -20.32 35.39
C GLY C 68 -34.77 -20.72 34.72
N GLN C 69 -34.10 -19.77 34.06
CA GLN C 69 -32.79 -20.03 33.46
C GLN C 69 -31.94 -18.77 33.31
N PRO C 70 -30.81 -18.67 34.02
CA PRO C 70 -30.03 -17.42 34.01
C PRO C 70 -29.64 -16.94 32.62
N MET C 71 -29.25 -15.68 32.50
CA MET C 71 -28.91 -15.12 31.19
C MET C 71 -27.54 -15.59 30.72
N SER C 72 -26.51 -15.49 31.57
CA SER C 72 -25.21 -16.05 31.21
C SER C 72 -25.29 -17.56 30.99
N LYS C 73 -26.31 -18.21 31.56
CA LYS C 73 -26.57 -19.61 31.25
C LYS C 73 -26.80 -19.81 29.76
N LEU C 74 -27.64 -18.97 29.16
CA LEU C 74 -27.98 -19.13 27.76
C LEU C 74 -26.73 -19.06 26.89
N SER C 75 -26.66 -19.97 25.91
CA SER C 75 -25.63 -19.89 24.89
C SER C 75 -25.94 -18.76 23.92
N SER C 76 -24.96 -18.42 23.08
CA SER C 76 -25.16 -17.36 22.11
C SER C 76 -26.34 -17.67 21.20
N ALA C 77 -26.40 -18.90 20.70
CA ALA C 77 -27.56 -19.31 19.90
C ALA C 77 -28.83 -19.28 20.73
N ALA C 78 -28.76 -19.70 21.99
CA ALA C 78 -29.93 -19.68 22.85
C ALA C 78 -30.39 -18.25 23.13
N LYS C 79 -29.44 -17.33 23.35
CA LYS C 79 -29.83 -15.94 23.57
C LYS C 79 -30.42 -15.33 22.31
N ALA C 80 -29.89 -15.67 21.14
CA ALA C 80 -30.50 -15.22 19.90
C ALA C 80 -31.91 -15.77 19.75
N GLU C 81 -32.10 -17.04 20.09
CA GLU C 81 -33.43 -17.61 20.20
C GLU C 81 -34.33 -16.75 21.07
N LEU C 82 -33.85 -16.39 22.27
CA LEU C 82 -34.68 -15.65 23.21
C LEU C 82 -35.05 -14.27 22.68
N ARG C 83 -34.07 -13.55 22.11
CA ARG C 83 -34.28 -12.15 21.78
C ARG C 83 -35.33 -11.95 20.69
N ASN C 84 -35.70 -12.99 19.97
CA ASN C 84 -36.64 -12.85 18.87
C ASN C 84 -38.10 -12.97 19.32
N GLN C 85 -38.38 -13.82 20.31
CA GLN C 85 -39.74 -14.13 20.70
C GLN C 85 -40.12 -13.69 22.11
N LYS C 86 -39.17 -13.25 22.92
CA LYS C 86 -39.45 -12.90 24.31
C LYS C 86 -38.96 -11.53 24.73
N LEU C 87 -38.10 -10.88 23.96
CA LEU C 87 -37.51 -9.60 24.32
C LEU C 87 -38.13 -8.48 23.48
N GLY C 88 -38.59 -7.43 24.16
CA GLY C 88 -39.14 -6.28 23.48
C GLY C 88 -38.45 -4.99 23.88
N PHE C 89 -37.14 -5.06 24.05
CA PHE C 89 -36.27 -4.00 24.56
C PHE C 89 -36.34 -2.76 23.68
N ILE C 90 -36.41 -1.61 24.34
CA ILE C 90 -36.35 -0.31 23.67
C ILE C 90 -35.11 0.41 24.18
N TYR C 91 -34.48 1.17 23.29
CA TYR C 91 -33.19 1.78 23.55
C TYR C 91 -33.33 3.27 23.80
N GLN C 92 -32.73 3.75 24.89
CA GLN C 92 -32.56 5.18 25.08
C GLN C 92 -31.58 5.69 24.03
N PHE C 93 -31.86 6.87 23.49
CA PHE C 93 -31.17 7.34 22.29
C PHE C 93 -31.26 6.26 21.22
N HIS C 94 -32.49 5.76 21.04
CA HIS C 94 -32.77 4.62 20.21
C HIS C 94 -31.95 4.61 18.93
N HIS C 95 -31.39 3.45 18.61
CA HIS C 95 -30.51 3.27 17.47
C HIS C 95 -31.22 2.43 16.42
N LEU C 96 -31.26 2.94 15.19
CA LEU C 96 -31.93 2.28 14.09
C LEU C 96 -30.95 2.09 12.93
N LEU C 97 -31.20 1.09 12.11
CA LEU C 97 -30.40 0.89 10.93
C LEU C 97 -30.59 2.08 10.00
N PRO C 98 -29.54 2.79 9.61
CA PRO C 98 -29.73 4.04 8.87
C PRO C 98 -30.03 3.83 7.39
N ASP C 99 -29.53 2.74 6.81
CA ASP C 99 -29.75 2.47 5.40
C ASP C 99 -31.06 1.74 5.14
N PHE C 100 -31.83 1.41 6.18
CA PHE C 100 -33.10 0.72 6.05
C PHE C 100 -34.22 1.68 6.46
N THR C 101 -35.26 1.75 5.64
CA THR C 101 -36.38 2.63 5.93
C THR C 101 -37.13 2.14 7.16
N ALA C 102 -38.16 2.90 7.55
CA ALA C 102 -38.90 2.57 8.76
C ALA C 102 -39.58 1.22 8.64
N LEU C 103 -40.17 0.93 7.48
CA LEU C 103 -40.90 -0.32 7.30
C LEU C 103 -39.97 -1.52 7.50
N GLU C 104 -38.79 -1.49 6.89
CA GLU C 104 -37.86 -2.59 7.02
C GLU C 104 -37.35 -2.71 8.45
N ASN C 105 -37.08 -1.58 9.10
CA ASN C 105 -36.63 -1.62 10.49
C ASN C 105 -37.66 -2.27 11.39
N VAL C 106 -38.93 -1.92 11.19
CA VAL C 106 -40.00 -2.53 11.97
C VAL C 106 -40.12 -4.02 11.66
N ALA C 107 -39.86 -4.39 10.41
CA ALA C 107 -40.01 -5.77 9.98
C ALA C 107 -38.79 -6.63 10.29
N MET C 108 -37.70 -6.05 10.77
CA MET C 108 -36.47 -6.82 10.96
C MET C 108 -36.61 -7.97 11.94
N PRO C 109 -37.27 -7.85 13.09
CA PRO C 109 -37.43 -9.03 13.95
C PRO C 109 -38.11 -10.19 13.21
N LEU C 110 -39.08 -9.86 12.35
CA LEU C 110 -39.78 -10.90 11.60
C LEU C 110 -38.90 -11.47 10.49
N LEU C 111 -38.19 -10.60 9.77
CA LEU C 111 -37.26 -11.09 8.75
C LEU C 111 -36.23 -12.02 9.36
N ILE C 112 -35.74 -11.68 10.55
CA ILE C 112 -34.80 -12.55 11.25
C ILE C 112 -35.48 -13.85 11.63
N GLY C 113 -36.76 -13.78 12.00
CA GLY C 113 -37.54 -14.98 12.20
C GLY C 113 -38.02 -15.63 10.92
N LYS C 114 -37.87 -14.94 9.78
CA LYS C 114 -38.24 -15.50 8.48
C LYS C 114 -39.69 -15.93 8.47
N LYS C 115 -40.58 -14.99 8.78
CA LYS C 115 -41.99 -15.31 8.90
C LYS C 115 -42.58 -15.60 7.52
N LYS C 116 -42.60 -14.58 6.66
CA LYS C 116 -43.21 -14.70 5.34
C LYS C 116 -42.97 -13.36 4.66
N PRO C 117 -42.96 -13.27 3.34
CA PRO C 117 -42.94 -11.94 2.72
C PRO C 117 -44.19 -11.14 3.07
N ALA C 118 -45.35 -11.74 2.77
CA ALA C 118 -46.68 -11.15 2.91
C ALA C 118 -47.03 -10.89 4.37
N GLU C 119 -46.85 -11.90 5.23
CA GLU C 119 -47.11 -11.72 6.64
C GLU C 119 -46.21 -10.63 7.21
N ILE C 120 -44.94 -10.64 6.84
CA ILE C 120 -43.99 -9.66 7.39
C ILE C 120 -44.41 -8.26 7.00
N ASN C 121 -44.71 -8.05 5.71
CA ASN C 121 -45.11 -6.71 5.27
C ASN C 121 -46.39 -6.28 5.98
N SER C 122 -47.41 -7.14 5.98
CA SER C 122 -48.69 -6.80 6.59
C SER C 122 -48.52 -6.46 8.06
N ARG C 123 -47.67 -7.20 8.77
CA ARG C 123 -47.57 -7.02 10.21
C ARG C 123 -46.66 -5.83 10.58
N ALA C 124 -45.61 -5.60 9.80
CA ALA C 124 -44.86 -4.36 9.96
C ALA C 124 -45.79 -3.16 9.82
N LEU C 125 -46.66 -3.19 8.81
CA LEU C 125 -47.58 -2.08 8.62
C LEU C 125 -48.65 -2.03 9.70
N GLU C 126 -49.09 -3.20 10.16
CA GLU C 126 -49.97 -3.33 11.32
C GLU C 126 -49.44 -2.48 12.46
N MET C 127 -48.22 -2.78 12.90
CA MET C 127 -47.68 -2.10 14.06
C MET C 127 -47.34 -0.65 13.76
N LEU C 128 -46.91 -0.34 12.53
CA LEU C 128 -46.64 1.06 12.21
C LEU C 128 -47.90 1.90 12.32
N LYS C 129 -49.01 1.39 11.79
CA LYS C 129 -50.27 2.10 11.93
C LYS C 129 -50.69 2.18 13.40
N ALA C 130 -50.38 1.15 14.17
CA ALA C 130 -50.67 1.19 15.59
C ALA C 130 -49.96 2.38 16.26
N VAL C 131 -48.67 2.56 15.97
CA VAL C 131 -47.96 3.71 16.52
C VAL C 131 -48.42 4.99 15.82
N GLY C 132 -48.77 4.92 14.55
CA GLY C 132 -49.42 6.03 13.87
C GLY C 132 -48.53 6.99 13.11
N LEU C 133 -47.72 6.47 12.19
CA LEU C 133 -46.92 7.31 11.30
C LEU C 133 -46.92 6.74 9.88
N ASP C 134 -48.09 6.33 9.39
CA ASP C 134 -48.17 5.68 8.09
C ASP C 134 -47.60 6.55 6.99
N HIS C 135 -47.62 7.88 7.17
CA HIS C 135 -47.16 8.78 6.12
C HIS C 135 -45.63 8.94 6.14
N ARG C 136 -44.95 8.28 7.07
CA ARG C 136 -43.49 8.24 7.09
C ARG C 136 -42.96 6.81 6.97
N ALA C 137 -43.70 5.91 6.32
CA ALA C 137 -43.24 4.55 6.13
C ALA C 137 -42.16 4.43 5.08
N ASN C 138 -41.92 5.48 4.29
CA ASN C 138 -40.92 5.46 3.23
C ASN C 138 -39.68 6.29 3.57
N HIS C 139 -39.60 6.81 4.79
CA HIS C 139 -38.49 7.66 5.19
C HIS C 139 -37.47 6.85 5.98
N ARG C 140 -36.20 7.02 5.65
CA ARG C 140 -35.14 6.45 6.46
C ARG C 140 -34.96 7.24 7.75
N PRO C 141 -34.29 6.67 8.74
CA PRO C 141 -34.12 7.39 10.02
C PRO C 141 -33.54 8.78 9.86
N SER C 142 -32.62 8.95 8.91
CA SER C 142 -32.05 10.26 8.66
C SER C 142 -33.12 11.25 8.24
N GLU C 143 -34.01 10.84 7.33
CA GLU C 143 -35.06 11.72 6.87
C GLU C 143 -36.18 11.86 7.89
N LEU C 144 -36.36 10.85 8.74
CA LEU C 144 -37.37 10.94 9.79
C LEU C 144 -36.99 12.00 10.82
N SER C 145 -38.00 12.58 11.44
CA SER C 145 -37.78 13.56 12.49
C SER C 145 -37.42 12.83 13.79
N GLY C 146 -37.37 13.58 14.90
CA GLY C 146 -36.92 13.08 16.19
C GLY C 146 -37.86 12.06 16.81
N GLY C 147 -39.15 12.29 16.71
CA GLY C 147 -40.13 11.47 17.41
C GLY C 147 -40.59 10.25 16.65
N GLU C 148 -40.81 10.42 15.34
CA GLU C 148 -41.22 9.29 14.51
C GLU C 148 -40.22 8.16 14.53
N ARG C 149 -38.92 8.46 14.65
CA ARG C 149 -37.95 7.39 14.79
C ARG C 149 -38.11 6.66 16.12
N GLN C 150 -38.45 7.39 17.19
CA GLN C 150 -38.72 6.75 18.46
C GLN C 150 -39.94 5.82 18.35
N ARG C 151 -40.99 6.29 17.68
CA ARG C 151 -42.15 5.44 17.47
C ARG C 151 -41.83 4.23 16.61
N VAL C 152 -40.94 4.40 15.63
CA VAL C 152 -40.49 3.27 14.83
C VAL C 152 -39.78 2.25 15.70
N ALA C 153 -38.94 2.73 16.61
CA ALA C 153 -38.27 1.81 17.54
C ALA C 153 -39.27 1.07 18.41
N ILE C 154 -40.29 1.78 18.90
CA ILE C 154 -41.32 1.14 19.72
C ILE C 154 -42.03 0.05 18.92
N ALA C 155 -42.41 0.38 17.68
CA ALA C 155 -43.10 -0.59 16.83
C ALA C 155 -42.22 -1.81 16.58
N ARG C 156 -40.94 -1.59 16.28
CA ARG C 156 -40.01 -2.69 16.09
C ARG C 156 -39.95 -3.56 17.34
N ALA C 157 -39.95 -2.94 18.51
CA ALA C 157 -39.93 -3.70 19.75
C ALA C 157 -41.18 -4.56 19.90
N LEU C 158 -42.34 -4.01 19.57
CA LEU C 158 -43.61 -4.68 19.81
C LEU C 158 -44.21 -5.34 18.57
N VAL C 159 -43.44 -5.42 17.48
CA VAL C 159 -43.98 -6.02 16.26
C VAL C 159 -44.18 -7.51 16.44
N ASN C 160 -43.28 -8.18 17.16
CA ASN C 160 -43.25 -9.63 17.26
C ASN C 160 -44.00 -10.15 18.47
N ASN C 161 -44.71 -9.29 19.19
CA ASN C 161 -45.50 -9.71 20.34
C ASN C 161 -44.63 -10.40 21.37
N PRO C 162 -43.68 -9.70 21.97
CA PRO C 162 -42.82 -10.32 23.00
C PRO C 162 -43.57 -10.52 24.31
N ARG C 163 -43.07 -11.47 25.10
CA ARG C 163 -43.66 -11.73 26.40
C ARG C 163 -43.40 -10.59 27.37
N LEU C 164 -42.18 -10.05 27.37
CA LEU C 164 -41.81 -8.95 28.23
C LEU C 164 -41.28 -7.79 27.37
N VAL C 165 -41.54 -6.58 27.83
CA VAL C 165 -41.17 -5.36 27.12
C VAL C 165 -40.38 -4.48 28.07
N LEU C 166 -39.08 -4.40 27.86
CA LEU C 166 -38.23 -3.46 28.59
C LEU C 166 -38.12 -2.16 27.82
N ALA C 167 -38.23 -1.04 28.52
CA ALA C 167 -38.24 0.26 27.88
C ALA C 167 -37.36 1.23 28.64
N ASP C 168 -36.82 2.20 27.92
CA ASP C 168 -35.98 3.27 28.46
C ASP C 168 -36.59 4.60 27.99
N GLU C 169 -37.46 5.18 28.81
CA GLU C 169 -38.14 6.42 28.47
C GLU C 169 -38.81 6.30 27.10
N PRO C 170 -39.77 5.40 26.95
CA PRO C 170 -40.42 5.22 25.64
C PRO C 170 -41.07 6.50 25.14
N THR C 171 -41.59 7.32 26.04
CA THR C 171 -42.27 8.58 25.67
C THR C 171 -41.67 9.70 26.53
N GLY C 172 -40.53 10.22 26.10
CA GLY C 172 -39.92 11.37 26.74
C GLY C 172 -39.50 12.41 25.72
N ASN C 173 -39.48 12.01 24.44
CA ASN C 173 -39.17 12.91 23.34
C ASN C 173 -40.41 13.30 22.56
N LEU C 174 -41.60 13.04 23.10
CA LEU C 174 -42.85 13.24 22.40
C LEU C 174 -43.78 14.08 23.25
N ASP C 175 -44.70 14.77 22.57
CA ASP C 175 -45.72 15.53 23.27
C ASP C 175 -46.64 14.57 24.03
N ALA C 176 -47.63 15.14 24.74
CA ALA C 176 -48.58 14.32 25.46
C ALA C 176 -49.34 13.39 24.52
N ARG C 177 -49.44 13.76 23.24
CA ARG C 177 -50.21 12.96 22.30
C ARG C 177 -49.72 11.52 22.27
N ASN C 178 -48.48 11.34 21.85
CA ASN C 178 -47.98 9.99 21.64
C ASN C 178 -47.68 9.31 22.96
N ALA C 179 -47.34 10.08 24.00
CA ALA C 179 -47.21 9.48 25.33
C ALA C 179 -48.50 8.80 25.75
N ASP C 180 -49.60 9.55 25.77
CA ASP C 180 -50.86 9.00 26.22
C ASP C 180 -51.34 7.89 25.29
N SER C 181 -51.26 8.11 23.97
CA SER C 181 -51.75 7.11 23.03
C SER C 181 -50.95 5.82 23.12
N ILE C 182 -49.64 5.92 23.29
CA ILE C 182 -48.81 4.73 23.36
C ILE C 182 -49.01 4.01 24.70
N PHE C 183 -49.26 4.75 25.79
CA PHE C 183 -49.69 4.08 27.01
C PHE C 183 -51.01 3.35 26.82
N GLN C 184 -51.94 3.95 26.07
CA GLN C 184 -53.18 3.23 25.75
C GLN C 184 -52.87 1.94 25.00
N LEU C 185 -51.95 2.02 24.04
CA LEU C 185 -51.58 0.85 23.25
C LEU C 185 -51.01 -0.25 24.14
N LEU C 186 -50.04 0.09 24.99
CA LEU C 186 -49.47 -0.90 25.88
C LEU C 186 -50.52 -1.46 26.84
N GLY C 187 -51.43 -0.58 27.30
CA GLY C 187 -52.47 -1.02 28.21
C GLY C 187 -53.37 -2.08 27.59
N GLU C 188 -53.80 -1.86 26.35
CA GLU C 188 -54.56 -2.92 25.69
C GLU C 188 -53.69 -4.16 25.48
N LEU C 189 -52.41 -3.98 25.15
CA LEU C 189 -51.56 -5.14 24.91
C LEU C 189 -51.55 -6.06 26.12
N ASN C 190 -51.39 -5.50 27.32
CA ASN C 190 -51.30 -6.36 28.50
C ASN C 190 -52.60 -7.10 28.76
N ARG C 191 -53.74 -6.43 28.64
CA ARG C 191 -55.01 -7.06 28.98
C ARG C 191 -55.65 -7.78 27.80
N LEU C 192 -55.20 -7.50 26.56
CA LEU C 192 -55.55 -8.38 25.45
C LEU C 192 -54.59 -9.55 25.35
N GLN C 193 -53.31 -9.30 25.64
CA GLN C 193 -52.27 -10.33 25.55
C GLN C 193 -51.47 -10.33 26.85
N GLY C 194 -51.13 -11.53 27.33
CA GLY C 194 -50.46 -11.66 28.60
C GLY C 194 -49.01 -11.23 28.57
N THR C 195 -48.77 -9.96 28.22
CA THR C 195 -47.43 -9.40 28.13
C THR C 195 -47.19 -8.44 29.29
N ALA C 196 -46.07 -8.60 29.98
CA ALA C 196 -45.69 -7.73 31.06
C ALA C 196 -44.84 -6.57 30.53
N PHE C 197 -44.80 -5.49 31.31
CA PHE C 197 -44.08 -4.28 30.93
C PHE C 197 -43.24 -3.79 32.10
N LEU C 198 -42.10 -3.19 31.77
CA LEU C 198 -41.22 -2.56 32.75
C LEU C 198 -40.57 -1.37 32.05
N VAL C 199 -41.12 -0.19 32.29
CA VAL C 199 -40.75 1.01 31.54
C VAL C 199 -40.14 2.03 32.50
N VAL C 200 -39.01 2.60 32.10
CA VAL C 200 -38.40 3.71 32.82
C VAL C 200 -38.87 5.00 32.19
N THR C 201 -39.42 5.90 33.00
CA THR C 201 -39.98 7.13 32.49
C THR C 201 -39.80 8.24 33.50
N HIS C 202 -39.86 9.49 33.00
CA HIS C 202 -39.77 10.67 33.84
C HIS C 202 -41.08 11.43 33.96
N ASP C 203 -42.05 11.17 33.08
CA ASP C 203 -43.34 11.85 33.13
C ASP C 203 -44.15 11.17 34.23
N LEU C 204 -44.31 11.86 35.35
CA LEU C 204 -44.93 11.27 36.53
C LEU C 204 -46.46 11.30 36.49
N GLN C 205 -47.05 12.04 35.54
CA GLN C 205 -48.50 12.03 35.43
C GLN C 205 -49.02 10.64 35.08
N LEU C 206 -48.33 9.97 34.15
CA LEU C 206 -48.75 8.67 33.65
C LEU C 206 -47.84 7.54 34.10
N ALA C 207 -46.84 7.83 34.94
CA ALA C 207 -45.94 6.77 35.41
C ALA C 207 -46.70 5.72 36.20
N LYS C 208 -47.81 6.11 36.83
CA LYS C 208 -48.58 5.17 37.64
C LYS C 208 -49.53 4.31 36.82
N ARG C 209 -49.55 4.45 35.50
CA ARG C 209 -50.32 3.53 34.67
C ARG C 209 -49.83 2.11 34.84
N MET C 210 -48.51 1.91 34.85
CA MET C 210 -47.96 0.60 35.17
C MET C 210 -48.36 0.16 36.57
N SER C 211 -48.52 1.11 37.49
CA SER C 211 -48.83 0.79 38.88
C SER C 211 -47.62 0.14 39.53
N ARG C 212 -47.60 0.11 40.86
CA ARG C 212 -46.44 -0.37 41.61
C ARG C 212 -45.16 0.34 41.13
N GLN C 213 -45.26 1.64 40.85
CA GLN C 213 -44.08 2.34 40.37
C GLN C 213 -42.99 2.33 41.42
N LEU C 214 -41.88 1.69 41.07
CA LEU C 214 -40.71 1.65 41.91
C LEU C 214 -39.93 2.96 41.77
N GLU C 215 -38.87 3.11 42.55
CA GLU C 215 -37.98 4.26 42.44
C GLU C 215 -36.55 3.75 42.39
N MET C 216 -35.83 3.88 41.27
CA MET C 216 -34.38 3.59 41.24
C MET C 216 -33.76 4.63 42.19
N ARG C 217 -32.96 4.21 43.18
CA ARG C 217 -32.43 5.13 44.22
C ARG C 217 -30.90 4.99 44.31
N ASP C 218 -30.20 5.15 43.19
CA ASP C 218 -28.70 5.07 43.14
C ASP C 218 -28.28 3.75 43.81
N GLY C 219 -28.91 2.63 43.42
CA GLY C 219 -28.67 1.30 44.02
C GLY C 219 -29.87 0.90 44.83
N ARG C 220 -30.51 -0.25 44.55
CA ARG C 220 -31.76 -0.76 45.19
C ARG C 220 -32.95 0.09 44.70
N LEU C 221 -34.15 -0.51 44.54
CA LEU C 221 -35.30 0.24 44.00
C LEU C 221 -36.28 0.44 45.15
N THR C 222 -36.29 1.65 45.70
CA THR C 222 -37.15 1.97 46.83
C THR C 222 -38.61 1.73 46.48
N ALA C 223 -39.32 0.99 47.34
CA ALA C 223 -40.72 0.62 47.03
C ALA C 223 -41.58 1.87 46.79
N GLU C 224 -41.43 2.89 47.64
CA GLU C 224 -42.28 4.11 47.52
C GLU C 224 -41.68 5.08 46.51
N LEU C 225 -42.36 6.20 46.25
CA LEU C 225 -41.77 7.25 45.37
C LEU C 225 -41.50 8.48 46.23
N SER C 226 -40.78 8.31 47.34
CA SER C 226 -40.49 9.44 48.26
C SER C 226 -39.20 10.16 47.83
N MET C 227 -39.14 10.63 46.58
CA MET C 227 -37.93 11.33 46.06
C MET C 227 -36.69 10.47 46.34
N ILE D 2 -34.72 44.39 18.44
CA ILE D 2 -34.94 43.25 17.55
C ILE D 2 -33.70 42.37 17.52
N LEU D 3 -33.90 41.07 17.66
CA LEU D 3 -32.84 40.08 17.56
C LEU D 3 -33.10 39.04 16.48
N LEU D 4 -34.34 38.58 16.35
CA LEU D 4 -34.74 37.63 15.32
C LEU D 4 -35.77 38.27 14.40
N GLN D 5 -35.75 37.87 13.14
CA GLN D 5 -36.63 38.47 12.14
C GLN D 5 -36.82 37.46 11.02
N CYS D 6 -38.06 36.99 10.85
CA CYS D 6 -38.40 36.00 9.83
C CYS D 6 -39.37 36.63 8.85
N ASP D 7 -39.08 36.49 7.56
CA ASP D 7 -39.94 36.98 6.48
C ASP D 7 -40.31 35.79 5.60
N ASN D 8 -41.45 35.17 5.89
CA ASN D 8 -41.96 34.05 5.11
C ASN D 8 -40.89 32.97 4.94
N LEU D 9 -40.37 32.52 6.08
CA LEU D 9 -39.30 31.52 6.12
C LEU D 9 -39.91 30.17 5.78
N CYS D 10 -39.84 29.80 4.51
CA CYS D 10 -40.35 28.53 4.02
C CYS D 10 -39.21 27.56 3.76
N LYS D 11 -39.56 26.27 3.75
CA LYS D 11 -38.57 25.21 3.54
C LYS D 11 -39.29 23.99 3.01
N ARG D 12 -38.52 23.09 2.40
CA ARG D 12 -39.06 21.83 1.92
C ARG D 12 -37.91 20.91 1.55
N TYR D 13 -38.05 19.62 1.90
CA TYR D 13 -37.07 18.61 1.59
C TYR D 13 -37.62 17.72 0.48
N GLN D 14 -36.84 17.55 -0.59
CA GLN D 14 -37.25 16.71 -1.71
C GLN D 14 -36.00 16.16 -2.38
N GLU D 15 -35.79 14.85 -2.24
CA GLU D 15 -34.66 14.17 -2.87
C GLU D 15 -35.01 13.64 -4.26
N GLY D 16 -36.24 13.86 -4.73
CA GLY D 16 -36.68 13.35 -6.02
C GLY D 16 -37.82 12.35 -5.92
N SER D 17 -38.34 12.07 -4.73
CA SER D 17 -39.44 11.12 -4.57
C SER D 17 -40.78 11.83 -4.46
N VAL D 18 -40.93 12.74 -3.49
CA VAL D 18 -42.15 13.48 -3.29
C VAL D 18 -41.79 14.83 -2.70
N GLN D 19 -42.74 15.77 -2.77
CA GLN D 19 -42.55 17.10 -2.18
C GLN D 19 -43.07 17.06 -0.76
N THR D 20 -42.15 16.97 0.20
CA THR D 20 -42.49 16.90 1.63
C THR D 20 -42.30 18.29 2.24
N ASP D 21 -43.34 19.11 2.11
CA ASP D 21 -43.30 20.45 2.68
C ASP D 21 -43.24 20.39 4.20
N VAL D 22 -42.55 21.36 4.78
CA VAL D 22 -42.39 21.45 6.23
C VAL D 22 -43.06 22.70 6.78
N LEU D 23 -42.80 23.86 6.17
CA LEU D 23 -43.19 25.14 6.72
C LEU D 23 -43.75 26.03 5.62
N HIS D 24 -44.69 26.90 6.00
CA HIS D 24 -45.40 27.76 5.06
C HIS D 24 -45.44 29.18 5.62
N ASN D 25 -44.53 30.04 5.16
CA ASN D 25 -44.56 31.47 5.46
C ASN D 25 -44.49 31.72 6.97
N VAL D 26 -43.36 31.34 7.56
CA VAL D 26 -43.10 31.61 8.97
C VAL D 26 -42.68 33.06 9.13
N SER D 27 -43.22 33.71 10.17
CA SER D 27 -42.89 35.12 10.42
C SER D 27 -43.17 35.43 11.88
N PHE D 28 -42.16 35.91 12.59
CA PHE D 28 -42.30 36.35 13.97
C PHE D 28 -41.05 37.13 14.34
N SER D 29 -40.94 37.50 15.62
CA SER D 29 -39.77 38.19 16.12
C SER D 29 -39.57 37.85 17.58
N VAL D 30 -38.30 37.84 18.01
CA VAL D 30 -37.95 37.64 19.40
C VAL D 30 -37.25 38.90 19.89
N GLY D 31 -37.90 39.62 20.81
CA GLY D 31 -37.34 40.87 21.28
C GLY D 31 -36.09 40.68 22.11
N GLU D 32 -35.24 41.69 22.07
CA GLU D 32 -34.06 41.70 22.93
C GLU D 32 -34.47 41.46 24.38
N GLY D 33 -33.89 40.44 24.99
CA GLY D 33 -34.25 40.11 26.36
C GLY D 33 -35.69 39.67 26.51
N GLU D 34 -36.21 38.93 25.53
CA GLU D 34 -37.58 38.45 25.54
C GLU D 34 -37.56 36.93 25.49
N MET D 35 -38.36 36.29 26.34
CA MET D 35 -38.49 34.85 26.32
C MET D 35 -39.67 34.43 25.46
N MET D 36 -39.55 33.23 24.88
CA MET D 36 -40.66 32.62 24.16
C MET D 36 -40.54 31.12 24.24
N ALA D 37 -41.66 30.44 24.06
CA ALA D 37 -41.72 28.99 24.08
C ALA D 37 -42.52 28.52 22.88
N ILE D 38 -42.14 27.38 22.33
CA ILE D 38 -42.77 26.81 21.14
C ILE D 38 -43.36 25.46 21.51
N VAL D 39 -44.60 25.22 21.06
CA VAL D 39 -45.32 23.99 21.36
C VAL D 39 -45.87 23.44 20.05
N GLY D 40 -46.11 22.13 20.05
CA GLY D 40 -46.69 21.49 18.89
C GLY D 40 -46.55 19.99 19.00
N SER D 41 -47.00 19.31 17.94
CA SER D 41 -46.94 17.87 17.84
C SER D 41 -45.70 17.43 17.08
N SER D 42 -45.31 16.18 17.30
CA SER D 42 -44.14 15.64 16.63
C SER D 42 -44.32 15.70 15.12
N GLY D 43 -43.25 16.07 14.43
CA GLY D 43 -43.29 16.23 12.99
C GLY D 43 -43.74 17.60 12.52
N SER D 44 -44.03 18.52 13.43
CA SER D 44 -44.48 19.85 13.03
C SER D 44 -43.41 20.58 12.23
N GLY D 45 -42.15 20.49 12.68
CA GLY D 45 -41.06 21.16 12.00
C GLY D 45 -40.36 22.18 12.89
N LYS D 46 -40.41 21.97 14.20
CA LYS D 46 -39.78 22.91 15.12
C LYS D 46 -38.26 22.90 14.94
N SER D 47 -37.66 21.71 14.97
CA SER D 47 -36.21 21.62 14.90
C SER D 47 -35.70 22.21 13.59
N THR D 48 -36.38 21.92 12.48
CA THR D 48 -35.97 22.50 11.20
C THR D 48 -36.08 24.01 11.24
N LEU D 49 -37.16 24.52 11.82
CA LEU D 49 -37.31 25.97 11.94
C LEU D 49 -36.13 26.58 12.69
N LEU D 50 -35.84 26.05 13.89
CA LEU D 50 -34.77 26.63 14.69
C LEU D 50 -33.41 26.47 14.02
N HIS D 51 -33.22 25.40 13.25
CA HIS D 51 -32.01 25.30 12.44
C HIS D 51 -31.95 26.41 11.41
N LEU D 52 -33.09 26.73 10.79
CA LEU D 52 -33.12 27.82 9.83
C LEU D 52 -32.82 29.16 10.48
N LEU D 53 -33.32 29.37 11.71
CA LEU D 53 -33.09 30.64 12.39
C LEU D 53 -31.60 30.95 12.45
N GLY D 54 -30.79 29.96 12.79
CA GLY D 54 -29.35 30.10 12.71
C GLY D 54 -28.83 29.90 11.30
N GLY D 55 -27.54 30.13 11.13
CA GLY D 55 -26.90 29.97 9.84
C GLY D 55 -26.47 28.54 9.61
N LEU D 56 -27.38 27.61 9.88
CA LEU D 56 -27.06 26.19 9.90
C LEU D 56 -27.98 25.38 8.98
N ASP D 57 -28.78 26.06 8.18
CA ASP D 57 -29.54 25.43 7.10
C ASP D 57 -30.03 26.50 6.14
N THR D 58 -29.80 26.33 4.86
CA THR D 58 -30.13 27.37 3.89
C THR D 58 -31.63 27.42 3.68
N PRO D 59 -32.29 28.55 3.93
CA PRO D 59 -33.72 28.64 3.66
C PRO D 59 -33.99 28.64 2.16
N THR D 60 -35.20 28.18 1.81
CA THR D 60 -35.57 28.09 0.40
C THR D 60 -36.01 29.43 -0.16
N SER D 61 -37.03 30.03 0.44
CA SER D 61 -37.63 31.27 -0.06
C SER D 61 -37.84 32.25 1.09
N GLY D 62 -36.81 32.43 1.91
CA GLY D 62 -36.90 33.35 3.03
C GLY D 62 -35.52 33.73 3.51
N ASP D 63 -35.49 34.59 4.53
CA ASP D 63 -34.25 35.03 5.13
C ASP D 63 -34.48 35.32 6.61
N VAL D 64 -33.38 35.31 7.37
CA VAL D 64 -33.39 35.62 8.79
C VAL D 64 -32.40 36.73 9.05
N ILE D 65 -32.84 37.78 9.74
CA ILE D 65 -32.04 38.97 10.00
C ILE D 65 -31.70 39.00 11.48
N PHE D 66 -30.42 39.09 11.79
CA PHE D 66 -29.92 39.19 13.15
C PHE D 66 -29.16 40.50 13.30
N ASN D 67 -29.61 41.35 14.22
CA ASN D 67 -28.99 42.65 14.45
C ASN D 67 -28.94 43.46 13.15
N GLY D 68 -30.02 43.41 12.39
CA GLY D 68 -30.10 44.15 11.14
C GLY D 68 -29.14 43.68 10.07
N GLN D 69 -28.88 42.38 10.01
CA GLN D 69 -28.04 41.81 8.96
C GLN D 69 -28.34 40.34 8.68
N PRO D 70 -28.85 40.00 7.48
CA PRO D 70 -29.28 38.62 7.22
C PRO D 70 -28.19 37.59 7.46
N MET D 71 -28.58 36.32 7.58
CA MET D 71 -27.63 35.26 7.88
C MET D 71 -26.79 34.89 6.66
N SER D 72 -27.43 34.65 5.51
CA SER D 72 -26.67 34.42 4.29
C SER D 72 -25.82 35.62 3.92
N LYS D 73 -26.19 36.81 4.42
CA LYS D 73 -25.33 37.99 4.28
C LYS D 73 -23.97 37.75 4.89
N LEU D 74 -23.93 37.20 6.11
CA LEU D 74 -22.67 37.01 6.80
C LEU D 74 -21.75 36.11 6.00
N SER D 75 -20.47 36.50 5.94
CA SER D 75 -19.46 35.64 5.37
C SER D 75 -19.15 34.49 6.34
N SER D 76 -18.40 33.51 5.85
CA SER D 76 -18.05 32.38 6.70
C SER D 76 -17.28 32.83 7.92
N ALA D 77 -16.30 33.72 7.73
CA ALA D 77 -15.59 34.28 8.86
C ALA D 77 -16.52 35.10 9.74
N ALA D 78 -17.44 35.85 9.14
CA ALA D 78 -18.39 36.65 9.91
C ALA D 78 -19.33 35.75 10.70
N LYS D 79 -19.79 34.65 10.10
CA LYS D 79 -20.66 33.73 10.84
C LYS D 79 -19.91 33.05 11.98
N ALA D 80 -18.63 32.71 11.76
CA ALA D 80 -17.83 32.17 12.85
C ALA D 80 -17.67 33.19 13.96
N GLU D 81 -17.44 34.45 13.59
CA GLU D 81 -17.48 35.55 14.54
C GLU D 81 -18.77 35.52 15.35
N LEU D 82 -19.91 35.41 14.67
CA LEU D 82 -21.19 35.49 15.36
C LEU D 82 -21.39 34.33 16.31
N ARG D 83 -21.07 33.11 15.88
CA ARG D 83 -21.42 31.92 16.64
C ARG D 83 -20.71 31.84 17.97
N ASN D 84 -19.66 32.62 18.19
CA ASN D 84 -18.89 32.54 19.42
C ASN D 84 -19.45 33.43 20.52
N GLN D 85 -20.00 34.59 20.17
CA GLN D 85 -20.41 35.59 21.16
C GLN D 85 -21.90 35.87 21.20
N LYS D 86 -22.67 35.35 20.24
CA LYS D 86 -24.10 35.66 20.16
C LYS D 86 -25.00 34.45 20.05
N LEU D 87 -24.48 33.27 19.75
CA LEU D 87 -25.28 32.08 19.55
C LEU D 87 -25.12 31.14 20.73
N GLY D 88 -26.25 30.68 21.28
CA GLY D 88 -26.25 29.74 22.38
C GLY D 88 -27.06 28.51 22.06
N PHE D 89 -26.99 28.04 20.83
CA PHE D 89 -27.78 26.96 20.25
C PHE D 89 -27.56 25.67 21.01
N ILE D 90 -28.66 24.95 21.24
CA ILE D 90 -28.64 23.62 21.84
C ILE D 90 -29.22 22.64 20.83
N TYR D 91 -28.67 21.44 20.79
CA TYR D 91 -28.97 20.46 19.76
C TYR D 91 -29.89 19.36 20.33
N GLN D 92 -30.97 19.08 19.60
CA GLN D 92 -31.74 17.87 19.87
C GLN D 92 -30.89 16.67 19.51
N PHE D 93 -30.97 15.61 20.33
CA PHE D 93 -30.02 14.52 20.25
C PHE D 93 -28.61 15.08 20.31
N HIS D 94 -28.42 15.98 21.29
CA HIS D 94 -27.21 16.77 21.42
C HIS D 94 -25.96 15.97 21.09
N HIS D 95 -25.07 16.59 20.31
CA HIS D 95 -23.86 15.97 19.83
C HIS D 95 -22.66 16.61 20.51
N LEU D 96 -21.81 15.79 21.11
CA LEU D 96 -20.64 16.26 21.84
C LEU D 96 -19.39 15.59 21.27
N LEU D 97 -18.26 16.26 21.41
CA LEU D 97 -17.00 15.66 21.01
C LEU D 97 -16.73 14.44 21.88
N PRO D 98 -16.55 13.25 21.30
CA PRO D 98 -16.48 12.05 22.13
C PRO D 98 -15.12 11.85 22.80
N ASP D 99 -14.06 12.33 22.17
CA ASP D 99 -12.72 12.18 22.73
C ASP D 99 -12.36 13.26 23.73
N PHE D 100 -13.25 14.23 23.96
CA PHE D 100 -13.02 15.31 24.91
C PHE D 100 -13.97 15.14 26.09
N THR D 101 -13.44 15.26 27.30
CA THR D 101 -14.25 15.11 28.49
C THR D 101 -15.24 16.28 28.60
N ALA D 102 -16.07 16.22 29.64
CA ALA D 102 -17.11 17.24 29.80
C ALA D 102 -16.50 18.63 30.00
N LEU D 103 -15.43 18.72 30.79
CA LEU D 103 -14.83 20.01 31.06
C LEU D 103 -14.34 20.68 29.78
N GLU D 104 -13.64 19.92 28.94
CA GLU D 104 -13.13 20.48 27.70
C GLU D 104 -14.27 20.85 26.75
N ASN D 105 -15.30 20.01 26.69
CA ASN D 105 -16.44 20.32 25.83
C ASN D 105 -17.10 21.62 26.25
N VAL D 106 -17.27 21.82 27.56
CA VAL D 106 -17.86 23.07 28.05
C VAL D 106 -16.94 24.24 27.75
N ALA D 107 -15.63 24.02 27.80
CA ALA D 107 -14.66 25.08 27.60
C ALA D 107 -14.37 25.38 26.13
N MET D 108 -14.89 24.57 25.21
CA MET D 108 -14.54 24.74 23.80
C MET D 108 -14.91 26.11 23.23
N PRO D 109 -16.08 26.67 23.49
CA PRO D 109 -16.33 28.03 22.97
C PRO D 109 -15.28 29.02 23.41
N LEU D 110 -14.81 28.89 24.64
CA LEU D 110 -13.79 29.80 25.16
C LEU D 110 -12.43 29.50 24.55
N LEU D 111 -12.06 28.22 24.44
CA LEU D 111 -10.81 27.88 23.77
C LEU D 111 -10.79 28.43 22.35
N ILE D 112 -11.91 28.32 21.66
CA ILE D 112 -12.00 28.87 20.31
C ILE D 112 -11.87 30.39 20.35
N GLY D 113 -12.43 31.01 21.39
CA GLY D 113 -12.18 32.42 21.62
C GLY D 113 -10.84 32.73 22.23
N LYS D 114 -10.10 31.71 22.69
CA LYS D 114 -8.77 31.88 23.25
C LYS D 114 -8.79 32.89 24.40
N LYS D 115 -9.61 32.59 25.39
CA LYS D 115 -9.77 33.51 26.50
C LYS D 115 -8.53 33.54 27.37
N LYS D 116 -8.22 32.41 28.00
CA LYS D 116 -7.10 32.33 28.92
C LYS D 116 -7.05 30.87 29.37
N PRO D 117 -5.91 30.34 29.81
CA PRO D 117 -5.96 29.02 30.44
C PRO D 117 -6.80 29.02 31.70
N ALA D 118 -6.45 29.91 32.63
CA ALA D 118 -7.03 30.04 33.97
C ALA D 118 -8.49 30.49 33.88
N GLU D 119 -8.77 31.55 33.12
CA GLU D 119 -10.15 31.98 32.97
C GLU D 119 -11.00 30.88 32.35
N ILE D 120 -10.47 30.21 31.34
CA ILE D 120 -11.24 29.18 30.66
C ILE D 120 -11.58 28.05 31.62
N ASN D 121 -10.59 27.57 32.37
CA ASN D 121 -10.85 26.49 33.31
C ASN D 121 -11.86 26.93 34.36
N SER D 122 -11.62 28.09 34.97
CA SER D 122 -12.50 28.56 36.03
C SER D 122 -13.93 28.72 35.52
N ARG D 123 -14.11 29.22 34.30
CA ARG D 123 -15.45 29.50 33.81
C ARG D 123 -16.16 28.26 33.30
N ALA D 124 -15.42 27.33 32.68
CA ALA D 124 -15.99 26.02 32.39
C ALA D 124 -16.54 25.38 33.66
N LEU D 125 -15.76 25.45 34.74
CA LEU D 125 -16.23 24.84 35.98
C LEU D 125 -17.35 25.65 36.61
N GLU D 126 -17.31 26.98 36.46
CA GLU D 126 -18.41 27.86 36.82
C GLU D 126 -19.72 27.31 36.29
N MET D 127 -19.80 27.19 34.97
CA MET D 127 -21.04 26.78 34.33
C MET D 127 -21.36 25.32 34.63
N LEU D 128 -20.35 24.45 34.73
CA LEU D 128 -20.64 23.06 35.07
C LEU D 128 -21.30 22.95 36.43
N LYS D 129 -20.78 23.68 37.42
CA LYS D 129 -21.41 23.68 38.73
C LYS D 129 -22.79 24.29 38.65
N ALA D 130 -22.97 25.29 37.79
CA ALA D 130 -24.30 25.87 37.60
C ALA D 130 -25.30 24.80 37.17
N VAL D 131 -24.93 23.99 36.17
CA VAL D 131 -25.83 22.90 35.76
C VAL D 131 -25.85 21.80 36.80
N GLY D 132 -24.77 21.60 37.57
CA GLY D 132 -24.70 20.63 38.68
C GLY D 132 -24.25 19.22 38.29
N LEU D 133 -23.17 19.07 37.51
CA LEU D 133 -22.57 17.73 37.22
C LEU D 133 -21.05 17.82 37.42
N ASP D 134 -20.61 18.53 38.46
CA ASP D 134 -19.17 18.69 38.78
C ASP D 134 -18.59 17.30 39.10
N HIS D 135 -19.42 16.39 39.62
CA HIS D 135 -18.97 15.02 39.96
C HIS D 135 -18.57 14.23 38.69
N ARG D 136 -19.13 14.55 37.52
CA ARG D 136 -18.82 13.88 36.22
C ARG D 136 -18.11 14.88 35.29
N ALA D 137 -17.20 15.70 35.82
CA ALA D 137 -16.40 16.65 35.02
C ALA D 137 -15.21 15.91 34.40
N ASN D 138 -14.92 14.67 34.82
CA ASN D 138 -13.77 13.86 34.34
C ASN D 138 -14.26 12.75 33.39
N HIS D 139 -15.57 12.66 33.11
CA HIS D 139 -16.13 11.60 32.28
C HIS D 139 -16.33 12.10 30.86
N ARG D 140 -15.92 11.29 29.89
CA ARG D 140 -16.21 11.58 28.50
C ARG D 140 -17.68 11.28 28.21
N PRO D 141 -18.21 11.80 27.10
CA PRO D 141 -19.62 11.58 26.78
C PRO D 141 -20.01 10.10 26.79
N SER D 142 -19.11 9.24 26.33
CA SER D 142 -19.39 7.81 26.34
C SER D 142 -19.61 7.31 27.76
N GLU D 143 -18.76 7.73 28.68
CA GLU D 143 -18.90 7.30 30.08
C GLU D 143 -20.03 8.03 30.78
N LEU D 144 -20.37 9.23 30.34
CA LEU D 144 -21.49 9.96 30.92
C LEU D 144 -22.80 9.26 30.61
N SER D 145 -23.77 9.43 31.51
CA SER D 145 -25.10 8.89 31.32
C SER D 145 -25.87 9.77 30.34
N GLY D 146 -27.17 9.51 30.18
CA GLY D 146 -28.02 10.17 29.20
C GLY D 146 -28.26 11.64 29.50
N GLY D 147 -28.47 11.98 30.77
CA GLY D 147 -28.87 13.33 31.13
C GLY D 147 -27.72 14.28 31.38
N GLU D 148 -26.68 13.79 32.03
CA GLU D 148 -25.51 14.63 32.30
C GLU D 148 -24.87 15.14 31.01
N ARG D 149 -24.92 14.36 29.94
CA ARG D 149 -24.42 14.88 28.66
C ARG D 149 -25.30 16.02 28.14
N GLN D 150 -26.61 15.91 28.35
CA GLN D 150 -27.50 17.00 27.97
C GLN D 150 -27.18 18.27 28.76
N ARG D 151 -26.95 18.11 30.07
CA ARG D 151 -26.57 19.26 30.88
C ARG D 151 -25.22 19.81 30.47
N VAL D 152 -24.30 18.96 30.04
CA VAL D 152 -23.02 19.42 29.53
C VAL D 152 -23.23 20.27 28.28
N ALA D 153 -24.13 19.81 27.39
CA ALA D 153 -24.44 20.59 26.20
C ALA D 153 -25.03 21.94 26.57
N ILE D 154 -25.93 21.97 27.55
CA ILE D 154 -26.52 23.23 27.99
C ILE D 154 -25.44 24.17 28.51
N ALA D 155 -24.54 23.64 29.35
CA ALA D 155 -23.47 24.47 29.90
C ALA D 155 -22.58 25.01 28.80
N ARG D 156 -22.22 24.16 27.83
CA ARG D 156 -21.42 24.61 26.70
C ARG D 156 -22.13 25.73 25.95
N ALA D 157 -23.45 25.61 25.80
CA ALA D 157 -24.20 26.66 25.12
C ALA D 157 -24.15 27.97 25.90
N LEU D 158 -24.27 27.91 27.22
CA LEU D 158 -24.38 29.11 28.05
C LEU D 158 -23.08 29.49 28.74
N VAL D 159 -21.96 28.85 28.39
CA VAL D 159 -20.69 29.17 29.04
C VAL D 159 -20.22 30.56 28.66
N ASN D 160 -20.44 30.97 27.41
CA ASN D 160 -19.87 32.19 26.87
C ASN D 160 -20.84 33.38 26.97
N ASN D 161 -21.96 33.21 27.67
CA ASN D 161 -22.90 34.30 27.86
C ASN D 161 -23.38 34.84 26.52
N PRO D 162 -24.09 34.05 25.72
CA PRO D 162 -24.59 34.54 24.44
C PRO D 162 -25.77 35.48 24.62
N ARG D 163 -25.97 36.33 23.60
CA ARG D 163 -27.09 37.25 23.62
C ARG D 163 -28.42 36.51 23.48
N LEU D 164 -28.47 35.53 22.57
CA LEU D 164 -29.67 34.75 22.33
C LEU D 164 -29.34 33.27 22.53
N VAL D 165 -30.33 32.52 23.02
CA VAL D 165 -30.17 31.11 23.33
C VAL D 165 -31.29 30.36 22.61
N LEU D 166 -30.95 29.64 21.56
CA LEU D 166 -31.89 28.75 20.89
C LEU D 166 -31.74 27.35 21.47
N ALA D 167 -32.88 26.71 21.72
CA ALA D 167 -32.90 25.41 22.37
C ALA D 167 -33.87 24.47 21.67
N ASP D 168 -33.57 23.18 21.74
CA ASP D 168 -34.41 22.11 21.20
C ASP D 168 -34.66 21.12 22.33
N GLU D 169 -35.77 21.29 23.04
CA GLU D 169 -36.13 20.44 24.16
C GLU D 169 -34.96 20.36 25.15
N PRO D 170 -34.57 21.49 25.74
CA PRO D 170 -33.43 21.46 26.67
C PRO D 170 -33.65 20.52 27.84
N THR D 171 -34.90 20.36 28.31
CA THR D 171 -35.22 19.49 29.43
C THR D 171 -36.39 18.60 29.00
N GLY D 172 -36.06 17.52 28.31
CA GLY D 172 -37.04 16.51 27.95
C GLY D 172 -36.54 15.11 28.25
N ASN D 173 -35.24 15.00 28.50
CA ASN D 173 -34.60 13.74 28.88
C ASN D 173 -34.28 13.69 30.36
N LEU D 174 -34.81 14.61 31.15
CA LEU D 174 -34.47 14.75 32.56
C LEU D 174 -35.74 14.75 33.39
N ASP D 175 -35.58 14.35 34.65
CA ASP D 175 -36.69 14.40 35.59
C ASP D 175 -37.07 15.86 35.85
N ALA D 176 -38.09 16.05 36.69
CA ALA D 176 -38.51 17.41 37.02
C ALA D 176 -37.38 18.19 37.68
N ARG D 177 -36.43 17.49 38.30
CA ARG D 177 -35.36 18.16 39.02
C ARG D 177 -34.63 19.14 38.11
N ASN D 178 -34.00 18.60 37.08
CA ASN D 178 -33.13 19.44 36.26
C ASN D 178 -33.96 20.33 35.35
N ALA D 179 -35.16 19.90 34.97
CA ALA D 179 -36.05 20.78 34.22
C ALA D 179 -36.32 22.06 35.01
N ASP D 180 -36.84 21.92 36.23
CA ASP D 180 -37.17 23.09 37.03
C ASP D 180 -35.93 23.90 37.37
N SER D 181 -34.86 23.23 37.79
CA SER D 181 -33.65 23.95 38.19
C SER D 181 -33.04 24.72 37.03
N ILE D 182 -33.03 24.11 35.83
CA ILE D 182 -32.46 24.77 34.67
C ILE D 182 -33.35 25.90 34.19
N PHE D 183 -34.68 25.77 34.30
CA PHE D 183 -35.53 26.93 34.07
C PHE D 183 -35.23 28.05 35.07
N GLN D 184 -34.96 27.71 36.33
CA GLN D 184 -34.56 28.73 37.29
C GLN D 184 -33.28 29.43 36.82
N LEU D 185 -32.33 28.62 36.34
CA LEU D 185 -31.06 29.16 35.87
C LEU D 185 -31.27 30.14 34.71
N LEU D 186 -32.03 29.72 33.70
CA LEU D 186 -32.29 30.60 32.57
C LEU D 186 -33.05 31.84 33.02
N GLY D 187 -33.98 31.68 33.97
CA GLY D 187 -34.75 32.81 34.46
C GLY D 187 -33.87 33.87 35.09
N GLU D 188 -32.93 33.45 35.95
CA GLU D 188 -31.99 34.44 36.47
C GLU D 188 -31.13 35.02 35.35
N LEU D 189 -30.72 34.20 34.38
CA LEU D 189 -29.88 34.70 33.31
C LEU D 189 -30.54 35.89 32.61
N ASN D 190 -31.82 35.76 32.28
CA ASN D 190 -32.47 36.83 31.54
C ASN D 190 -32.57 38.12 32.35
N ARG D 191 -32.93 38.01 33.63
CA ARG D 191 -33.14 39.20 34.45
C ARG D 191 -31.87 39.67 35.14
N LEU D 192 -30.84 38.84 35.23
CA LEU D 192 -29.51 39.33 35.59
C LEU D 192 -28.76 39.85 34.38
N GLN D 193 -28.93 39.19 33.24
CA GLN D 193 -28.25 39.56 31.99
C GLN D 193 -29.27 39.65 30.88
N GLY D 194 -29.12 40.67 30.03
CA GLY D 194 -30.09 40.91 28.98
C GLY D 194 -30.04 39.91 27.85
N THR D 195 -30.25 38.63 28.17
CA THR D 195 -30.22 37.56 27.20
C THR D 195 -31.63 37.05 26.95
N ALA D 196 -32.00 36.92 25.67
CA ALA D 196 -33.29 36.40 25.28
C ALA D 196 -33.21 34.88 25.09
N PHE D 197 -34.37 34.23 25.17
CA PHE D 197 -34.46 32.78 25.06
C PHE D 197 -35.58 32.40 24.11
N LEU D 198 -35.38 31.29 23.39
CA LEU D 198 -36.39 30.72 22.51
C LEU D 198 -36.21 29.21 22.56
N VAL D 199 -37.03 28.54 23.37
CA VAL D 199 -36.84 27.13 23.68
C VAL D 199 -38.05 26.35 23.17
N VAL D 200 -37.78 25.24 22.49
CA VAL D 200 -38.81 24.30 22.09
C VAL D 200 -38.90 23.21 23.14
N THR D 201 -40.09 22.98 23.68
CA THR D 201 -40.27 22.03 24.76
C THR D 201 -41.63 21.36 24.65
N HIS D 202 -41.75 20.19 25.28
CA HIS D 202 -43.00 19.46 25.32
C HIS D 202 -43.63 19.43 26.71
N ASP D 203 -42.88 19.78 27.76
CA ASP D 203 -43.42 19.80 29.12
C ASP D 203 -44.21 21.09 29.26
N LEU D 204 -45.54 20.97 29.27
CA LEU D 204 -46.42 22.13 29.25
C LEU D 204 -46.62 22.76 30.62
N GLN D 205 -46.21 22.08 31.69
CA GLN D 205 -46.31 22.68 33.02
C GLN D 205 -45.46 23.94 33.12
N LEU D 206 -44.24 23.88 32.59
CA LEU D 206 -43.29 24.99 32.68
C LEU D 206 -43.05 25.69 31.35
N ALA D 207 -43.77 25.29 30.29
CA ALA D 207 -43.57 25.93 28.99
C ALA D 207 -43.92 27.41 29.05
N LYS D 208 -44.82 27.79 29.96
CA LYS D 208 -45.24 29.18 30.08
C LYS D 208 -44.28 30.03 30.90
N ARG D 209 -43.18 29.47 31.38
CA ARG D 209 -42.16 30.29 32.02
C ARG D 209 -41.60 31.32 31.05
N MET D 210 -41.32 30.90 29.81
CA MET D 210 -40.94 31.87 28.78
C MET D 210 -42.05 32.89 28.55
N SER D 211 -43.31 32.48 28.71
CA SER D 211 -44.44 33.35 28.45
C SER D 211 -44.55 33.60 26.95
N ARG D 212 -45.71 34.06 26.50
CA ARG D 212 -45.98 34.20 25.06
C ARG D 212 -45.68 32.90 24.33
N GLN D 213 -46.03 31.76 24.94
CA GLN D 213 -45.72 30.49 24.28
C GLN D 213 -46.50 30.39 22.97
N LEU D 214 -45.74 30.32 21.89
CA LEU D 214 -46.29 30.13 20.56
C LEU D 214 -46.62 28.64 20.37
N GLU D 215 -47.29 28.32 19.24
CA GLU D 215 -47.64 26.91 18.91
C GLU D 215 -47.34 26.62 17.43
N MET D 216 -46.15 26.12 17.10
CA MET D 216 -45.82 25.67 15.72
C MET D 216 -46.94 24.73 15.29
N ARG D 217 -47.53 24.94 14.10
CA ARG D 217 -48.70 24.14 13.63
C ARG D 217 -48.52 23.81 12.14
N ASP D 218 -47.60 22.89 11.80
CA ASP D 218 -47.31 22.50 10.39
C ASP D 218 -47.29 23.77 9.52
N GLY D 219 -46.33 24.66 9.74
CA GLY D 219 -46.23 25.95 9.04
C GLY D 219 -46.95 27.06 9.79
N ARG D 220 -46.32 28.22 10.01
CA ARG D 220 -46.86 29.38 10.79
C ARG D 220 -47.01 29.02 12.28
N LEU D 221 -46.67 29.95 13.19
CA LEU D 221 -46.70 29.65 14.62
C LEU D 221 -47.95 30.31 15.20
N THR D 222 -48.97 29.48 15.45
CA THR D 222 -50.24 30.00 15.94
C THR D 222 -50.04 30.71 17.27
N ALA D 223 -50.64 31.89 17.40
CA ALA D 223 -50.57 32.64 18.64
C ALA D 223 -51.33 31.98 19.77
N GLU D 224 -52.42 31.28 19.48
CA GLU D 224 -53.20 30.58 20.48
C GLU D 224 -52.72 29.15 20.66
N LEU D 225 -52.94 28.61 21.85
CA LEU D 225 -52.54 27.25 22.16
C LEU D 225 -53.66 26.25 21.89
N SER D 226 -54.58 26.59 20.99
CA SER D 226 -55.72 25.74 20.67
C SER D 226 -55.28 24.57 19.80
N MET D 227 -54.34 23.79 20.30
CA MET D 227 -54.11 22.42 19.86
C MET D 227 -53.37 22.38 18.52
PB AOV E . -30.30 7.08 34.43
O1B AOV E . -31.06 6.06 33.63
O2B AOV E . -30.29 6.69 35.89
O3B AOV E . -31.00 8.56 34.25
PA AOV E . -27.73 5.84 33.85
O1A AOV E . -28.54 4.57 33.95
O2A AOV E . -26.94 5.84 32.56
O3A AOV E . -28.74 7.15 33.87
O5' AOV E . -26.68 5.95 35.14
C5' AOV E . -25.40 5.37 35.00
C4' AOV E . -24.47 5.97 36.08
O4' AOV E . -23.06 5.28 35.99
C3' AOV E . -24.23 7.23 35.85
O3' AOV E . -23.91 7.91 37.07
C2' AOV E . -22.92 7.27 34.83
O2' AOV E . -22.27 8.55 34.93
C1' AOV E . -22.12 6.32 35.26
N9 AOV E . -21.39 5.66 34.18
C8 AOV E . -21.90 4.98 33.15
N7 AOV E . -20.93 4.52 32.38
C5 AOV E . -19.76 4.88 32.91
C6 AOV E . -18.40 4.69 32.59
N6 AOV E . -18.04 3.93 31.39
N1 AOV E . -17.45 5.20 33.37
C2 AOV E . -17.77 5.89 34.46
N3 AOV E . -19.04 6.09 34.80
C4 AOV E . -20.05 5.60 34.05
VG AOV E . -31.24 8.94 32.19
O1G AOV E . -33.28 8.89 32.74
O2G AOV E . -29.63 10.24 32.55
O3G AOV E . -31.91 10.58 31.04
O4G AOV E . -30.69 7.29 31.01
H5'1 AOV E . -25.00 5.58 34.02
H5'2 AOV E . -25.48 4.29 35.14
H4' AOV E . -24.88 5.83 37.08
H3' AOV E . -25.09 7.70 35.37
H1' AOV E . -21.42 6.75 35.99
HA AOV E . -23.42 8.70 36.88
H2' AOV E . -23.24 7.09 33.81
HB AOV E . -22.92 9.23 34.86
H8 AOV E . -22.97 4.86 32.97
H61N AOV E . -17.16 3.44 31.35
H62N AOV E . -18.66 3.91 30.61
H2 AOV E . -16.98 6.30 35.08
H2G1 AOV E . -29.33 10.12 33.44
H3G1 AOV E . -31.33 11.31 31.18
H251 AOV E . -33.34 8.89 33.68
MG MG F . -31.63 5.60 30.95
PB AOV G . -40.51 18.50 15.53
O1B AOV G . -39.46 19.42 16.11
O2B AOV G . -41.63 19.32 14.93
O3B AOV G . -41.11 17.51 16.71
PA AOV G . -39.06 18.21 13.02
O1A AOV G . -38.71 19.65 13.28
O2A AOV G . -37.81 17.42 12.73
O3A AOV G . -39.81 17.57 14.35
O5' AOV G . -40.10 18.10 11.72
C5' AOV G . -39.53 17.99 10.43
C4' AOV G . -40.61 17.45 9.46
O4' AOV G . -40.01 17.38 8.01
C3' AOV G . -40.93 16.21 9.76
O3' AOV G . -42.26 15.93 9.31
C2' AOV G . -39.85 15.25 8.92
O2' AOV G . -40.40 13.95 8.75
C1' AOV G . -39.69 15.84 7.77
N9 AOV G . -38.33 15.71 7.24
C8 AOV G . -37.21 16.14 7.79
N7 AOV G . -36.16 15.84 7.02
C5 AOV G . -36.62 15.20 5.92
C6 AOV G . -36.05 14.65 4.76
N6 AOV G . -34.60 14.72 4.57
N1 AOV G . -36.82 14.09 3.85
C2 AOV G . -38.14 14.02 4.02
N3 AOV G . -38.71 14.54 5.09
C4 AOV G . -38.00 15.13 6.06
VG AOV G . -39.50 16.61 17.71
O1G AOV G . -40.25 17.72 19.32
O2G AOV G . -40.15 14.94 16.59
O3G AOV G . -39.29 15.14 19.21
O4G AOV G . -37.64 17.34 17.05
H5'1 AOV G . -38.69 17.30 10.47
H5'2 AOV G . -39.19 18.95 10.10
H4' AOV G . -41.49 18.08 9.47
H3' AOV G . -40.84 16.04 10.83
H1' AOV G . -40.41 15.43 7.05
HA AOV G . -42.38 14.99 9.26
H2' AOV G . -38.91 15.19 9.47
HB AOV G . -40.95 13.73 9.48
H8 AOV G . -37.14 16.65 8.75
H61N AOV G . -34.02 15.14 5.27
H62N AOV G . -34.18 14.34 3.73
H2 AOV G . -38.75 13.55 3.26
H2G1 AOV G . -41.05 15.08 16.34
H3G1 AOV G . -39.20 15.56 20.05
H251 AOV G . -41.12 18.04 19.10
MG MG H . -36.06 18.03 16.03
#